data_1BGO
# 
_entry.id   1BGO 
# 
_audit_conform.dict_name       mmcif_pdbx.dic 
_audit_conform.dict_version    5.397 
_audit_conform.dict_location   http://mmcif.pdb.org/dictionaries/ascii/mmcif_pdbx.dic 
# 
loop_
_database_2.database_id 
_database_2.database_code 
_database_2.pdbx_database_accession 
_database_2.pdbx_DOI 
PDB   1BGO         pdb_00001bgo 10.2210/pdb1bgo/pdb 
WWPDB D_1000171734 ?            ?                   
# 
loop_
_pdbx_audit_revision_history.ordinal 
_pdbx_audit_revision_history.data_content_type 
_pdbx_audit_revision_history.major_revision 
_pdbx_audit_revision_history.minor_revision 
_pdbx_audit_revision_history.revision_date 
1 'Structure model' 1 0 1999-06-08 
2 'Structure model' 1 1 2008-03-24 
3 'Structure model' 1 2 2011-07-13 
4 'Structure model' 1 3 2018-03-07 
5 'Structure model' 1 4 2023-08-02 
6 'Structure model' 1 5 2024-10-23 
# 
_pdbx_audit_revision_details.ordinal             1 
_pdbx_audit_revision_details.revision_ordinal    1 
_pdbx_audit_revision_details.data_content_type   'Structure model' 
_pdbx_audit_revision_details.provider            repository 
_pdbx_audit_revision_details.type                'Initial release' 
_pdbx_audit_revision_details.description         ? 
_pdbx_audit_revision_details.details             ? 
# 
loop_
_pdbx_audit_revision_group.ordinal 
_pdbx_audit_revision_group.revision_ordinal 
_pdbx_audit_revision_group.data_content_type 
_pdbx_audit_revision_group.group 
1 2 'Structure model' 'Version format compliance' 
2 3 'Structure model' 'Version format compliance' 
3 4 'Structure model' 'Data collection'           
4 4 'Structure model' Other                       
5 5 'Structure model' 'Database references'       
6 5 'Structure model' 'Derived calculations'      
7 5 'Structure model' 'Refinement description'    
8 6 'Structure model' 'Data collection'           
9 6 'Structure model' 'Structure summary'         
# 
loop_
_pdbx_audit_revision_category.ordinal 
_pdbx_audit_revision_category.revision_ordinal 
_pdbx_audit_revision_category.data_content_type 
_pdbx_audit_revision_category.category 
1  4 'Structure model' diffrn_source                 
2  4 'Structure model' pdbx_database_status          
3  5 'Structure model' database_2                    
4  5 'Structure model' pdbx_initial_refinement_model 
5  5 'Structure model' struct_conn                   
6  5 'Structure model' struct_site                   
7  6 'Structure model' chem_comp_atom                
8  6 'Structure model' chem_comp_bond                
9  6 'Structure model' pdbx_entry_details            
10 6 'Structure model' pdbx_modification_feature     
# 
loop_
_pdbx_audit_revision_item.ordinal 
_pdbx_audit_revision_item.revision_ordinal 
_pdbx_audit_revision_item.data_content_type 
_pdbx_audit_revision_item.item 
1  4 'Structure model' '_diffrn_source.source'               
2  4 'Structure model' '_pdbx_database_status.process_site'  
3  5 'Structure model' '_database_2.pdbx_DOI'                
4  5 'Structure model' '_database_2.pdbx_database_accession' 
5  5 'Structure model' '_struct_conn.pdbx_leaving_atom_flag' 
6  5 'Structure model' '_struct_conn.ptnr1_auth_comp_id'     
7  5 'Structure model' '_struct_conn.ptnr1_auth_seq_id'      
8  5 'Structure model' '_struct_conn.ptnr1_label_asym_id'    
9  5 'Structure model' '_struct_conn.ptnr1_label_atom_id'    
10 5 'Structure model' '_struct_conn.ptnr1_label_comp_id'    
11 5 'Structure model' '_struct_conn.ptnr1_label_seq_id'     
12 5 'Structure model' '_struct_conn.ptnr2_auth_comp_id'     
13 5 'Structure model' '_struct_conn.ptnr2_auth_seq_id'      
14 5 'Structure model' '_struct_conn.ptnr2_label_asym_id'    
15 5 'Structure model' '_struct_conn.ptnr2_label_atom_id'    
16 5 'Structure model' '_struct_conn.ptnr2_label_comp_id'    
17 5 'Structure model' '_struct_conn.ptnr2_label_seq_id'     
18 5 'Structure model' '_struct_site.pdbx_auth_asym_id'      
19 5 'Structure model' '_struct_site.pdbx_auth_comp_id'      
20 5 'Structure model' '_struct_site.pdbx_auth_seq_id'       
# 
_pdbx_database_status.status_code                     REL 
_pdbx_database_status.entry_id                        1BGO 
_pdbx_database_status.recvd_initial_deposition_date   1998-05-29 
_pdbx_database_status.deposit_site                    ? 
_pdbx_database_status.process_site                    BNL 
_pdbx_database_status.SG_entry                        . 
_pdbx_database_status.pdb_format_compatible           Y 
_pdbx_database_status.status_code_mr                  ? 
_pdbx_database_status.status_code_sf                  ? 
_pdbx_database_status.status_code_cs                  ? 
_pdbx_database_status.methods_development_category    ? 
_pdbx_database_status.status_code_nmr_data            ? 
# 
loop_
_audit_author.name 
_audit_author.pdbx_ordinal 
'Desjarlais, R.L.'   1  
'Yamashita, D.S.'    2  
'Oh, H.-J.'          3  
'Bondinell, W.E.'    4  
'Uzinskas, I.N.'     5  
'Erhard, K.F.'       6  
'Allen, A.C.'        7  
'Haltiwanger, R.C.'  8  
'Zhao, B.'           9  
'Smith, W.W.'        10 
'Abdel-Meguid, S.S.' 11 
;D'Alessio, K.
;
12 
'Janson, C.A.'       13 
'Mcqueney, M.S.'     14 
'Tomaszek, T.A.'     15 
'Levy, M.A.'         16 
'Veber, D.F.'        17 
# 
loop_
_citation.id 
_citation.title 
_citation.journal_abbrev 
_citation.journal_volume 
_citation.page_first 
_citation.page_last 
_citation.year 
_citation.journal_id_ASTM 
_citation.country 
_citation.journal_id_ISSN 
_citation.journal_id_CSD 
_citation.book_publisher 
_citation.pdbx_database_id_PubMed 
_citation.pdbx_database_id_DOI 
primary 
'Use of X-Ray Co-Crystal Structures and Molecular Modeling to Design Potent and Selective Non-Peptide Inhibitors of Cathepsin K' 
J.Am.Chem.Soc.   120 9114 ? 1998 JACSAT US 0002-7863 0004 ? -1 ? 
1       'Crystal Structure of Human Osteoclast Cathepsin K Complex with E-64' Nat.Struct.Biol. 4   109  ? 1997 NSBIEW US 1072-8368 
2024 ? ?  ? 
# 
loop_
_citation_author.citation_id 
_citation_author.name 
_citation_author.ordinal 
_citation_author.identifier_ORCID 
primary 'Desjarlais, R.L.'   1  ? 
primary 'Yamashita, D.S.'    2  ? 
primary 'Oh, H.J.'           3  ? 
primary 'Uzinskas, I.N.'     4  ? 
primary 'Erhard, K.F.'       5  ? 
primary 'Allen, A.C.'        6  ? 
primary 'Haltiwanger, R.C.'  7  ? 
primary 'Zhao, B.G.'         8  ? 
primary 'Smith, W.W.'        9  ? 
primary 'Abdel-Meguid, S.S.' 10 ? 
primary 'Dalessio, K.'       11 ? 
primary 'Janson, C.A.'       12 ? 
primary 'Mcqueney, M.S.'     13 ? 
primary 'Tomaszek, T.A.'     14 ? 
primary 'Levy, M.A.'         15 ? 
primary 'Veber, D.F.'        16 ? 
1       'Zhao, B.'           17 ? 
1       'Janson, C.A.'       18 ? 
1       'Amegadzie, B.Y.'    19 ? 
1       
;D'Alessio, K.
;
20 ? 
1       'Griffin, C.'        21 ? 
1       'Hanning, C.R.'      22 ? 
1       'Jones, C.'          23 ? 
1       'Kurdyla, J.'        24 ? 
1       'Mcqueney, M.'       25 ? 
1       'Qiu, X.'            26 ? 
1       'Smith, W.W.'        27 ? 
1       'Abdel-Meguid, S.S.' 28 ? 
# 
loop_
_entity.id 
_entity.type 
_entity.src_method 
_entity.pdbx_description 
_entity.formula_weight 
_entity.pdbx_number_of_molecules 
_entity.pdbx_ec 
_entity.pdbx_mutation 
_entity.pdbx_fragment 
_entity.details 
1 polymer     man 'CATHEPSIN K'                                                                     23523.480 1  3.4.22.38 ? ? 
'INHIBITOR COVALENTLY BOUND TO ACTIVE SITE CYS 25' 
2 non-polymer syn '1-[2-(3-BIPHENYL)-4-METHYLVALERYL)]AMINO-3-(2-PYRIDYLSULFONYL)AMINO-2-PROPANONE' 481.607   1  ?         ? ? ? 
3 water       nat water                                                                             18.015    19 ?         ? ? ? 
# 
_entity_poly.entity_id                      1 
_entity_poly.type                           'polypeptide(L)' 
_entity_poly.nstd_linkage                   no 
_entity_poly.nstd_monomer                   no 
_entity_poly.pdbx_seq_one_letter_code       
;APDSVDYRKKGYVTPVKNQGQCGSCWAFSSVGALEGQLKKKTGKLLNLSPQNLVDCVSENDGCGGGYMTNAFQYVQKNRG
IDSEDAYPYVGQEESCMYNPTGKAAKCRGYREIPEGNEKALKRAVARVGPVSVAIDASLTSFQFYSKGVYYDESCNSDNL
NHAVLAVGYGIQKGNKHWIIKNSWGENWGNKGYILMARNKNNACGIANLASFPKM
;
_entity_poly.pdbx_seq_one_letter_code_can   
;APDSVDYRKKGYVTPVKNQGQCGSCWAFSSVGALEGQLKKKTGKLLNLSPQNLVDCVSENDGCGGGYMTNAFQYVQKNRG
IDSEDAYPYVGQEESCMYNPTGKAAKCRGYREIPEGNEKALKRAVARVGPVSVAIDASLTSFQFYSKGVYYDESCNSDNL
NHAVLAVGYGIQKGNKHWIIKNSWGENWGNKGYILMARNKNNACGIANLASFPKM
;
_entity_poly.pdbx_strand_id                 A 
_entity_poly.pdbx_target_identifier         ? 
# 
loop_
_pdbx_entity_nonpoly.entity_id 
_pdbx_entity_nonpoly.name 
_pdbx_entity_nonpoly.comp_id 
2 '1-[2-(3-BIPHENYL)-4-METHYLVALERYL)]AMINO-3-(2-PYRIDYLSULFONYL)AMINO-2-PROPANONE' I10 
3 water                                                                             HOH 
# 
loop_
_entity_poly_seq.entity_id 
_entity_poly_seq.num 
_entity_poly_seq.mon_id 
_entity_poly_seq.hetero 
1 1   ALA n 
1 2   PRO n 
1 3   ASP n 
1 4   SER n 
1 5   VAL n 
1 6   ASP n 
1 7   TYR n 
1 8   ARG n 
1 9   LYS n 
1 10  LYS n 
1 11  GLY n 
1 12  TYR n 
1 13  VAL n 
1 14  THR n 
1 15  PRO n 
1 16  VAL n 
1 17  LYS n 
1 18  ASN n 
1 19  GLN n 
1 20  GLY n 
1 21  GLN n 
1 22  CYS n 
1 23  GLY n 
1 24  SER n 
1 25  CYS n 
1 26  TRP n 
1 27  ALA n 
1 28  PHE n 
1 29  SER n 
1 30  SER n 
1 31  VAL n 
1 32  GLY n 
1 33  ALA n 
1 34  LEU n 
1 35  GLU n 
1 36  GLY n 
1 37  GLN n 
1 38  LEU n 
1 39  LYS n 
1 40  LYS n 
1 41  LYS n 
1 42  THR n 
1 43  GLY n 
1 44  LYS n 
1 45  LEU n 
1 46  LEU n 
1 47  ASN n 
1 48  LEU n 
1 49  SER n 
1 50  PRO n 
1 51  GLN n 
1 52  ASN n 
1 53  LEU n 
1 54  VAL n 
1 55  ASP n 
1 56  CYS n 
1 57  VAL n 
1 58  SER n 
1 59  GLU n 
1 60  ASN n 
1 61  ASP n 
1 62  GLY n 
1 63  CYS n 
1 64  GLY n 
1 65  GLY n 
1 66  GLY n 
1 67  TYR n 
1 68  MET n 
1 69  THR n 
1 70  ASN n 
1 71  ALA n 
1 72  PHE n 
1 73  GLN n 
1 74  TYR n 
1 75  VAL n 
1 76  GLN n 
1 77  LYS n 
1 78  ASN n 
1 79  ARG n 
1 80  GLY n 
1 81  ILE n 
1 82  ASP n 
1 83  SER n 
1 84  GLU n 
1 85  ASP n 
1 86  ALA n 
1 87  TYR n 
1 88  PRO n 
1 89  TYR n 
1 90  VAL n 
1 91  GLY n 
1 92  GLN n 
1 93  GLU n 
1 94  GLU n 
1 95  SER n 
1 96  CYS n 
1 97  MET n 
1 98  TYR n 
1 99  ASN n 
1 100 PRO n 
1 101 THR n 
1 102 GLY n 
1 103 LYS n 
1 104 ALA n 
1 105 ALA n 
1 106 LYS n 
1 107 CYS n 
1 108 ARG n 
1 109 GLY n 
1 110 TYR n 
1 111 ARG n 
1 112 GLU n 
1 113 ILE n 
1 114 PRO n 
1 115 GLU n 
1 116 GLY n 
1 117 ASN n 
1 118 GLU n 
1 119 LYS n 
1 120 ALA n 
1 121 LEU n 
1 122 LYS n 
1 123 ARG n 
1 124 ALA n 
1 125 VAL n 
1 126 ALA n 
1 127 ARG n 
1 128 VAL n 
1 129 GLY n 
1 130 PRO n 
1 131 VAL n 
1 132 SER n 
1 133 VAL n 
1 134 ALA n 
1 135 ILE n 
1 136 ASP n 
1 137 ALA n 
1 138 SER n 
1 139 LEU n 
1 140 THR n 
1 141 SER n 
1 142 PHE n 
1 143 GLN n 
1 144 PHE n 
1 145 TYR n 
1 146 SER n 
1 147 LYS n 
1 148 GLY n 
1 149 VAL n 
1 150 TYR n 
1 151 TYR n 
1 152 ASP n 
1 153 GLU n 
1 154 SER n 
1 155 CYS n 
1 156 ASN n 
1 157 SER n 
1 158 ASP n 
1 159 ASN n 
1 160 LEU n 
1 161 ASN n 
1 162 HIS n 
1 163 ALA n 
1 164 VAL n 
1 165 LEU n 
1 166 ALA n 
1 167 VAL n 
1 168 GLY n 
1 169 TYR n 
1 170 GLY n 
1 171 ILE n 
1 172 GLN n 
1 173 LYS n 
1 174 GLY n 
1 175 ASN n 
1 176 LYS n 
1 177 HIS n 
1 178 TRP n 
1 179 ILE n 
1 180 ILE n 
1 181 LYS n 
1 182 ASN n 
1 183 SER n 
1 184 TRP n 
1 185 GLY n 
1 186 GLU n 
1 187 ASN n 
1 188 TRP n 
1 189 GLY n 
1 190 ASN n 
1 191 LYS n 
1 192 GLY n 
1 193 TYR n 
1 194 ILE n 
1 195 LEU n 
1 196 MET n 
1 197 ALA n 
1 198 ARG n 
1 199 ASN n 
1 200 LYS n 
1 201 ASN n 
1 202 ASN n 
1 203 ALA n 
1 204 CYS n 
1 205 GLY n 
1 206 ILE n 
1 207 ALA n 
1 208 ASN n 
1 209 LEU n 
1 210 ALA n 
1 211 SER n 
1 212 PHE n 
1 213 PRO n 
1 214 LYS n 
1 215 MET n 
# 
_entity_src_gen.entity_id                          1 
_entity_src_gen.pdbx_src_id                        1 
_entity_src_gen.pdbx_alt_source_flag               sample 
_entity_src_gen.pdbx_seq_type                      ? 
_entity_src_gen.pdbx_beg_seq_num                   ? 
_entity_src_gen.pdbx_end_seq_num                   ? 
_entity_src_gen.gene_src_common_name               human 
_entity_src_gen.gene_src_genus                     Homo 
_entity_src_gen.pdbx_gene_src_gene                 ? 
_entity_src_gen.gene_src_species                   ? 
_entity_src_gen.gene_src_strain                    ? 
_entity_src_gen.gene_src_tissue                    ? 
_entity_src_gen.gene_src_tissue_fraction           ? 
_entity_src_gen.gene_src_details                   ? 
_entity_src_gen.pdbx_gene_src_fragment             ? 
_entity_src_gen.pdbx_gene_src_scientific_name      'Homo sapiens' 
_entity_src_gen.pdbx_gene_src_ncbi_taxonomy_id     9606 
_entity_src_gen.pdbx_gene_src_variant              ? 
_entity_src_gen.pdbx_gene_src_cell_line            SF21 
_entity_src_gen.pdbx_gene_src_atcc                 ? 
_entity_src_gen.pdbx_gene_src_organ                ? 
_entity_src_gen.pdbx_gene_src_organelle            ? 
_entity_src_gen.pdbx_gene_src_cell                 OSTEOCLAST 
_entity_src_gen.pdbx_gene_src_cellular_location    ? 
_entity_src_gen.host_org_common_name               'fall armyworm' 
_entity_src_gen.pdbx_host_org_scientific_name      'Spodoptera frugiperda' 
_entity_src_gen.pdbx_host_org_ncbi_taxonomy_id     7108 
_entity_src_gen.host_org_genus                     Spodoptera 
_entity_src_gen.pdbx_host_org_gene                 ? 
_entity_src_gen.pdbx_host_org_organ                ? 
_entity_src_gen.host_org_species                   ? 
_entity_src_gen.pdbx_host_org_tissue               ? 
_entity_src_gen.pdbx_host_org_tissue_fraction      ? 
_entity_src_gen.pdbx_host_org_strain               ? 
_entity_src_gen.pdbx_host_org_variant              ? 
_entity_src_gen.pdbx_host_org_cell_line            SF21 
_entity_src_gen.pdbx_host_org_atcc                 ? 
_entity_src_gen.pdbx_host_org_culture_collection   ? 
_entity_src_gen.pdbx_host_org_cell                 ? 
_entity_src_gen.pdbx_host_org_organelle            ? 
_entity_src_gen.pdbx_host_org_cellular_location    ? 
_entity_src_gen.pdbx_host_org_vector_type          ? 
_entity_src_gen.pdbx_host_org_vector               BACULOVIRUS 
_entity_src_gen.host_org_details                   ? 
_entity_src_gen.expression_system_id               ? 
_entity_src_gen.plasmid_name                       ? 
_entity_src_gen.plasmid_details                    ? 
_entity_src_gen.pdbx_description                   ? 
# 
loop_
_chem_comp.id 
_chem_comp.type 
_chem_comp.mon_nstd_flag 
_chem_comp.name 
_chem_comp.pdbx_synonyms 
_chem_comp.formula 
_chem_comp.formula_weight 
ALA 'L-peptide linking' y ALANINE                                                                           ? 'C3 H7 N O2'      
89.093  
ARG 'L-peptide linking' y ARGININE                                                                          ? 'C6 H15 N4 O2 1'  
175.209 
ASN 'L-peptide linking' y ASPARAGINE                                                                        ? 'C4 H8 N2 O3'     
132.118 
ASP 'L-peptide linking' y 'ASPARTIC ACID'                                                                   ? 'C4 H7 N O4'      
133.103 
CYS 'L-peptide linking' y CYSTEINE                                                                          ? 'C3 H7 N O2 S'    
121.158 
GLN 'L-peptide linking' y GLUTAMINE                                                                         ? 'C5 H10 N2 O3'    
146.144 
GLU 'L-peptide linking' y 'GLUTAMIC ACID'                                                                   ? 'C5 H9 N O4'      
147.129 
GLY 'peptide linking'   y GLYCINE                                                                           ? 'C2 H5 N O2'      
75.067  
HIS 'L-peptide linking' y HISTIDINE                                                                         ? 'C6 H10 N3 O2 1'  
156.162 
HOH non-polymer         . WATER                                                                             ? 'H2 O'            
18.015  
I10 non-polymer         . '1-[2-(3-BIPHENYL)-4-METHYLVALERYL)]AMINO-3-(2-PYRIDYLSULFONYL)AMINO-2-PROPANONE' ? 'C26 H31 N3 O4 S' 
481.607 
ILE 'L-peptide linking' y ISOLEUCINE                                                                        ? 'C6 H13 N O2'     
131.173 
LEU 'L-peptide linking' y LEUCINE                                                                           ? 'C6 H13 N O2'     
131.173 
LYS 'L-peptide linking' y LYSINE                                                                            ? 'C6 H15 N2 O2 1'  
147.195 
MET 'L-peptide linking' y METHIONINE                                                                        ? 'C5 H11 N O2 S'   
149.211 
PHE 'L-peptide linking' y PHENYLALANINE                                                                     ? 'C9 H11 N O2'     
165.189 
PRO 'L-peptide linking' y PROLINE                                                                           ? 'C5 H9 N O2'      
115.130 
SER 'L-peptide linking' y SERINE                                                                            ? 'C3 H7 N O3'      
105.093 
THR 'L-peptide linking' y THREONINE                                                                         ? 'C4 H9 N O3'      
119.119 
TRP 'L-peptide linking' y TRYPTOPHAN                                                                        ? 'C11 H12 N2 O2'   
204.225 
TYR 'L-peptide linking' y TYROSINE                                                                          ? 'C9 H11 N O3'     
181.189 
VAL 'L-peptide linking' y VALINE                                                                            ? 'C5 H11 N O2'     
117.146 
# 
loop_
_pdbx_poly_seq_scheme.asym_id 
_pdbx_poly_seq_scheme.entity_id 
_pdbx_poly_seq_scheme.seq_id 
_pdbx_poly_seq_scheme.mon_id 
_pdbx_poly_seq_scheme.ndb_seq_num 
_pdbx_poly_seq_scheme.pdb_seq_num 
_pdbx_poly_seq_scheme.auth_seq_num 
_pdbx_poly_seq_scheme.pdb_mon_id 
_pdbx_poly_seq_scheme.auth_mon_id 
_pdbx_poly_seq_scheme.pdb_strand_id 
_pdbx_poly_seq_scheme.pdb_ins_code 
_pdbx_poly_seq_scheme.hetero 
A 1 1   ALA 1   1   1   ALA ALA A . n 
A 1 2   PRO 2   2   2   PRO PRO A . n 
A 1 3   ASP 3   3   3   ASP ASP A . n 
A 1 4   SER 4   4   4   SER SER A . n 
A 1 5   VAL 5   5   5   VAL VAL A . n 
A 1 6   ASP 6   6   6   ASP ASP A . n 
A 1 7   TYR 7   7   7   TYR TYR A . n 
A 1 8   ARG 8   8   8   ARG ARG A . n 
A 1 9   LYS 9   9   9   LYS LYS A . n 
A 1 10  LYS 10  10  10  LYS LYS A . n 
A 1 11  GLY 11  11  11  GLY GLY A . n 
A 1 12  TYR 12  12  12  TYR TYR A . n 
A 1 13  VAL 13  13  13  VAL VAL A . n 
A 1 14  THR 14  14  14  THR THR A . n 
A 1 15  PRO 15  15  15  PRO PRO A . n 
A 1 16  VAL 16  16  16  VAL VAL A . n 
A 1 17  LYS 17  17  17  LYS LYS A . n 
A 1 18  ASN 18  18  18  ASN ASN A . n 
A 1 19  GLN 19  19  19  GLN GLN A . n 
A 1 20  GLY 20  20  20  GLY GLY A . n 
A 1 21  GLN 21  21  21  GLN GLN A . n 
A 1 22  CYS 22  22  22  CYS CYS A . n 
A 1 23  GLY 23  23  23  GLY GLY A . n 
A 1 24  SER 24  24  24  SER SER A . n 
A 1 25  CYS 25  25  25  CYS CYS A . n 
A 1 26  TRP 26  26  26  TRP TRP A . n 
A 1 27  ALA 27  27  27  ALA ALA A . n 
A 1 28  PHE 28  28  28  PHE PHE A . n 
A 1 29  SER 29  29  29  SER SER A . n 
A 1 30  SER 30  30  30  SER SER A . n 
A 1 31  VAL 31  31  31  VAL VAL A . n 
A 1 32  GLY 32  32  32  GLY GLY A . n 
A 1 33  ALA 33  33  33  ALA ALA A . n 
A 1 34  LEU 34  34  34  LEU LEU A . n 
A 1 35  GLU 35  35  35  GLU GLU A . n 
A 1 36  GLY 36  36  36  GLY GLY A . n 
A 1 37  GLN 37  37  37  GLN GLN A . n 
A 1 38  LEU 38  38  38  LEU LEU A . n 
A 1 39  LYS 39  39  39  LYS LYS A . n 
A 1 40  LYS 40  40  40  LYS LYS A . n 
A 1 41  LYS 41  41  41  LYS LYS A . n 
A 1 42  THR 42  42  42  THR THR A . n 
A 1 43  GLY 43  43  43  GLY GLY A . n 
A 1 44  LYS 44  44  44  LYS LYS A . n 
A 1 45  LEU 45  45  45  LEU LEU A . n 
A 1 46  LEU 46  46  46  LEU LEU A . n 
A 1 47  ASN 47  47  47  ASN ASN A . n 
A 1 48  LEU 48  48  48  LEU LEU A . n 
A 1 49  SER 49  49  49  SER SER A . n 
A 1 50  PRO 50  50  50  PRO PRO A . n 
A 1 51  GLN 51  51  51  GLN GLN A . n 
A 1 52  ASN 52  52  52  ASN ASN A . n 
A 1 53  LEU 53  53  53  LEU LEU A . n 
A 1 54  VAL 54  54  54  VAL VAL A . n 
A 1 55  ASP 55  55  55  ASP ASP A . n 
A 1 56  CYS 56  56  56  CYS CYS A . n 
A 1 57  VAL 57  57  57  VAL VAL A . n 
A 1 58  SER 58  58  58  SER SER A . n 
A 1 59  GLU 59  59  59  GLU GLU A . n 
A 1 60  ASN 60  60  60  ASN ASN A . n 
A 1 61  ASP 61  61  61  ASP ASP A . n 
A 1 62  GLY 62  62  62  GLY GLY A . n 
A 1 63  CYS 63  63  63  CYS CYS A . n 
A 1 64  GLY 64  64  64  GLY GLY A . n 
A 1 65  GLY 65  65  65  GLY GLY A . n 
A 1 66  GLY 66  66  66  GLY GLY A . n 
A 1 67  TYR 67  67  67  TYR TYR A . n 
A 1 68  MET 68  68  68  MET MET A . n 
A 1 69  THR 69  69  69  THR THR A . n 
A 1 70  ASN 70  70  70  ASN ASN A . n 
A 1 71  ALA 71  71  71  ALA ALA A . n 
A 1 72  PHE 72  72  72  PHE PHE A . n 
A 1 73  GLN 73  73  73  GLN GLN A . n 
A 1 74  TYR 74  74  74  TYR TYR A . n 
A 1 75  VAL 75  75  75  VAL VAL A . n 
A 1 76  GLN 76  76  76  GLN GLN A . n 
A 1 77  LYS 77  77  77  LYS LYS A . n 
A 1 78  ASN 78  78  78  ASN ASN A . n 
A 1 79  ARG 79  79  79  ARG ARG A . n 
A 1 80  GLY 80  80  80  GLY GLY A . n 
A 1 81  ILE 81  81  81  ILE ILE A . n 
A 1 82  ASP 82  82  82  ASP ASP A . n 
A 1 83  SER 83  83  83  SER SER A . n 
A 1 84  GLU 84  84  84  GLU GLU A . n 
A 1 85  ASP 85  85  85  ASP ASP A . n 
A 1 86  ALA 86  86  86  ALA ALA A . n 
A 1 87  TYR 87  87  87  TYR TYR A . n 
A 1 88  PRO 88  88  88  PRO PRO A . n 
A 1 89  TYR 89  89  89  TYR TYR A . n 
A 1 90  VAL 90  90  90  VAL VAL A . n 
A 1 91  GLY 91  91  91  GLY GLY A . n 
A 1 92  GLN 92  92  92  GLN GLN A . n 
A 1 93  GLU 93  93  93  GLU GLU A . n 
A 1 94  GLU 94  94  94  GLU GLU A . n 
A 1 95  SER 95  95  95  SER SER A . n 
A 1 96  CYS 96  96  96  CYS CYS A . n 
A 1 97  MET 97  97  97  MET MET A . n 
A 1 98  TYR 98  98  98  TYR TYR A . n 
A 1 99  ASN 99  99  99  ASN ASN A . n 
A 1 100 PRO 100 100 100 PRO PRO A . n 
A 1 101 THR 101 101 101 THR THR A . n 
A 1 102 GLY 102 102 102 GLY GLY A . n 
A 1 103 LYS 103 103 103 LYS LYS A . n 
A 1 104 ALA 104 104 104 ALA ALA A . n 
A 1 105 ALA 105 105 105 ALA ALA A . n 
A 1 106 LYS 106 106 106 LYS LYS A . n 
A 1 107 CYS 107 107 107 CYS CYS A . n 
A 1 108 ARG 108 108 108 ARG ARG A . n 
A 1 109 GLY 109 109 109 GLY GLY A . n 
A 1 110 TYR 110 110 110 TYR TYR A . n 
A 1 111 ARG 111 111 111 ARG ARG A . n 
A 1 112 GLU 112 112 112 GLU GLU A . n 
A 1 113 ILE 113 113 113 ILE ILE A . n 
A 1 114 PRO 114 114 114 PRO PRO A . n 
A 1 115 GLU 115 115 115 GLU GLU A . n 
A 1 116 GLY 116 116 116 GLY GLY A . n 
A 1 117 ASN 117 117 117 ASN ASN A . n 
A 1 118 GLU 118 118 118 GLU GLU A . n 
A 1 119 LYS 119 119 119 LYS LYS A . n 
A 1 120 ALA 120 120 120 ALA ALA A . n 
A 1 121 LEU 121 121 121 LEU LEU A . n 
A 1 122 LYS 122 122 122 LYS LYS A . n 
A 1 123 ARG 123 123 123 ARG ARG A . n 
A 1 124 ALA 124 124 124 ALA ALA A . n 
A 1 125 VAL 125 125 125 VAL VAL A . n 
A 1 126 ALA 126 126 126 ALA ALA A . n 
A 1 127 ARG 127 127 127 ARG ARG A . n 
A 1 128 VAL 128 128 128 VAL VAL A . n 
A 1 129 GLY 129 129 129 GLY GLY A . n 
A 1 130 PRO 130 130 130 PRO PRO A . n 
A 1 131 VAL 131 131 131 VAL VAL A . n 
A 1 132 SER 132 132 132 SER SER A . n 
A 1 133 VAL 133 133 133 VAL VAL A . n 
A 1 134 ALA 134 134 134 ALA ALA A . n 
A 1 135 ILE 135 135 135 ILE ILE A . n 
A 1 136 ASP 136 136 136 ASP ASP A . n 
A 1 137 ALA 137 137 137 ALA ALA A . n 
A 1 138 SER 138 138 138 SER SER A . n 
A 1 139 LEU 139 139 139 LEU LEU A . n 
A 1 140 THR 140 140 140 THR THR A . n 
A 1 141 SER 141 141 141 SER SER A . n 
A 1 142 PHE 142 142 142 PHE PHE A . n 
A 1 143 GLN 143 143 143 GLN GLN A . n 
A 1 144 PHE 144 144 144 PHE PHE A . n 
A 1 145 TYR 145 145 145 TYR TYR A . n 
A 1 146 SER 146 146 146 SER SER A . n 
A 1 147 LYS 147 147 147 LYS LYS A . n 
A 1 148 GLY 148 148 148 GLY GLY A . n 
A 1 149 VAL 149 149 149 VAL VAL A . n 
A 1 150 TYR 150 150 150 TYR TYR A . n 
A 1 151 TYR 151 151 151 TYR TYR A . n 
A 1 152 ASP 152 152 152 ASP ASP A . n 
A 1 153 GLU 153 153 153 GLU GLU A . n 
A 1 154 SER 154 154 154 SER SER A . n 
A 1 155 CYS 155 155 155 CYS CYS A . n 
A 1 156 ASN 156 156 156 ASN ASN A . n 
A 1 157 SER 157 157 157 SER SER A . n 
A 1 158 ASP 158 158 158 ASP ASP A . n 
A 1 159 ASN 159 159 159 ASN ASN A . n 
A 1 160 LEU 160 160 160 LEU LEU A . n 
A 1 161 ASN 161 161 161 ASN ASN A . n 
A 1 162 HIS 162 162 162 HIS HIS A . n 
A 1 163 ALA 163 163 163 ALA ALA A . n 
A 1 164 VAL 164 164 164 VAL VAL A . n 
A 1 165 LEU 165 165 165 LEU LEU A . n 
A 1 166 ALA 166 166 166 ALA ALA A . n 
A 1 167 VAL 167 167 167 VAL VAL A . n 
A 1 168 GLY 168 168 168 GLY GLY A . n 
A 1 169 TYR 169 169 169 TYR TYR A . n 
A 1 170 GLY 170 170 170 GLY GLY A . n 
A 1 171 ILE 171 171 171 ILE ILE A . n 
A 1 172 GLN 172 172 172 GLN GLN A . n 
A 1 173 LYS 173 173 173 LYS LYS A . n 
A 1 174 GLY 174 174 174 GLY GLY A . n 
A 1 175 ASN 175 175 175 ASN ASN A . n 
A 1 176 LYS 176 176 176 LYS LYS A . n 
A 1 177 HIS 177 177 177 HIS HIS A . n 
A 1 178 TRP 178 178 178 TRP TRP A . n 
A 1 179 ILE 179 179 179 ILE ILE A . n 
A 1 180 ILE 180 180 180 ILE ILE A . n 
A 1 181 LYS 181 181 181 LYS LYS A . n 
A 1 182 ASN 182 182 182 ASN ASN A . n 
A 1 183 SER 183 183 183 SER SER A . n 
A 1 184 TRP 184 184 184 TRP TRP A . n 
A 1 185 GLY 185 185 185 GLY GLY A . n 
A 1 186 GLU 186 186 186 GLU GLU A . n 
A 1 187 ASN 187 187 187 ASN ASN A . n 
A 1 188 TRP 188 188 188 TRP TRP A . n 
A 1 189 GLY 189 189 189 GLY GLY A . n 
A 1 190 ASN 190 190 190 ASN ASN A . n 
A 1 191 LYS 191 191 191 LYS LYS A . n 
A 1 192 GLY 192 192 192 GLY GLY A . n 
A 1 193 TYR 193 193 193 TYR TYR A . n 
A 1 194 ILE 194 194 194 ILE ILE A . n 
A 1 195 LEU 195 195 195 LEU LEU A . n 
A 1 196 MET 196 196 196 MET MET A . n 
A 1 197 ALA 197 197 197 ALA ALA A . n 
A 1 198 ARG 198 198 198 ARG ARG A . n 
A 1 199 ASN 199 199 199 ASN ASN A . n 
A 1 200 LYS 200 200 200 LYS LYS A . n 
A 1 201 ASN 201 201 201 ASN ASN A . n 
A 1 202 ASN 202 202 202 ASN ASN A . n 
A 1 203 ALA 203 203 203 ALA ALA A . n 
A 1 204 CYS 204 204 204 CYS CYS A . n 
A 1 205 GLY 205 205 205 GLY GLY A . n 
A 1 206 ILE 206 206 206 ILE ILE A . n 
A 1 207 ALA 207 207 207 ALA ALA A . n 
A 1 208 ASN 208 208 208 ASN ASN A . n 
A 1 209 LEU 209 209 209 LEU LEU A . n 
A 1 210 ALA 210 210 210 ALA ALA A . n 
A 1 211 SER 211 211 211 SER SER A . n 
A 1 212 PHE 212 212 212 PHE PHE A . n 
A 1 213 PRO 213 213 213 PRO PRO A . n 
A 1 214 LYS 214 214 214 LYS LYS A . n 
A 1 215 MET 215 215 215 MET MET A . n 
# 
loop_
_pdbx_nonpoly_scheme.asym_id 
_pdbx_nonpoly_scheme.entity_id 
_pdbx_nonpoly_scheme.mon_id 
_pdbx_nonpoly_scheme.ndb_seq_num 
_pdbx_nonpoly_scheme.pdb_seq_num 
_pdbx_nonpoly_scheme.auth_seq_num 
_pdbx_nonpoly_scheme.pdb_mon_id 
_pdbx_nonpoly_scheme.auth_mon_id 
_pdbx_nonpoly_scheme.pdb_strand_id 
_pdbx_nonpoly_scheme.pdb_ins_code 
B 2 I10 1  300 300 I10 I10 A . 
C 3 HOH 1  316 316 HOH HOH A . 
C 3 HOH 2  317 317 HOH HOH A . 
C 3 HOH 3  318 318 HOH HOH A . 
C 3 HOH 4  319 319 HOH HOH A . 
C 3 HOH 5  320 320 HOH HOH A . 
C 3 HOH 6  321 321 HOH HOH A . 
C 3 HOH 7  322 322 HOH HOH A . 
C 3 HOH 8  323 323 HOH HOH A . 
C 3 HOH 9  324 324 HOH HOH A . 
C 3 HOH 10 325 325 HOH HOH A . 
C 3 HOH 11 326 326 HOH HOH A . 
C 3 HOH 12 327 327 HOH HOH A . 
C 3 HOH 13 328 328 HOH HOH A . 
C 3 HOH 14 329 329 HOH HOH A . 
C 3 HOH 15 330 330 HOH HOH A . 
C 3 HOH 16 331 331 HOH HOH A . 
C 3 HOH 17 332 332 HOH HOH A . 
C 3 HOH 18 333 333 HOH HOH A . 
C 3 HOH 19 334 334 HOH HOH A . 
# 
loop_
_software.name 
_software.classification 
_software.version 
_software.citation_id 
_software.pdbx_ordinal 
XENGEN 'data collection' .     ? 1 
CCP4   'data reduction'  .     ? 2 
X-PLOR 'model building'  3.851 ? 3 
X-PLOR refinement        3.851 ? 4 
XENGEN 'data reduction'  .     ? 5 
CCP4   'data scaling'    .     ? 6 
X-PLOR phasing           3.851 ? 7 
# 
_cell.entry_id           1BGO 
_cell.length_a           71.550 
_cell.length_b           71.550 
_cell.length_c           55.090 
_cell.angle_alpha        90.00 
_cell.angle_beta         90.00 
_cell.angle_gamma        90.00 
_cell.Z_PDB              4 
_cell.pdbx_unique_axis   ? 
# 
_symmetry.entry_id                         1BGO 
_symmetry.space_group_name_H-M             'P 43' 
_symmetry.pdbx_full_space_group_name_H-M   ? 
_symmetry.cell_setting                     ? 
_symmetry.Int_Tables_number                78 
# 
_exptl.entry_id          1BGO 
_exptl.method            'X-RAY DIFFRACTION' 
_exptl.crystals_number   1 
# 
_exptl_crystal.id                    1 
_exptl_crystal.density_meas          ? 
_exptl_crystal.density_Matthews      2.95 
_exptl_crystal.density_percent_sol   58.0 
_exptl_crystal.description           ? 
# 
_exptl_crystal_grow.crystal_id      1 
_exptl_crystal_grow.method          ? 
_exptl_crystal_grow.temp            ? 
_exptl_crystal_grow.temp_details    ? 
_exptl_crystal_grow.pH              4.5 
_exptl_crystal_grow.pdbx_pH_range   ? 
_exptl_crystal_grow.pdbx_details    'pH 4.5' 
# 
_diffrn.id                     1 
_diffrn.ambient_temp           287 
_diffrn.ambient_temp_details   ? 
_diffrn.crystal_id             1 
# 
_diffrn_detector.diffrn_id              1 
_diffrn_detector.detector               'AREA DETECTOR' 
_diffrn_detector.type                   XENTRONICS 
_diffrn_detector.pdbx_collection_date   1997-09 
_diffrn_detector.details                ? 
# 
_diffrn_radiation.diffrn_id                        1 
_diffrn_radiation.wavelength_id                    1 
_diffrn_radiation.pdbx_monochromatic_or_laue_m_l   M 
_diffrn_radiation.monochromator                    'GRAPHITE(002)' 
_diffrn_radiation.pdbx_diffrn_protocol             ? 
_diffrn_radiation.pdbx_scattering_type             x-ray 
# 
_diffrn_radiation_wavelength.id           1 
_diffrn_radiation_wavelength.wavelength   1.5418 
_diffrn_radiation_wavelength.wt           1.0 
# 
_diffrn_source.diffrn_id                   1 
_diffrn_source.source                      'ROTATING ANODE' 
_diffrn_source.type                        SIEMENS 
_diffrn_source.pdbx_synchrotron_site       ? 
_diffrn_source.pdbx_synchrotron_beamline   ? 
_diffrn_source.pdbx_wavelength             1.5418 
_diffrn_source.pdbx_wavelength_list        ? 
# 
_reflns.entry_id                     1BGO 
_reflns.observed_criterion_sigma_I   2 
_reflns.observed_criterion_sigma_F   ? 
_reflns.d_resolution_low             35. 
_reflns.d_resolution_high            2.3 
_reflns.number_obs                   11258 
_reflns.number_all                   ? 
_reflns.percent_possible_obs         89 
_reflns.pdbx_Rmerge_I_obs            0.089 
_reflns.pdbx_Rsym_value              0.089 
_reflns.pdbx_netI_over_sigmaI        12.4 
_reflns.B_iso_Wilson_estimate        28.9 
_reflns.pdbx_redundancy              3.6 
_reflns.pdbx_diffrn_id               1 
_reflns.pdbx_ordinal                 1 
# 
_reflns_shell.d_res_high             2.3 
_reflns_shell.d_res_low              2.4 
_reflns_shell.percent_possible_all   54 
_reflns_shell.Rmerge_I_obs           0.27 
_reflns_shell.pdbx_Rsym_value        0.27 
_reflns_shell.meanI_over_sigI_obs    1.8 
_reflns_shell.pdbx_redundancy        1.5 
_reflns_shell.pdbx_diffrn_id         ? 
_reflns_shell.pdbx_ordinal           1 
# 
_refine.entry_id                                 1BGO 
_refine.ls_number_reflns_obs                     9666 
_refine.ls_number_reflns_all                     ? 
_refine.pdbx_ls_sigma_I                          ? 
_refine.pdbx_ls_sigma_F                          2.0 
_refine.pdbx_data_cutoff_high_absF               10000000.00 
_refine.pdbx_data_cutoff_low_absF                0.00100 
_refine.pdbx_data_cutoff_high_rms_absF           ? 
_refine.ls_d_res_low                             8.00 
_refine.ls_d_res_high                            2.30 
_refine.ls_percent_reflns_obs                    79.3 
_refine.ls_R_factor_obs                          0.24 
_refine.ls_R_factor_all                          ? 
_refine.ls_R_factor_R_work                       0.24 
_refine.ls_R_factor_R_free                       0.296 
_refine.ls_R_factor_R_free_error                 0.009 
_refine.ls_R_factor_R_free_error_details         ? 
_refine.ls_percent_reflns_R_free                 10.5 
_refine.ls_number_reflns_R_free                  1016 
_refine.ls_number_parameters                     ? 
_refine.ls_number_restraints                     ? 
_refine.occupancy_min                            ? 
_refine.occupancy_max                            ? 
_refine.B_iso_mean                               15.0 
_refine.aniso_B[1][1]                            0.00 
_refine.aniso_B[2][2]                            0.00 
_refine.aniso_B[3][3]                            0.00 
_refine.aniso_B[1][2]                            0.00 
_refine.aniso_B[1][3]                            0.00 
_refine.aniso_B[2][3]                            0.00 
_refine.solvent_model_details                    ? 
_refine.solvent_model_param_ksol                 ? 
_refine.solvent_model_param_bsol                 ? 
_refine.pdbx_ls_cross_valid_method               THROUGHOUT 
_refine.details                                  ? 
_refine.pdbx_starting_model                      1ATK 
_refine.pdbx_method_to_determine_struct          MR 
_refine.pdbx_isotropic_thermal_model             OVERALL 
_refine.pdbx_stereochemistry_target_values       ? 
_refine.pdbx_stereochem_target_val_spec_case     ? 
_refine.pdbx_R_Free_selection_details            RANDOM 
_refine.pdbx_overall_ESU_R                       ? 
_refine.pdbx_overall_ESU_R_Free                  ? 
_refine.overall_SU_ML                            ? 
_refine.overall_SU_B                             ? 
_refine.pdbx_refine_id                           'X-RAY DIFFRACTION' 
_refine.pdbx_diffrn_id                           1 
_refine.pdbx_TLS_residual_ADP_flag               ? 
_refine.correlation_coeff_Fo_to_Fc               ? 
_refine.correlation_coeff_Fo_to_Fc_free          ? 
_refine.pdbx_solvent_vdw_probe_radii             ? 
_refine.pdbx_solvent_ion_probe_radii             ? 
_refine.pdbx_solvent_shrinkage_radii             ? 
_refine.pdbx_overall_phase_error                 ? 
_refine.overall_SU_R_Cruickshank_DPI             ? 
_refine.pdbx_overall_SU_R_free_Cruickshank_DPI   ? 
_refine.pdbx_overall_SU_R_Blow_DPI               ? 
_refine.pdbx_overall_SU_R_free_Blow_DPI          ? 
# 
_refine_analyze.entry_id                        1BGO 
_refine_analyze.Luzzati_coordinate_error_obs    0.30 
_refine_analyze.Luzzati_sigma_a_obs             0.31 
_refine_analyze.Luzzati_d_res_low_obs           5.00 
_refine_analyze.Luzzati_coordinate_error_free   0.38 
_refine_analyze.Luzzati_sigma_a_free            0.40 
_refine_analyze.Luzzati_d_res_low_free          ? 
_refine_analyze.number_disordered_residues      ? 
_refine_analyze.occupancy_sum_hydrogen          ? 
_refine_analyze.occupancy_sum_non_hydrogen      ? 
_refine_analyze.pdbx_refine_id                  'X-RAY DIFFRACTION' 
# 
_refine_hist.pdbx_refine_id                   'X-RAY DIFFRACTION' 
_refine_hist.cycle_id                         LAST 
_refine_hist.pdbx_number_atoms_protein        1698 
_refine_hist.pdbx_number_atoms_nucleic_acid   0 
_refine_hist.pdbx_number_atoms_ligand         34 
_refine_hist.number_atoms_solvent             19 
_refine_hist.number_atoms_total               1751 
_refine_hist.d_res_high                       2.30 
_refine_hist.d_res_low                        8.00 
# 
loop_
_refine_ls_restr.type 
_refine_ls_restr.dev_ideal 
_refine_ls_restr.dev_ideal_target 
_refine_ls_restr.weight 
_refine_ls_restr.number 
_refine_ls_restr.pdbx_refine_id 
_refine_ls_restr.pdbx_restraint_function 
x_bond_d                0.017 ? ? ? 'X-RAY DIFFRACTION' ? 
x_bond_d_na             ?     ? ? ? 'X-RAY DIFFRACTION' ? 
x_bond_d_prot           ?     ? ? ? 'X-RAY DIFFRACTION' ? 
x_angle_d               ?     ? ? ? 'X-RAY DIFFRACTION' ? 
x_angle_d_na            ?     ? ? ? 'X-RAY DIFFRACTION' ? 
x_angle_d_prot          ?     ? ? ? 'X-RAY DIFFRACTION' ? 
x_angle_deg             1.9   ? ? ? 'X-RAY DIFFRACTION' ? 
x_angle_deg_na          ?     ? ? ? 'X-RAY DIFFRACTION' ? 
x_angle_deg_prot        ?     ? ? ? 'X-RAY DIFFRACTION' ? 
x_dihedral_angle_d      25.2  ? ? ? 'X-RAY DIFFRACTION' ? 
x_dihedral_angle_d_na   ?     ? ? ? 'X-RAY DIFFRACTION' ? 
x_dihedral_angle_d_prot ?     ? ? ? 'X-RAY DIFFRACTION' ? 
x_improper_angle_d      1.82  ? ? ? 'X-RAY DIFFRACTION' ? 
x_improper_angle_d_na   ?     ? ? ? 'X-RAY DIFFRACTION' ? 
x_improper_angle_d_prot ?     ? ? ? 'X-RAY DIFFRACTION' ? 
x_mcbond_it             ?     ? ? ? 'X-RAY DIFFRACTION' ? 
x_mcangle_it            ?     ? ? ? 'X-RAY DIFFRACTION' ? 
x_scbond_it             ?     ? ? ? 'X-RAY DIFFRACTION' ? 
x_scangle_it            ?     ? ? ? 'X-RAY DIFFRACTION' ? 
# 
_refine_ls_shell.pdbx_total_number_of_bins_used   8 
_refine_ls_shell.d_res_high                       2.30 
_refine_ls_shell.d_res_low                        2.40 
_refine_ls_shell.number_reflns_R_work             455 
_refine_ls_shell.R_factor_R_work                  0.275 
_refine_ls_shell.percent_reflns_obs               33.9 
_refine_ls_shell.R_factor_R_free                  0.369 
_refine_ls_shell.R_factor_R_free_error            0.049 
_refine_ls_shell.percent_reflns_R_free            11.0 
_refine_ls_shell.number_reflns_R_free             56 
_refine_ls_shell.pdbx_refine_id                   'X-RAY DIFFRACTION' 
_refine_ls_shell.number_reflns_all                ? 
_refine_ls_shell.R_factor_all                     ? 
# 
loop_
_pdbx_xplor_file.serial_no 
_pdbx_xplor_file.param_file 
_pdbx_xplor_file.topol_file 
_pdbx_xplor_file.pdbx_refine_id 
1 PARHCSDX.PRO ? 'X-RAY DIFFRACTION' 
2 PARAM19.SOL  ? 'X-RAY DIFFRACTION' 
# 
_struct.entry_id                  1BGO 
_struct.title                     
'CRYSTAL STRUCTURE OF CYSTEINE PROTEASE HUMAN CATHEPSIN K IN COMPLEX WITH A COVALENT PEPTIDOMIMETIC INHIBITOR' 
_struct.pdbx_model_details        ? 
_struct.pdbx_CASP_flag            ? 
_struct.pdbx_model_type_details   ? 
# 
_struct_keywords.entry_id        1BGO 
_struct_keywords.pdbx_keywords   HYDROLASE 
_struct_keywords.text            'HYDROLASE, SULFHYDRYL PROTEINASE, THIOL PROTEASE' 
# 
loop_
_struct_asym.id 
_struct_asym.pdbx_blank_PDB_chainid_flag 
_struct_asym.pdbx_modified 
_struct_asym.entity_id 
_struct_asym.details 
A N N 1 ? 
B N N 2 ? 
C N N 3 ? 
# 
_struct_ref.id                         1 
_struct_ref.db_name                    UNP 
_struct_ref.db_code                    CATK_HUMAN 
_struct_ref.entity_id                  1 
_struct_ref.pdbx_db_accession          P43235 
_struct_ref.pdbx_align_begin           1 
_struct_ref.pdbx_seq_one_letter_code   
;MWGLKVLLLPVVSFALYPEEILDTHWELWKKTHRKQYNNKVDEISRRLIWEKNLKYISIHNLEASLGVHTYELAMNHLGD
MTSEEVVQKMTGLKVPLSHSRSNDTLYIPEWEGRAPDSVDYRKKGYVTPVKNQGQCGSCWAFSSVGALEGQLKKKTGKLL
NLSPQNLVDCVSENDGCGGGYMTNAFQYVQKNRGIDSEDAYPYVGQEESCMYNPTGKAAKCRGYREIPEGNEKALKRAVA
RVGPVSVAIDASLTSFQFYSKGVYYDESCNSDNLNHAVLAVGYGIQKGNKHWIIKNSWGENWGNKGYILMARNKNNACGI
ANLASFPKM
;
_struct_ref.pdbx_db_isoform            ? 
# 
_struct_ref_seq.align_id                      1 
_struct_ref_seq.ref_id                        1 
_struct_ref_seq.pdbx_PDB_id_code              1BGO 
_struct_ref_seq.pdbx_strand_id                A 
_struct_ref_seq.seq_align_beg                 1 
_struct_ref_seq.pdbx_seq_align_beg_ins_code   ? 
_struct_ref_seq.seq_align_end                 215 
_struct_ref_seq.pdbx_seq_align_end_ins_code   ? 
_struct_ref_seq.pdbx_db_accession             P43235 
_struct_ref_seq.db_align_beg                  115 
_struct_ref_seq.pdbx_db_align_beg_ins_code    ? 
_struct_ref_seq.db_align_end                  329 
_struct_ref_seq.pdbx_db_align_end_ins_code    ? 
_struct_ref_seq.pdbx_auth_seq_align_beg       1 
_struct_ref_seq.pdbx_auth_seq_align_end       215 
# 
_pdbx_struct_assembly.id                   1 
_pdbx_struct_assembly.details              author_defined_assembly 
_pdbx_struct_assembly.method_details       ? 
_pdbx_struct_assembly.oligomeric_details   monomeric 
_pdbx_struct_assembly.oligomeric_count     1 
# 
_pdbx_struct_assembly_gen.assembly_id       1 
_pdbx_struct_assembly_gen.oper_expression   1 
_pdbx_struct_assembly_gen.asym_id_list      A,B,C 
# 
_pdbx_struct_oper_list.id                   1 
_pdbx_struct_oper_list.type                 'identity operation' 
_pdbx_struct_oper_list.name                 1_555 
_pdbx_struct_oper_list.symmetry_operation   x,y,z 
_pdbx_struct_oper_list.matrix[1][1]         1.0000000000 
_pdbx_struct_oper_list.matrix[1][2]         0.0000000000 
_pdbx_struct_oper_list.matrix[1][3]         0.0000000000 
_pdbx_struct_oper_list.vector[1]            0.0000000000 
_pdbx_struct_oper_list.matrix[2][1]         0.0000000000 
_pdbx_struct_oper_list.matrix[2][2]         1.0000000000 
_pdbx_struct_oper_list.matrix[2][3]         0.0000000000 
_pdbx_struct_oper_list.vector[2]            0.0000000000 
_pdbx_struct_oper_list.matrix[3][1]         0.0000000000 
_pdbx_struct_oper_list.matrix[3][2]         0.0000000000 
_pdbx_struct_oper_list.matrix[3][3]         1.0000000000 
_pdbx_struct_oper_list.vector[3]            0.0000000000 
# 
_struct_biol.id   1 
# 
loop_
_struct_conf.conf_type_id 
_struct_conf.id 
_struct_conf.pdbx_PDB_helix_id 
_struct_conf.beg_label_comp_id 
_struct_conf.beg_label_asym_id 
_struct_conf.beg_label_seq_id 
_struct_conf.pdbx_beg_PDB_ins_code 
_struct_conf.end_label_comp_id 
_struct_conf.end_label_asym_id 
_struct_conf.end_label_seq_id 
_struct_conf.pdbx_end_PDB_ins_code 
_struct_conf.beg_auth_comp_id 
_struct_conf.beg_auth_asym_id 
_struct_conf.beg_auth_seq_id 
_struct_conf.end_auth_comp_id 
_struct_conf.end_auth_asym_id 
_struct_conf.end_auth_seq_id 
_struct_conf.pdbx_PDB_helix_class 
_struct_conf.details 
_struct_conf.pdbx_PDB_helix_length 
HELX_P HELX_P1 1 CYS A 25  ? THR A 42  ? CYS A 25  THR A 42  1 ? 18 
HELX_P HELX_P2 2 PRO A 50  ? CYS A 56  ? PRO A 50  CYS A 56  1 ? 7  
HELX_P HELX_P3 3 GLY A 62  ? GLY A 64  ? GLY A 62  GLY A 64  5 ? 3  
HELX_P HELX_P4 4 MET A 68  ? LYS A 77  ? MET A 68  LYS A 77  1 ? 10 
HELX_P HELX_P5 5 PRO A 100 ? GLY A 102 ? PRO A 100 GLY A 102 5 ? 3  
HELX_P HELX_P6 6 GLU A 118 ? VAL A 128 ? GLU A 118 VAL A 128 1 ? 11 
HELX_P HELX_P7 7 THR A 140 ? GLN A 143 ? THR A 140 GLN A 143 1 ? 4  
HELX_P HELX_P8 8 ALA A 203 ? GLY A 205 ? ALA A 203 GLY A 205 5 ? 3  
# 
_struct_conf_type.id          HELX_P 
_struct_conf_type.criteria    ? 
_struct_conf_type.reference   ? 
# 
loop_
_struct_conn.id 
_struct_conn.conn_type_id 
_struct_conn.pdbx_leaving_atom_flag 
_struct_conn.pdbx_PDB_id 
_struct_conn.ptnr1_label_asym_id 
_struct_conn.ptnr1_label_comp_id 
_struct_conn.ptnr1_label_seq_id 
_struct_conn.ptnr1_label_atom_id 
_struct_conn.pdbx_ptnr1_label_alt_id 
_struct_conn.pdbx_ptnr1_PDB_ins_code 
_struct_conn.pdbx_ptnr1_standard_comp_id 
_struct_conn.ptnr1_symmetry 
_struct_conn.ptnr2_label_asym_id 
_struct_conn.ptnr2_label_comp_id 
_struct_conn.ptnr2_label_seq_id 
_struct_conn.ptnr2_label_atom_id 
_struct_conn.pdbx_ptnr2_label_alt_id 
_struct_conn.pdbx_ptnr2_PDB_ins_code 
_struct_conn.ptnr1_auth_asym_id 
_struct_conn.ptnr1_auth_comp_id 
_struct_conn.ptnr1_auth_seq_id 
_struct_conn.ptnr2_auth_asym_id 
_struct_conn.ptnr2_auth_comp_id 
_struct_conn.ptnr2_auth_seq_id 
_struct_conn.ptnr2_symmetry 
_struct_conn.pdbx_ptnr3_label_atom_id 
_struct_conn.pdbx_ptnr3_label_seq_id 
_struct_conn.pdbx_ptnr3_label_comp_id 
_struct_conn.pdbx_ptnr3_label_asym_id 
_struct_conn.pdbx_ptnr3_label_alt_id 
_struct_conn.pdbx_ptnr3_PDB_ins_code 
_struct_conn.details 
_struct_conn.pdbx_dist_value 
_struct_conn.pdbx_value_order 
_struct_conn.pdbx_role 
disulf1 disulf ?    ? A CYS 22  SG ? ? ? 1_555 A CYS 63  SG  ? ? A CYS 22  A CYS 63  1_555 ? ? ? ? ? ? ? 2.021 ? ? 
disulf2 disulf ?    ? A CYS 56  SG ? ? ? 1_555 A CYS 96  SG  ? ? A CYS 56  A CYS 96  1_555 ? ? ? ? ? ? ? 1.932 ? ? 
disulf3 disulf ?    ? A CYS 155 SG ? ? ? 1_555 A CYS 204 SG  ? ? A CYS 155 A CYS 204 1_555 ? ? ? ? ? ? ? 2.035 ? ? 
covale1 covale none ? A CYS 25  SG ? ? ? 1_555 B I10 .   C31 ? ? A CYS 25  A I10 300 1_555 ? ? ? ? ? ? ? 1.896 ? ? 
# 
loop_
_struct_conn_type.id 
_struct_conn_type.criteria 
_struct_conn_type.reference 
disulf ? ? 
covale ? ? 
# 
loop_
_pdbx_modification_feature.ordinal 
_pdbx_modification_feature.label_comp_id 
_pdbx_modification_feature.label_asym_id 
_pdbx_modification_feature.label_seq_id 
_pdbx_modification_feature.label_alt_id 
_pdbx_modification_feature.modified_residue_label_comp_id 
_pdbx_modification_feature.modified_residue_label_asym_id 
_pdbx_modification_feature.modified_residue_label_seq_id 
_pdbx_modification_feature.modified_residue_label_alt_id 
_pdbx_modification_feature.auth_comp_id 
_pdbx_modification_feature.auth_asym_id 
_pdbx_modification_feature.auth_seq_id 
_pdbx_modification_feature.PDB_ins_code 
_pdbx_modification_feature.symmetry 
_pdbx_modification_feature.modified_residue_auth_comp_id 
_pdbx_modification_feature.modified_residue_auth_asym_id 
_pdbx_modification_feature.modified_residue_auth_seq_id 
_pdbx_modification_feature.modified_residue_PDB_ins_code 
_pdbx_modification_feature.modified_residue_symmetry 
_pdbx_modification_feature.comp_id_linking_atom 
_pdbx_modification_feature.modified_residue_id_linking_atom 
_pdbx_modification_feature.modified_residue_id 
_pdbx_modification_feature.ref_pcm_id 
_pdbx_modification_feature.ref_comp_id 
_pdbx_modification_feature.type 
_pdbx_modification_feature.category 
1 I10 B .   ? CYS A 25  ? I10 A 300 ? 1_555 CYS A 25  ? 1_555 C31 SG CYS 1 I10 None 'Covalent chemical modification' 
2 CYS A 22  ? CYS A 63  ? CYS A 22  ? 1_555 CYS A 63  ? 1_555 SG  SG .   . .   None 'Disulfide bridge'               
3 CYS A 56  ? CYS A 96  ? CYS A 56  ? 1_555 CYS A 96  ? 1_555 SG  SG .   . .   None 'Disulfide bridge'               
4 CYS A 155 ? CYS A 204 ? CYS A 155 ? 1_555 CYS A 204 ? 1_555 SG  SG .   . .   None 'Disulfide bridge'               
# 
loop_
_struct_sheet.id 
_struct_sheet.type 
_struct_sheet.number_strands 
_struct_sheet.details 
A ? 2 ? 
B ? 4 ? 
# 
loop_
_struct_sheet_order.sheet_id 
_struct_sheet_order.range_id_1 
_struct_sheet_order.range_id_2 
_struct_sheet_order.offset 
_struct_sheet_order.sense 
A 1 2 ? anti-parallel 
B 1 2 ? anti-parallel 
B 2 3 ? anti-parallel 
B 3 4 ? anti-parallel 
# 
loop_
_struct_sheet_range.sheet_id 
_struct_sheet_range.id 
_struct_sheet_range.beg_label_comp_id 
_struct_sheet_range.beg_label_asym_id 
_struct_sheet_range.beg_label_seq_id 
_struct_sheet_range.pdbx_beg_PDB_ins_code 
_struct_sheet_range.end_label_comp_id 
_struct_sheet_range.end_label_asym_id 
_struct_sheet_range.end_label_seq_id 
_struct_sheet_range.pdbx_end_PDB_ins_code 
_struct_sheet_range.beg_auth_comp_id 
_struct_sheet_range.beg_auth_asym_id 
_struct_sheet_range.beg_auth_seq_id 
_struct_sheet_range.end_auth_comp_id 
_struct_sheet_range.end_auth_asym_id 
_struct_sheet_range.end_auth_seq_id 
A 1 TYR A 110 ? GLU A 112 ? TYR A 110 GLU A 112 
A 2 SER A 211 ? PRO A 213 ? SER A 211 PRO A 213 
B 1 VAL A 131 ? ILE A 135 ? VAL A 131 ILE A 135 
B 2 HIS A 162 ? ILE A 171 ? HIS A 162 ILE A 171 
B 3 LYS A 176 ? LYS A 181 ? LYS A 176 LYS A 181 
B 4 TYR A 193 ? ALA A 197 ? TYR A 193 ALA A 197 
# 
loop_
_pdbx_struct_sheet_hbond.sheet_id 
_pdbx_struct_sheet_hbond.range_id_1 
_pdbx_struct_sheet_hbond.range_id_2 
_pdbx_struct_sheet_hbond.range_1_label_atom_id 
_pdbx_struct_sheet_hbond.range_1_label_comp_id 
_pdbx_struct_sheet_hbond.range_1_label_asym_id 
_pdbx_struct_sheet_hbond.range_1_label_seq_id 
_pdbx_struct_sheet_hbond.range_1_PDB_ins_code 
_pdbx_struct_sheet_hbond.range_1_auth_atom_id 
_pdbx_struct_sheet_hbond.range_1_auth_comp_id 
_pdbx_struct_sheet_hbond.range_1_auth_asym_id 
_pdbx_struct_sheet_hbond.range_1_auth_seq_id 
_pdbx_struct_sheet_hbond.range_2_label_atom_id 
_pdbx_struct_sheet_hbond.range_2_label_comp_id 
_pdbx_struct_sheet_hbond.range_2_label_asym_id 
_pdbx_struct_sheet_hbond.range_2_label_seq_id 
_pdbx_struct_sheet_hbond.range_2_PDB_ins_code 
_pdbx_struct_sheet_hbond.range_2_auth_atom_id 
_pdbx_struct_sheet_hbond.range_2_auth_comp_id 
_pdbx_struct_sheet_hbond.range_2_auth_asym_id 
_pdbx_struct_sheet_hbond.range_2_auth_seq_id 
A 1 2 O ARG A 111 ? O ARG A 111 N PHE A 212 ? N PHE A 212 
B 1 2 O VAL A 131 ? O VAL A 131 N ALA A 166 ? N ALA A 166 
B 2 3 O LEU A 165 ? O LEU A 165 N LYS A 181 ? N LYS A 181 
B 3 4 O TRP A 178 ? O TRP A 178 N MET A 196 ? N MET A 196 
# 
_struct_site.id                   AC1 
_struct_site.pdbx_evidence_code   Software 
_struct_site.pdbx_auth_asym_id    A 
_struct_site.pdbx_auth_comp_id    I10 
_struct_site.pdbx_auth_seq_id     300 
_struct_site.pdbx_auth_ins_code   ? 
_struct_site.pdbx_num_residues    19 
_struct_site.details              'BINDING SITE FOR RESIDUE I10 A 300' 
# 
loop_
_struct_site_gen.id 
_struct_site_gen.site_id 
_struct_site_gen.pdbx_num_res 
_struct_site_gen.label_comp_id 
_struct_site_gen.label_asym_id 
_struct_site_gen.label_seq_id 
_struct_site_gen.pdbx_auth_ins_code 
_struct_site_gen.auth_comp_id 
_struct_site_gen.auth_asym_id 
_struct_site_gen.auth_seq_id 
_struct_site_gen.label_atom_id 
_struct_site_gen.label_alt_id 
_struct_site_gen.symmetry 
_struct_site_gen.details 
1  AC1 19 GLN A 19  ? GLN A 19  . ? 1_555 ? 
2  AC1 19 GLY A 23  ? GLY A 23  . ? 1_555 ? 
3  AC1 19 SER A 24  ? SER A 24  . ? 1_555 ? 
4  AC1 19 CYS A 25  ? CYS A 25  . ? 1_555 ? 
5  AC1 19 TRP A 26  ? TRP A 26  . ? 1_555 ? 
6  AC1 19 GLU A 59  ? GLU A 59  . ? 1_555 ? 
7  AC1 19 ASP A 61  ? ASP A 61  . ? 1_555 ? 
8  AC1 19 GLY A 64  ? GLY A 64  . ? 1_555 ? 
9  AC1 19 GLY A 65  ? GLY A 65  . ? 1_555 ? 
10 AC1 19 GLY A 66  ? GLY A 66  . ? 1_555 ? 
11 AC1 19 TYR A 67  ? TYR A 67  . ? 1_555 ? 
12 AC1 19 ARG A 108 ? ARG A 108 . ? 3_654 ? 
13 AC1 19 ALA A 137 ? ALA A 137 . ? 1_555 ? 
14 AC1 19 ASN A 161 ? ASN A 161 . ? 1_555 ? 
15 AC1 19 HIS A 162 ? HIS A 162 . ? 1_555 ? 
16 AC1 19 ALA A 163 ? ALA A 163 . ? 1_555 ? 
17 AC1 19 LYS A 173 ? LYS A 173 . ? 2_654 ? 
18 AC1 19 TRP A 184 ? TRP A 184 . ? 1_555 ? 
19 AC1 19 HOH C .   ? HOH A 331 . ? 1_555 ? 
# 
_pdbx_entry_details.entry_id                   1BGO 
_pdbx_entry_details.compound_details           ? 
_pdbx_entry_details.source_details             ? 
_pdbx_entry_details.nonpolymer_details         ? 
_pdbx_entry_details.sequence_details           ? 
_pdbx_entry_details.has_ligand_of_interest     ? 
_pdbx_entry_details.has_protein_modification   Y 
# 
loop_
_pdbx_validate_rmsd_bond.id 
_pdbx_validate_rmsd_bond.PDB_model_num 
_pdbx_validate_rmsd_bond.auth_atom_id_1 
_pdbx_validate_rmsd_bond.auth_asym_id_1 
_pdbx_validate_rmsd_bond.auth_comp_id_1 
_pdbx_validate_rmsd_bond.auth_seq_id_1 
_pdbx_validate_rmsd_bond.PDB_ins_code_1 
_pdbx_validate_rmsd_bond.label_alt_id_1 
_pdbx_validate_rmsd_bond.auth_atom_id_2 
_pdbx_validate_rmsd_bond.auth_asym_id_2 
_pdbx_validate_rmsd_bond.auth_comp_id_2 
_pdbx_validate_rmsd_bond.auth_seq_id_2 
_pdbx_validate_rmsd_bond.PDB_ins_code_2 
_pdbx_validate_rmsd_bond.label_alt_id_2 
_pdbx_validate_rmsd_bond.bond_value 
_pdbx_validate_rmsd_bond.bond_target_value 
_pdbx_validate_rmsd_bond.bond_deviation 
_pdbx_validate_rmsd_bond.bond_standard_deviation 
_pdbx_validate_rmsd_bond.linker_flag 
1 1 CE1 A TYR 98  ? ? CZ  A TYR 98  ? ? 1.292 1.381 -0.089 0.013 N 
2 1 CZ  A TYR 98  ? ? CE2 A TYR 98  ? ? 1.301 1.381 -0.080 0.013 N 
3 1 CE1 A PHE 142 ? ? CZ  A PHE 142 ? ? 1.255 1.369 -0.114 0.019 N 
# 
loop_
_pdbx_validate_torsion.id 
_pdbx_validate_torsion.PDB_model_num 
_pdbx_validate_torsion.auth_comp_id 
_pdbx_validate_torsion.auth_asym_id 
_pdbx_validate_torsion.auth_seq_id 
_pdbx_validate_torsion.PDB_ins_code 
_pdbx_validate_torsion.label_alt_id 
_pdbx_validate_torsion.phi 
_pdbx_validate_torsion.psi 
1 1 TYR A 7   ? ? -68.93  2.33   
2 1 SER A 146 ? ? -142.01 -31.28 
3 1 GLN A 172 ? ? -96.80  -60.71 
4 1 LYS A 173 ? ? -151.61 70.94  
5 1 ALA A 197 ? ? -35.32  125.59 
6 1 ILE A 206 ? ? -37.45  -37.53 
7 1 LEU A 209 ? ? -143.77 52.43  
# 
loop_
_chem_comp_atom.comp_id 
_chem_comp_atom.atom_id 
_chem_comp_atom.type_symbol 
_chem_comp_atom.pdbx_aromatic_flag 
_chem_comp_atom.pdbx_stereo_config 
_chem_comp_atom.pdbx_ordinal 
ALA N    N N N 1   
ALA CA   C N S 2   
ALA C    C N N 3   
ALA O    O N N 4   
ALA CB   C N N 5   
ALA OXT  O N N 6   
ALA H    H N N 7   
ALA H2   H N N 8   
ALA HA   H N N 9   
ALA HB1  H N N 10  
ALA HB2  H N N 11  
ALA HB3  H N N 12  
ALA HXT  H N N 13  
ARG N    N N N 14  
ARG CA   C N S 15  
ARG C    C N N 16  
ARG O    O N N 17  
ARG CB   C N N 18  
ARG CG   C N N 19  
ARG CD   C N N 20  
ARG NE   N N N 21  
ARG CZ   C N N 22  
ARG NH1  N N N 23  
ARG NH2  N N N 24  
ARG OXT  O N N 25  
ARG H    H N N 26  
ARG H2   H N N 27  
ARG HA   H N N 28  
ARG HB2  H N N 29  
ARG HB3  H N N 30  
ARG HG2  H N N 31  
ARG HG3  H N N 32  
ARG HD2  H N N 33  
ARG HD3  H N N 34  
ARG HE   H N N 35  
ARG HH11 H N N 36  
ARG HH12 H N N 37  
ARG HH21 H N N 38  
ARG HH22 H N N 39  
ARG HXT  H N N 40  
ASN N    N N N 41  
ASN CA   C N S 42  
ASN C    C N N 43  
ASN O    O N N 44  
ASN CB   C N N 45  
ASN CG   C N N 46  
ASN OD1  O N N 47  
ASN ND2  N N N 48  
ASN OXT  O N N 49  
ASN H    H N N 50  
ASN H2   H N N 51  
ASN HA   H N N 52  
ASN HB2  H N N 53  
ASN HB3  H N N 54  
ASN HD21 H N N 55  
ASN HD22 H N N 56  
ASN HXT  H N N 57  
ASP N    N N N 58  
ASP CA   C N S 59  
ASP C    C N N 60  
ASP O    O N N 61  
ASP CB   C N N 62  
ASP CG   C N N 63  
ASP OD1  O N N 64  
ASP OD2  O N N 65  
ASP OXT  O N N 66  
ASP H    H N N 67  
ASP H2   H N N 68  
ASP HA   H N N 69  
ASP HB2  H N N 70  
ASP HB3  H N N 71  
ASP HD2  H N N 72  
ASP HXT  H N N 73  
CYS N    N N N 74  
CYS CA   C N R 75  
CYS C    C N N 76  
CYS O    O N N 77  
CYS CB   C N N 78  
CYS SG   S N N 79  
CYS OXT  O N N 80  
CYS H    H N N 81  
CYS H2   H N N 82  
CYS HA   H N N 83  
CYS HB2  H N N 84  
CYS HB3  H N N 85  
CYS HG   H N N 86  
CYS HXT  H N N 87  
GLN N    N N N 88  
GLN CA   C N S 89  
GLN C    C N N 90  
GLN O    O N N 91  
GLN CB   C N N 92  
GLN CG   C N N 93  
GLN CD   C N N 94  
GLN OE1  O N N 95  
GLN NE2  N N N 96  
GLN OXT  O N N 97  
GLN H    H N N 98  
GLN H2   H N N 99  
GLN HA   H N N 100 
GLN HB2  H N N 101 
GLN HB3  H N N 102 
GLN HG2  H N N 103 
GLN HG3  H N N 104 
GLN HE21 H N N 105 
GLN HE22 H N N 106 
GLN HXT  H N N 107 
GLU N    N N N 108 
GLU CA   C N S 109 
GLU C    C N N 110 
GLU O    O N N 111 
GLU CB   C N N 112 
GLU CG   C N N 113 
GLU CD   C N N 114 
GLU OE1  O N N 115 
GLU OE2  O N N 116 
GLU OXT  O N N 117 
GLU H    H N N 118 
GLU H2   H N N 119 
GLU HA   H N N 120 
GLU HB2  H N N 121 
GLU HB3  H N N 122 
GLU HG2  H N N 123 
GLU HG3  H N N 124 
GLU HE2  H N N 125 
GLU HXT  H N N 126 
GLY N    N N N 127 
GLY CA   C N N 128 
GLY C    C N N 129 
GLY O    O N N 130 
GLY OXT  O N N 131 
GLY H    H N N 132 
GLY H2   H N N 133 
GLY HA2  H N N 134 
GLY HA3  H N N 135 
GLY HXT  H N N 136 
HIS N    N N N 137 
HIS CA   C N S 138 
HIS C    C N N 139 
HIS O    O N N 140 
HIS CB   C N N 141 
HIS CG   C Y N 142 
HIS ND1  N Y N 143 
HIS CD2  C Y N 144 
HIS CE1  C Y N 145 
HIS NE2  N Y N 146 
HIS OXT  O N N 147 
HIS H    H N N 148 
HIS H2   H N N 149 
HIS HA   H N N 150 
HIS HB2  H N N 151 
HIS HB3  H N N 152 
HIS HD1  H N N 153 
HIS HD2  H N N 154 
HIS HE1  H N N 155 
HIS HE2  H N N 156 
HIS HXT  H N N 157 
HOH O    O N N 158 
HOH H1   H N N 159 
HOH H2   H N N 160 
I10 C1   C Y N 161 
I10 C2   C Y N 162 
I10 C3   C Y N 163 
I10 C7   C Y N 164 
I10 C8   C Y N 165 
I10 C9   C Y N 166 
I10 C10  C Y N 167 
I10 C11  C Y N 168 
I10 C12  C Y N 169 
I10 C13  C N R 170 
I10 C14  C N N 171 
I10 C16  C N N 172 
I10 C20  C N N 173 
I10 C24  C N N 174 
I10 N29  N N N 175 
I10 C30  C N N 176 
I10 C31  C N R 177 
I10 C35  C N N 178 
I10 C4   C Y N 179 
I10 C5   C Y N 180 
I10 C6   C Y N 181 
I10 O15  O N N 182 
I10 C17  C N N 183 
I10 O34  O N N 184 
I10 N36  N N N 185 
I10 S39  S N N 186 
I10 O40  O N N 187 
I10 O41  O N N 188 
I10 C42  C Y N 189 
I10 N43  N Y N 190 
I10 C44  C Y N 191 
I10 C45  C Y N 192 
I10 C46  C Y N 193 
I10 C47  C Y N 194 
I10 H1   H N N 195 
I10 H2   H N N 196 
I10 H8   H N N 197 
I10 H10  H N N 198 
I10 H11  H N N 199 
I10 H12  H N N 200 
I10 H13  H N N 201 
I10 H161 H N N 202 
I10 H162 H N N 203 
I10 H201 H N N 204 
I10 H202 H N N 205 
I10 H203 H N N 206 
I10 H241 H N N 207 
I10 H242 H N N 208 
I10 H243 H N N 209 
I10 HN2  H N N 210 
I10 H301 H N N 211 
I10 H302 H N N 212 
I10 H31  H N N 213 
I10 H351 H N N 214 
I10 H352 H N N 215 
I10 H4   H N N 216 
I10 H5   H N N 217 
I10 H6   H N N 218 
I10 H17  H N N 219 
I10 HO3  H N N 220 
I10 HN3  H N N 221 
I10 H44  H N N 222 
I10 H45  H N N 223 
I10 H46  H N N 224 
I10 H47  H N N 225 
ILE N    N N N 226 
ILE CA   C N S 227 
ILE C    C N N 228 
ILE O    O N N 229 
ILE CB   C N S 230 
ILE CG1  C N N 231 
ILE CG2  C N N 232 
ILE CD1  C N N 233 
ILE OXT  O N N 234 
ILE H    H N N 235 
ILE H2   H N N 236 
ILE HA   H N N 237 
ILE HB   H N N 238 
ILE HG12 H N N 239 
ILE HG13 H N N 240 
ILE HG21 H N N 241 
ILE HG22 H N N 242 
ILE HG23 H N N 243 
ILE HD11 H N N 244 
ILE HD12 H N N 245 
ILE HD13 H N N 246 
ILE HXT  H N N 247 
LEU N    N N N 248 
LEU CA   C N S 249 
LEU C    C N N 250 
LEU O    O N N 251 
LEU CB   C N N 252 
LEU CG   C N N 253 
LEU CD1  C N N 254 
LEU CD2  C N N 255 
LEU OXT  O N N 256 
LEU H    H N N 257 
LEU H2   H N N 258 
LEU HA   H N N 259 
LEU HB2  H N N 260 
LEU HB3  H N N 261 
LEU HG   H N N 262 
LEU HD11 H N N 263 
LEU HD12 H N N 264 
LEU HD13 H N N 265 
LEU HD21 H N N 266 
LEU HD22 H N N 267 
LEU HD23 H N N 268 
LEU HXT  H N N 269 
LYS N    N N N 270 
LYS CA   C N S 271 
LYS C    C N N 272 
LYS O    O N N 273 
LYS CB   C N N 274 
LYS CG   C N N 275 
LYS CD   C N N 276 
LYS CE   C N N 277 
LYS NZ   N N N 278 
LYS OXT  O N N 279 
LYS H    H N N 280 
LYS H2   H N N 281 
LYS HA   H N N 282 
LYS HB2  H N N 283 
LYS HB3  H N N 284 
LYS HG2  H N N 285 
LYS HG3  H N N 286 
LYS HD2  H N N 287 
LYS HD3  H N N 288 
LYS HE2  H N N 289 
LYS HE3  H N N 290 
LYS HZ1  H N N 291 
LYS HZ2  H N N 292 
LYS HZ3  H N N 293 
LYS HXT  H N N 294 
MET N    N N N 295 
MET CA   C N S 296 
MET C    C N N 297 
MET O    O N N 298 
MET CB   C N N 299 
MET CG   C N N 300 
MET SD   S N N 301 
MET CE   C N N 302 
MET OXT  O N N 303 
MET H    H N N 304 
MET H2   H N N 305 
MET HA   H N N 306 
MET HB2  H N N 307 
MET HB3  H N N 308 
MET HG2  H N N 309 
MET HG3  H N N 310 
MET HE1  H N N 311 
MET HE2  H N N 312 
MET HE3  H N N 313 
MET HXT  H N N 314 
PHE N    N N N 315 
PHE CA   C N S 316 
PHE C    C N N 317 
PHE O    O N N 318 
PHE CB   C N N 319 
PHE CG   C Y N 320 
PHE CD1  C Y N 321 
PHE CD2  C Y N 322 
PHE CE1  C Y N 323 
PHE CE2  C Y N 324 
PHE CZ   C Y N 325 
PHE OXT  O N N 326 
PHE H    H N N 327 
PHE H2   H N N 328 
PHE HA   H N N 329 
PHE HB2  H N N 330 
PHE HB3  H N N 331 
PHE HD1  H N N 332 
PHE HD2  H N N 333 
PHE HE1  H N N 334 
PHE HE2  H N N 335 
PHE HZ   H N N 336 
PHE HXT  H N N 337 
PRO N    N N N 338 
PRO CA   C N S 339 
PRO C    C N N 340 
PRO O    O N N 341 
PRO CB   C N N 342 
PRO CG   C N N 343 
PRO CD   C N N 344 
PRO OXT  O N N 345 
PRO H    H N N 346 
PRO HA   H N N 347 
PRO HB2  H N N 348 
PRO HB3  H N N 349 
PRO HG2  H N N 350 
PRO HG3  H N N 351 
PRO HD2  H N N 352 
PRO HD3  H N N 353 
PRO HXT  H N N 354 
SER N    N N N 355 
SER CA   C N S 356 
SER C    C N N 357 
SER O    O N N 358 
SER CB   C N N 359 
SER OG   O N N 360 
SER OXT  O N N 361 
SER H    H N N 362 
SER H2   H N N 363 
SER HA   H N N 364 
SER HB2  H N N 365 
SER HB3  H N N 366 
SER HG   H N N 367 
SER HXT  H N N 368 
THR N    N N N 369 
THR CA   C N S 370 
THR C    C N N 371 
THR O    O N N 372 
THR CB   C N R 373 
THR OG1  O N N 374 
THR CG2  C N N 375 
THR OXT  O N N 376 
THR H    H N N 377 
THR H2   H N N 378 
THR HA   H N N 379 
THR HB   H N N 380 
THR HG1  H N N 381 
THR HG21 H N N 382 
THR HG22 H N N 383 
THR HG23 H N N 384 
THR HXT  H N N 385 
TRP N    N N N 386 
TRP CA   C N S 387 
TRP C    C N N 388 
TRP O    O N N 389 
TRP CB   C N N 390 
TRP CG   C Y N 391 
TRP CD1  C Y N 392 
TRP CD2  C Y N 393 
TRP NE1  N Y N 394 
TRP CE2  C Y N 395 
TRP CE3  C Y N 396 
TRP CZ2  C Y N 397 
TRP CZ3  C Y N 398 
TRP CH2  C Y N 399 
TRP OXT  O N N 400 
TRP H    H N N 401 
TRP H2   H N N 402 
TRP HA   H N N 403 
TRP HB2  H N N 404 
TRP HB3  H N N 405 
TRP HD1  H N N 406 
TRP HE1  H N N 407 
TRP HE3  H N N 408 
TRP HZ2  H N N 409 
TRP HZ3  H N N 410 
TRP HH2  H N N 411 
TRP HXT  H N N 412 
TYR N    N N N 413 
TYR CA   C N S 414 
TYR C    C N N 415 
TYR O    O N N 416 
TYR CB   C N N 417 
TYR CG   C Y N 418 
TYR CD1  C Y N 419 
TYR CD2  C Y N 420 
TYR CE1  C Y N 421 
TYR CE2  C Y N 422 
TYR CZ   C Y N 423 
TYR OH   O N N 424 
TYR OXT  O N N 425 
TYR H    H N N 426 
TYR H2   H N N 427 
TYR HA   H N N 428 
TYR HB2  H N N 429 
TYR HB3  H N N 430 
TYR HD1  H N N 431 
TYR HD2  H N N 432 
TYR HE1  H N N 433 
TYR HE2  H N N 434 
TYR HH   H N N 435 
TYR HXT  H N N 436 
VAL N    N N N 437 
VAL CA   C N S 438 
VAL C    C N N 439 
VAL O    O N N 440 
VAL CB   C N N 441 
VAL CG1  C N N 442 
VAL CG2  C N N 443 
VAL OXT  O N N 444 
VAL H    H N N 445 
VAL H2   H N N 446 
VAL HA   H N N 447 
VAL HB   H N N 448 
VAL HG11 H N N 449 
VAL HG12 H N N 450 
VAL HG13 H N N 451 
VAL HG21 H N N 452 
VAL HG22 H N N 453 
VAL HG23 H N N 454 
VAL HXT  H N N 455 
# 
loop_
_chem_comp_bond.comp_id 
_chem_comp_bond.atom_id_1 
_chem_comp_bond.atom_id_2 
_chem_comp_bond.value_order 
_chem_comp_bond.pdbx_aromatic_flag 
_chem_comp_bond.pdbx_stereo_config 
_chem_comp_bond.pdbx_ordinal 
ALA N   CA   sing N N 1   
ALA N   H    sing N N 2   
ALA N   H2   sing N N 3   
ALA CA  C    sing N N 4   
ALA CA  CB   sing N N 5   
ALA CA  HA   sing N N 6   
ALA C   O    doub N N 7   
ALA C   OXT  sing N N 8   
ALA CB  HB1  sing N N 9   
ALA CB  HB2  sing N N 10  
ALA CB  HB3  sing N N 11  
ALA OXT HXT  sing N N 12  
ARG N   CA   sing N N 13  
ARG N   H    sing N N 14  
ARG N   H2   sing N N 15  
ARG CA  C    sing N N 16  
ARG CA  CB   sing N N 17  
ARG CA  HA   sing N N 18  
ARG C   O    doub N N 19  
ARG C   OXT  sing N N 20  
ARG CB  CG   sing N N 21  
ARG CB  HB2  sing N N 22  
ARG CB  HB3  sing N N 23  
ARG CG  CD   sing N N 24  
ARG CG  HG2  sing N N 25  
ARG CG  HG3  sing N N 26  
ARG CD  NE   sing N N 27  
ARG CD  HD2  sing N N 28  
ARG CD  HD3  sing N N 29  
ARG NE  CZ   sing N N 30  
ARG NE  HE   sing N N 31  
ARG CZ  NH1  sing N N 32  
ARG CZ  NH2  doub N N 33  
ARG NH1 HH11 sing N N 34  
ARG NH1 HH12 sing N N 35  
ARG NH2 HH21 sing N N 36  
ARG NH2 HH22 sing N N 37  
ARG OXT HXT  sing N N 38  
ASN N   CA   sing N N 39  
ASN N   H    sing N N 40  
ASN N   H2   sing N N 41  
ASN CA  C    sing N N 42  
ASN CA  CB   sing N N 43  
ASN CA  HA   sing N N 44  
ASN C   O    doub N N 45  
ASN C   OXT  sing N N 46  
ASN CB  CG   sing N N 47  
ASN CB  HB2  sing N N 48  
ASN CB  HB3  sing N N 49  
ASN CG  OD1  doub N N 50  
ASN CG  ND2  sing N N 51  
ASN ND2 HD21 sing N N 52  
ASN ND2 HD22 sing N N 53  
ASN OXT HXT  sing N N 54  
ASP N   CA   sing N N 55  
ASP N   H    sing N N 56  
ASP N   H2   sing N N 57  
ASP CA  C    sing N N 58  
ASP CA  CB   sing N N 59  
ASP CA  HA   sing N N 60  
ASP C   O    doub N N 61  
ASP C   OXT  sing N N 62  
ASP CB  CG   sing N N 63  
ASP CB  HB2  sing N N 64  
ASP CB  HB3  sing N N 65  
ASP CG  OD1  doub N N 66  
ASP CG  OD2  sing N N 67  
ASP OD2 HD2  sing N N 68  
ASP OXT HXT  sing N N 69  
CYS N   CA   sing N N 70  
CYS N   H    sing N N 71  
CYS N   H2   sing N N 72  
CYS CA  C    sing N N 73  
CYS CA  CB   sing N N 74  
CYS CA  HA   sing N N 75  
CYS C   O    doub N N 76  
CYS C   OXT  sing N N 77  
CYS CB  SG   sing N N 78  
CYS CB  HB2  sing N N 79  
CYS CB  HB3  sing N N 80  
CYS SG  HG   sing N N 81  
CYS OXT HXT  sing N N 82  
GLN N   CA   sing N N 83  
GLN N   H    sing N N 84  
GLN N   H2   sing N N 85  
GLN CA  C    sing N N 86  
GLN CA  CB   sing N N 87  
GLN CA  HA   sing N N 88  
GLN C   O    doub N N 89  
GLN C   OXT  sing N N 90  
GLN CB  CG   sing N N 91  
GLN CB  HB2  sing N N 92  
GLN CB  HB3  sing N N 93  
GLN CG  CD   sing N N 94  
GLN CG  HG2  sing N N 95  
GLN CG  HG3  sing N N 96  
GLN CD  OE1  doub N N 97  
GLN CD  NE2  sing N N 98  
GLN NE2 HE21 sing N N 99  
GLN NE2 HE22 sing N N 100 
GLN OXT HXT  sing N N 101 
GLU N   CA   sing N N 102 
GLU N   H    sing N N 103 
GLU N   H2   sing N N 104 
GLU CA  C    sing N N 105 
GLU CA  CB   sing N N 106 
GLU CA  HA   sing N N 107 
GLU C   O    doub N N 108 
GLU C   OXT  sing N N 109 
GLU CB  CG   sing N N 110 
GLU CB  HB2  sing N N 111 
GLU CB  HB3  sing N N 112 
GLU CG  CD   sing N N 113 
GLU CG  HG2  sing N N 114 
GLU CG  HG3  sing N N 115 
GLU CD  OE1  doub N N 116 
GLU CD  OE2  sing N N 117 
GLU OE2 HE2  sing N N 118 
GLU OXT HXT  sing N N 119 
GLY N   CA   sing N N 120 
GLY N   H    sing N N 121 
GLY N   H2   sing N N 122 
GLY CA  C    sing N N 123 
GLY CA  HA2  sing N N 124 
GLY CA  HA3  sing N N 125 
GLY C   O    doub N N 126 
GLY C   OXT  sing N N 127 
GLY OXT HXT  sing N N 128 
HIS N   CA   sing N N 129 
HIS N   H    sing N N 130 
HIS N   H2   sing N N 131 
HIS CA  C    sing N N 132 
HIS CA  CB   sing N N 133 
HIS CA  HA   sing N N 134 
HIS C   O    doub N N 135 
HIS C   OXT  sing N N 136 
HIS CB  CG   sing N N 137 
HIS CB  HB2  sing N N 138 
HIS CB  HB3  sing N N 139 
HIS CG  ND1  sing Y N 140 
HIS CG  CD2  doub Y N 141 
HIS ND1 CE1  doub Y N 142 
HIS ND1 HD1  sing N N 143 
HIS CD2 NE2  sing Y N 144 
HIS CD2 HD2  sing N N 145 
HIS CE1 NE2  sing Y N 146 
HIS CE1 HE1  sing N N 147 
HIS NE2 HE2  sing N N 148 
HIS OXT HXT  sing N N 149 
HOH O   H1   sing N N 150 
HOH O   H2   sing N N 151 
I10 C1  C2   doub Y N 152 
I10 C1  C6   sing Y N 153 
I10 C1  H1   sing N N 154 
I10 C2  C3   sing Y N 155 
I10 C2  H2   sing N N 156 
I10 C3  C7   sing Y N 157 
I10 C3  C4   doub Y N 158 
I10 C7  C8   sing Y N 159 
I10 C7  C12  doub Y N 160 
I10 C8  C9   doub Y N 161 
I10 C8  H8   sing N N 162 
I10 C9  C10  sing Y N 163 
I10 C9  C13  sing N N 164 
I10 C10 C11  doub Y N 165 
I10 C10 H10  sing N N 166 
I10 C11 C12  sing Y N 167 
I10 C11 H11  sing N N 168 
I10 C12 H12  sing N N 169 
I10 C13 C14  sing N N 170 
I10 C13 C16  sing N N 171 
I10 C13 H13  sing N N 172 
I10 C14 N29  sing N N 173 
I10 C14 O15  doub N N 174 
I10 C16 C17  sing N N 175 
I10 C16 H161 sing N N 176 
I10 C16 H162 sing N N 177 
I10 C20 C17  sing N N 178 
I10 C20 H201 sing N N 179 
I10 C20 H202 sing N N 180 
I10 C20 H203 sing N N 181 
I10 C24 C17  sing N N 182 
I10 C24 H241 sing N N 183 
I10 C24 H242 sing N N 184 
I10 C24 H243 sing N N 185 
I10 N29 C30  sing N N 186 
I10 N29 HN2  sing N N 187 
I10 C30 C31  sing N N 188 
I10 C30 H301 sing N N 189 
I10 C30 H302 sing N N 190 
I10 C31 C35  sing N N 191 
I10 C31 O34  sing N N 192 
I10 C31 H31  sing N N 193 
I10 C35 N36  sing N N 194 
I10 C35 H351 sing N N 195 
I10 C35 H352 sing N N 196 
I10 C4  C5   sing Y N 197 
I10 C4  H4   sing N N 198 
I10 C5  C6   doub Y N 199 
I10 C5  H5   sing N N 200 
I10 C6  H6   sing N N 201 
I10 C17 H17  sing N N 202 
I10 O34 HO3  sing N N 203 
I10 N36 S39  sing N N 204 
I10 N36 HN3  sing N N 205 
I10 S39 O40  doub N N 206 
I10 S39 O41  doub N N 207 
I10 S39 C42  sing N N 208 
I10 C42 N43  doub Y N 209 
I10 C42 C47  sing Y N 210 
I10 N43 C44  sing Y N 211 
I10 C44 C45  doub Y N 212 
I10 C44 H44  sing N N 213 
I10 C45 C46  sing Y N 214 
I10 C45 H45  sing N N 215 
I10 C46 C47  doub Y N 216 
I10 C46 H46  sing N N 217 
I10 C47 H47  sing N N 218 
ILE N   CA   sing N N 219 
ILE N   H    sing N N 220 
ILE N   H2   sing N N 221 
ILE CA  C    sing N N 222 
ILE CA  CB   sing N N 223 
ILE CA  HA   sing N N 224 
ILE C   O    doub N N 225 
ILE C   OXT  sing N N 226 
ILE CB  CG1  sing N N 227 
ILE CB  CG2  sing N N 228 
ILE CB  HB   sing N N 229 
ILE CG1 CD1  sing N N 230 
ILE CG1 HG12 sing N N 231 
ILE CG1 HG13 sing N N 232 
ILE CG2 HG21 sing N N 233 
ILE CG2 HG22 sing N N 234 
ILE CG2 HG23 sing N N 235 
ILE CD1 HD11 sing N N 236 
ILE CD1 HD12 sing N N 237 
ILE CD1 HD13 sing N N 238 
ILE OXT HXT  sing N N 239 
LEU N   CA   sing N N 240 
LEU N   H    sing N N 241 
LEU N   H2   sing N N 242 
LEU CA  C    sing N N 243 
LEU CA  CB   sing N N 244 
LEU CA  HA   sing N N 245 
LEU C   O    doub N N 246 
LEU C   OXT  sing N N 247 
LEU CB  CG   sing N N 248 
LEU CB  HB2  sing N N 249 
LEU CB  HB3  sing N N 250 
LEU CG  CD1  sing N N 251 
LEU CG  CD2  sing N N 252 
LEU CG  HG   sing N N 253 
LEU CD1 HD11 sing N N 254 
LEU CD1 HD12 sing N N 255 
LEU CD1 HD13 sing N N 256 
LEU CD2 HD21 sing N N 257 
LEU CD2 HD22 sing N N 258 
LEU CD2 HD23 sing N N 259 
LEU OXT HXT  sing N N 260 
LYS N   CA   sing N N 261 
LYS N   H    sing N N 262 
LYS N   H2   sing N N 263 
LYS CA  C    sing N N 264 
LYS CA  CB   sing N N 265 
LYS CA  HA   sing N N 266 
LYS C   O    doub N N 267 
LYS C   OXT  sing N N 268 
LYS CB  CG   sing N N 269 
LYS CB  HB2  sing N N 270 
LYS CB  HB3  sing N N 271 
LYS CG  CD   sing N N 272 
LYS CG  HG2  sing N N 273 
LYS CG  HG3  sing N N 274 
LYS CD  CE   sing N N 275 
LYS CD  HD2  sing N N 276 
LYS CD  HD3  sing N N 277 
LYS CE  NZ   sing N N 278 
LYS CE  HE2  sing N N 279 
LYS CE  HE3  sing N N 280 
LYS NZ  HZ1  sing N N 281 
LYS NZ  HZ2  sing N N 282 
LYS NZ  HZ3  sing N N 283 
LYS OXT HXT  sing N N 284 
MET N   CA   sing N N 285 
MET N   H    sing N N 286 
MET N   H2   sing N N 287 
MET CA  C    sing N N 288 
MET CA  CB   sing N N 289 
MET CA  HA   sing N N 290 
MET C   O    doub N N 291 
MET C   OXT  sing N N 292 
MET CB  CG   sing N N 293 
MET CB  HB2  sing N N 294 
MET CB  HB3  sing N N 295 
MET CG  SD   sing N N 296 
MET CG  HG2  sing N N 297 
MET CG  HG3  sing N N 298 
MET SD  CE   sing N N 299 
MET CE  HE1  sing N N 300 
MET CE  HE2  sing N N 301 
MET CE  HE3  sing N N 302 
MET OXT HXT  sing N N 303 
PHE N   CA   sing N N 304 
PHE N   H    sing N N 305 
PHE N   H2   sing N N 306 
PHE CA  C    sing N N 307 
PHE CA  CB   sing N N 308 
PHE CA  HA   sing N N 309 
PHE C   O    doub N N 310 
PHE C   OXT  sing N N 311 
PHE CB  CG   sing N N 312 
PHE CB  HB2  sing N N 313 
PHE CB  HB3  sing N N 314 
PHE CG  CD1  doub Y N 315 
PHE CG  CD2  sing Y N 316 
PHE CD1 CE1  sing Y N 317 
PHE CD1 HD1  sing N N 318 
PHE CD2 CE2  doub Y N 319 
PHE CD2 HD2  sing N N 320 
PHE CE1 CZ   doub Y N 321 
PHE CE1 HE1  sing N N 322 
PHE CE2 CZ   sing Y N 323 
PHE CE2 HE2  sing N N 324 
PHE CZ  HZ   sing N N 325 
PHE OXT HXT  sing N N 326 
PRO N   CA   sing N N 327 
PRO N   CD   sing N N 328 
PRO N   H    sing N N 329 
PRO CA  C    sing N N 330 
PRO CA  CB   sing N N 331 
PRO CA  HA   sing N N 332 
PRO C   O    doub N N 333 
PRO C   OXT  sing N N 334 
PRO CB  CG   sing N N 335 
PRO CB  HB2  sing N N 336 
PRO CB  HB3  sing N N 337 
PRO CG  CD   sing N N 338 
PRO CG  HG2  sing N N 339 
PRO CG  HG3  sing N N 340 
PRO CD  HD2  sing N N 341 
PRO CD  HD3  sing N N 342 
PRO OXT HXT  sing N N 343 
SER N   CA   sing N N 344 
SER N   H    sing N N 345 
SER N   H2   sing N N 346 
SER CA  C    sing N N 347 
SER CA  CB   sing N N 348 
SER CA  HA   sing N N 349 
SER C   O    doub N N 350 
SER C   OXT  sing N N 351 
SER CB  OG   sing N N 352 
SER CB  HB2  sing N N 353 
SER CB  HB3  sing N N 354 
SER OG  HG   sing N N 355 
SER OXT HXT  sing N N 356 
THR N   CA   sing N N 357 
THR N   H    sing N N 358 
THR N   H2   sing N N 359 
THR CA  C    sing N N 360 
THR CA  CB   sing N N 361 
THR CA  HA   sing N N 362 
THR C   O    doub N N 363 
THR C   OXT  sing N N 364 
THR CB  OG1  sing N N 365 
THR CB  CG2  sing N N 366 
THR CB  HB   sing N N 367 
THR OG1 HG1  sing N N 368 
THR CG2 HG21 sing N N 369 
THR CG2 HG22 sing N N 370 
THR CG2 HG23 sing N N 371 
THR OXT HXT  sing N N 372 
TRP N   CA   sing N N 373 
TRP N   H    sing N N 374 
TRP N   H2   sing N N 375 
TRP CA  C    sing N N 376 
TRP CA  CB   sing N N 377 
TRP CA  HA   sing N N 378 
TRP C   O    doub N N 379 
TRP C   OXT  sing N N 380 
TRP CB  CG   sing N N 381 
TRP CB  HB2  sing N N 382 
TRP CB  HB3  sing N N 383 
TRP CG  CD1  doub Y N 384 
TRP CG  CD2  sing Y N 385 
TRP CD1 NE1  sing Y N 386 
TRP CD1 HD1  sing N N 387 
TRP CD2 CE2  doub Y N 388 
TRP CD2 CE3  sing Y N 389 
TRP NE1 CE2  sing Y N 390 
TRP NE1 HE1  sing N N 391 
TRP CE2 CZ2  sing Y N 392 
TRP CE3 CZ3  doub Y N 393 
TRP CE3 HE3  sing N N 394 
TRP CZ2 CH2  doub Y N 395 
TRP CZ2 HZ2  sing N N 396 
TRP CZ3 CH2  sing Y N 397 
TRP CZ3 HZ3  sing N N 398 
TRP CH2 HH2  sing N N 399 
TRP OXT HXT  sing N N 400 
TYR N   CA   sing N N 401 
TYR N   H    sing N N 402 
TYR N   H2   sing N N 403 
TYR CA  C    sing N N 404 
TYR CA  CB   sing N N 405 
TYR CA  HA   sing N N 406 
TYR C   O    doub N N 407 
TYR C   OXT  sing N N 408 
TYR CB  CG   sing N N 409 
TYR CB  HB2  sing N N 410 
TYR CB  HB3  sing N N 411 
TYR CG  CD1  doub Y N 412 
TYR CG  CD2  sing Y N 413 
TYR CD1 CE1  sing Y N 414 
TYR CD1 HD1  sing N N 415 
TYR CD2 CE2  doub Y N 416 
TYR CD2 HD2  sing N N 417 
TYR CE1 CZ   doub Y N 418 
TYR CE1 HE1  sing N N 419 
TYR CE2 CZ   sing Y N 420 
TYR CE2 HE2  sing N N 421 
TYR CZ  OH   sing N N 422 
TYR OH  HH   sing N N 423 
TYR OXT HXT  sing N N 424 
VAL N   CA   sing N N 425 
VAL N   H    sing N N 426 
VAL N   H2   sing N N 427 
VAL CA  C    sing N N 428 
VAL CA  CB   sing N N 429 
VAL CA  HA   sing N N 430 
VAL C   O    doub N N 431 
VAL C   OXT  sing N N 432 
VAL CB  CG1  sing N N 433 
VAL CB  CG2  sing N N 434 
VAL CB  HB   sing N N 435 
VAL CG1 HG11 sing N N 436 
VAL CG1 HG12 sing N N 437 
VAL CG1 HG13 sing N N 438 
VAL CG2 HG21 sing N N 439 
VAL CG2 HG22 sing N N 440 
VAL CG2 HG23 sing N N 441 
VAL OXT HXT  sing N N 442 
# 
_pdbx_initial_refinement_model.id               1 
_pdbx_initial_refinement_model.entity_id_list   ? 
_pdbx_initial_refinement_model.type             'experimental model' 
_pdbx_initial_refinement_model.source_name      PDB 
_pdbx_initial_refinement_model.accession_code   1ATK 
_pdbx_initial_refinement_model.details          ? 
# 
_atom_sites.entry_id                    1BGO 
_atom_sites.fract_transf_matrix[1][1]   0.00697596 
_atom_sites.fract_transf_matrix[1][2]   0.01211024 
_atom_sites.fract_transf_matrix[1][3]   0.00008105 
_atom_sites.fract_transf_matrix[2][1]   -0.01184414 
_atom_sites.fract_transf_matrix[2][2]   0.00684188 
_atom_sites.fract_transf_matrix[2][3]   -0.00286943 
_atom_sites.fract_transf_matrix[3][1]   -0.00328082 
_atom_sites.fract_transf_matrix[3][2]   0.00177098 
_atom_sites.fract_transf_matrix[3][3]   0.01776499 
_atom_sites.fract_transf_vector[1]      0.399106 
_atom_sites.fract_transf_vector[2]      0.193949 
_atom_sites.fract_transf_vector[3]      -0.004323 
# 
loop_
_atom_type.symbol 
C 
H 
N 
O 
S 
# 
loop_
_atom_site.group_PDB 
_atom_site.id 
_atom_site.type_symbol 
_atom_site.label_atom_id 
_atom_site.label_alt_id 
_atom_site.label_comp_id 
_atom_site.label_asym_id 
_atom_site.label_entity_id 
_atom_site.label_seq_id 
_atom_site.pdbx_PDB_ins_code 
_atom_site.Cartn_x 
_atom_site.Cartn_y 
_atom_site.Cartn_z 
_atom_site.occupancy 
_atom_site.B_iso_or_equiv 
_atom_site.pdbx_formal_charge 
_atom_site.auth_seq_id 
_atom_site.auth_comp_id 
_atom_site.auth_asym_id 
_atom_site.auth_atom_id 
_atom_site.pdbx_PDB_model_num 
ATOM   1    N N   . ALA A 1 1   ? -5.617  4.809   20.607  1.00 15.00 ? 1   ALA A N   1 
ATOM   2    C CA  . ALA A 1 1   ? -5.043  3.766   19.714  1.00 15.00 ? 1   ALA A CA  1 
ATOM   3    C C   . ALA A 1 1   ? -4.061  2.838   20.439  1.00 15.00 ? 1   ALA A C   1 
ATOM   4    O O   . ALA A 1 1   ? -3.429  3.235   21.426  1.00 15.00 ? 1   ALA A O   1 
ATOM   5    C CB  . ALA A 1 1   ? -4.347  4.439   18.546  1.00 15.00 ? 1   ALA A CB  1 
ATOM   6    N N   . PRO A 1 2   ? -4.005  1.564   20.034  1.00 15.00 ? 2   PRO A N   1 
ATOM   7    C CA  . PRO A 1 2   ? -3.052  0.675   20.710  1.00 15.00 ? 2   PRO A CA  1 
ATOM   8    C C   . PRO A 1 2   ? -1.589  1.195   20.541  1.00 15.00 ? 2   PRO A C   1 
ATOM   9    O O   . PRO A 1 2   ? -1.300  2.007   19.653  1.00 15.00 ? 2   PRO A O   1 
ATOM   10   C CB  . PRO A 1 2   ? -3.286  -0.670  20.002  1.00 15.00 ? 2   PRO A CB  1 
ATOM   11   C CG  . PRO A 1 2   ? -4.773  -0.565  19.511  1.00 15.00 ? 2   PRO A CG  1 
ATOM   12   C CD  . PRO A 1 2   ? -4.871  0.850   19.069  1.00 15.00 ? 2   PRO A CD  1 
ATOM   13   N N   . ASP A 1 3   ? -0.704  0.761   21.439  1.00 15.00 ? 3   ASP A N   1 
ATOM   14   C CA  . ASP A 1 3   ? 0.727   1.132   21.428  1.00 15.00 ? 3   ASP A CA  1 
ATOM   15   C C   . ASP A 1 3   ? 1.465   0.556   20.223  1.00 15.00 ? 3   ASP A C   1 
ATOM   16   O O   . ASP A 1 3   ? 2.514   1.057   19.805  1.00 15.00 ? 3   ASP A O   1 
ATOM   17   C CB  . ASP A 1 3   ? 1.443   0.634   22.695  1.00 15.00 ? 3   ASP A CB  1 
ATOM   18   C CG  . ASP A 1 3   ? 1.259   1.560   23.878  1.00 15.00 ? 3   ASP A CG  1 
ATOM   19   O OD1 . ASP A 1 3   ? 1.526   2.773   23.714  1.00 15.00 ? 3   ASP A OD1 1 
ATOM   20   O OD2 . ASP A 1 3   ? 0.886   1.067   24.970  1.00 15.00 ? 3   ASP A OD2 1 
ATOM   21   N N   . SER A 1 4   ? 0.962   -0.570  19.741  1.00 15.00 ? 4   SER A N   1 
ATOM   22   C CA  . SER A 1 4   ? 1.527   -1.221  18.584  1.00 15.00 ? 4   SER A CA  1 
ATOM   23   C C   . SER A 1 4   ? 0.489   -2.127  17.971  1.00 15.00 ? 4   SER A C   1 
ATOM   24   O O   . SER A 1 4   ? -0.230  -2.848  18.688  1.00 15.00 ? 4   SER A O   1 
ATOM   25   C CB  . SER A 1 4   ? 2.787   -2.013  18.943  1.00 15.00 ? 4   SER A CB  1 
ATOM   26   O OG  . SER A 1 4   ? 2.507   -3.092  19.809  1.00 15.00 ? 4   SER A OG  1 
ATOM   27   N N   . VAL A 1 5   ? 0.498   -2.148  16.637  1.00 15.00 ? 5   VAL A N   1 
ATOM   28   C CA  . VAL A 1 5   ? -0.424  -2.954  15.854  1.00 15.00 ? 5   VAL A CA  1 
ATOM   29   C C   . VAL A 1 5   ? 0.356   -3.575  14.707  1.00 15.00 ? 5   VAL A C   1 
ATOM   30   O O   . VAL A 1 5   ? 1.302   -2.981  14.203  1.00 15.00 ? 5   VAL A O   1 
ATOM   31   C CB  . VAL A 1 5   ? -1.602  -2.101  15.304  1.00 15.00 ? 5   VAL A CB  1 
ATOM   32   C CG1 . VAL A 1 5   ? -2.669  -3.003  14.746  1.00 15.00 ? 5   VAL A CG1 1 
ATOM   33   C CG2 . VAL A 1 5   ? -2.184  -1.243  16.413  1.00 15.00 ? 5   VAL A CG2 1 
ATOM   34   N N   . ASP A 1 6   ? -0.030  -4.782  14.320  1.00 15.00 ? 6   ASP A N   1 
ATOM   35   C CA  . ASP A 1 6   ? 0.620   -5.521  13.237  1.00 15.00 ? 6   ASP A CA  1 
ATOM   36   C C   . ASP A 1 6   ? -0.446  -6.425  12.576  1.00 15.00 ? 6   ASP A C   1 
ATOM   37   O O   . ASP A 1 6   ? -0.803  -7.513  13.068  1.00 15.00 ? 6   ASP A O   1 
ATOM   38   C CB  . ASP A 1 6   ? 1.822   -6.332  13.785  1.00 15.00 ? 6   ASP A CB  1 
ATOM   39   C CG  . ASP A 1 6   ? 2.782   -6.841  12.671  1.00 15.00 ? 6   ASP A CG  1 
ATOM   40   O OD1 . ASP A 1 6   ? 2.678   -6.395  11.511  1.00 15.00 ? 6   ASP A OD1 1 
ATOM   41   O OD2 . ASP A 1 6   ? 3.687   -7.659  12.972  1.00 15.00 ? 6   ASP A OD2 1 
ATOM   42   N N   . TYR A 1 7   ? -1.025  -5.920  11.501  1.00 15.00 ? 7   TYR A N   1 
ATOM   43   C CA  . TYR A 1 7   ? -2.074  -6.644  10.803  1.00 15.00 ? 7   TYR A CA  1 
ATOM   44   C C   . TYR A 1 7   ? -1.624  -7.895  10.081  1.00 15.00 ? 7   TYR A C   1 
ATOM   45   O O   . TYR A 1 7   ? -2.430  -8.576  9.449   1.00 15.00 ? 7   TYR A O   1 
ATOM   46   C CB  . TYR A 1 7   ? -2.851  -5.713  9.855   1.00 15.00 ? 7   TYR A CB  1 
ATOM   47   C CG  . TYR A 1 7   ? -3.726  -4.733  10.609  1.00 15.00 ? 7   TYR A CG  1 
ATOM   48   C CD1 . TYR A 1 7   ? -4.986  -5.124  11.093  1.00 15.00 ? 7   TYR A CD1 1 
ATOM   49   C CD2 . TYR A 1 7   ? -3.289  -3.419  10.847  1.00 15.00 ? 7   TYR A CD2 1 
ATOM   50   C CE1 . TYR A 1 7   ? -5.790  -4.245  11.788  1.00 15.00 ? 7   TYR A CE1 1 
ATOM   51   C CE2 . TYR A 1 7   ? -4.087  -2.518  11.550  1.00 15.00 ? 7   TYR A CE2 1 
ATOM   52   C CZ  . TYR A 1 7   ? -5.340  -2.938  12.013  1.00 15.00 ? 7   TYR A CZ  1 
ATOM   53   O OH  . TYR A 1 7   ? -6.171  -2.043  12.653  1.00 15.00 ? 7   TYR A OH  1 
ATOM   54   N N   . ARG A 1 8   ? -0.346  -8.226  10.197  1.00 15.00 ? 8   ARG A N   1 
ATOM   55   C CA  . ARG A 1 8   ? 0.199   -9.431  9.565   1.00 15.00 ? 8   ARG A CA  1 
ATOM   56   C C   . ARG A 1 8   ? -0.163  -10.586 10.469  1.00 15.00 ? 8   ARG A C   1 
ATOM   57   O O   . ARG A 1 8   ? -0.681  -11.604 10.028  1.00 15.00 ? 8   ARG A O   1 
ATOM   58   C CB  . ARG A 1 8   ? 1.718   -9.351  9.439   1.00 15.00 ? 8   ARG A CB  1 
ATOM   59   C CG  . ARG A 1 8   ? 2.190   -8.415  8.347   1.00 15.00 ? 8   ARG A CG  1 
ATOM   60   C CD  . ARG A 1 8   ? 3.722   -8.341  8.334   1.00 15.00 ? 8   ARG A CD  1 
ATOM   61   N NE  . ARG A 1 8   ? 4.249   -7.978  9.642   1.00 15.00 ? 8   ARG A NE  1 
ATOM   62   C CZ  . ARG A 1 8   ? 5.500   -7.626  9.875   1.00 15.00 ? 8   ARG A CZ  1 
ATOM   63   N NH1 . ARG A 1 8   ? 6.363   -7.586  8.877   1.00 15.00 ? 8   ARG A NH1 1 
ATOM   64   N NH2 . ARG A 1 8   ? 5.874   -7.312  11.109  1.00 15.00 ? 8   ARG A NH2 1 
ATOM   65   N N   . LYS A 1 9   ? 0.066   -10.399 11.759  1.00 15.00 ? 9   LYS A N   1 
ATOM   66   C CA  . LYS A 1 9   ? -0.271  -11.431 12.742  1.00 15.00 ? 9   LYS A CA  1 
ATOM   67   C C   . LYS A 1 9   ? -1.794  -11.540 12.880  1.00 15.00 ? 9   LYS A C   1 
ATOM   68   O O   . LYS A 1 9   ? -2.306  -12.464 13.519  1.00 15.00 ? 9   LYS A O   1 
ATOM   69   C CB  . LYS A 1 9   ? 0.337   -11.064 14.092  1.00 15.00 ? 9   LYS A CB  1 
ATOM   70   C CG  . LYS A 1 9   ? 1.808   -10.860 14.043  1.00 15.00 ? 9   LYS A CG  1 
ATOM   71   C CD  . LYS A 1 9   ? 2.313   -10.452 15.417  1.00 15.00 ? 9   LYS A CD  1 
ATOM   72   C CE  . LYS A 1 9   ? 3.834   -10.518 15.472  1.00 15.00 ? 9   LYS A CE  1 
ATOM   73   N NZ  . LYS A 1 9   ? 4.345   -10.271 16.855  1.00 15.00 ? 9   LYS A NZ  1 
ATOM   74   N N   . LYS A 1 10  ? -2.522  -10.602 12.272  1.00 15.00 ? 10  LYS A N   1 
ATOM   75   C CA  . LYS A 1 10  ? -3.972  -10.617 12.348  1.00 15.00 ? 10  LYS A CA  1 
ATOM   76   C C   . LYS A 1 10  ? -4.649  -11.148 11.089  1.00 15.00 ? 10  LYS A C   1 
ATOM   77   O O   . LYS A 1 10  ? -5.882  -11.158 10.996  1.00 15.00 ? 10  LYS A O   1 
ATOM   78   C CB  . LYS A 1 10  ? -4.467  -9.219  12.714  1.00 15.00 ? 10  LYS A CB  1 
ATOM   79   C CG  . LYS A 1 10  ? -3.926  -8.776  14.068  1.00 15.00 ? 10  LYS A CG  1 
ATOM   80   C CD  . LYS A 1 10  ? -4.113  -7.301  14.304  1.00 15.00 ? 10  LYS A CD  1 
ATOM   81   C CE  . LYS A 1 10  ? -5.585  -6.909  14.148  1.00 15.00 ? 10  LYS A CE  1 
ATOM   82   N NZ  . LYS A 1 10  ? -6.466  -7.614  15.126  1.00 15.00 ? 10  LYS A NZ  1 
ATOM   83   N N   . GLY A 1 11  ? -3.825  -11.609 10.148  1.00 15.00 ? 11  GLY A N   1 
ATOM   84   C CA  . GLY A 1 11  ? -4.307  -12.154 8.890   1.00 15.00 ? 11  GLY A CA  1 
ATOM   85   C C   . GLY A 1 11  ? -4.919  -11.135 7.945   1.00 15.00 ? 11  GLY A C   1 
ATOM   86   O O   . GLY A 1 11  ? -5.884  -11.448 7.247   1.00 15.00 ? 11  GLY A O   1 
ATOM   87   N N   . TYR A 1 12  ? -4.389  -9.913  7.918   1.00 15.00 ? 12  TYR A N   1 
ATOM   88   C CA  . TYR A 1 12  ? -4.927  -8.879  7.033   1.00 15.00 ? 12  TYR A CA  1 
ATOM   89   C C   . TYR A 1 12  ? -4.110  -8.709  5.759   1.00 15.00 ? 12  TYR A C   1 
ATOM   90   O O   . TYR A 1 12  ? -4.612  -8.313  4.727   1.00 15.00 ? 12  TYR A O   1 
ATOM   91   C CB  . TYR A 1 12  ? -4.971  -7.538  7.757   1.00 15.00 ? 12  TYR A CB  1 
ATOM   92   C CG  . TYR A 1 12  ? -6.158  -7.365  8.671   1.00 15.00 ? 12  TYR A CG  1 
ATOM   93   C CD1 . TYR A 1 12  ? -6.399  -8.258  9.716   1.00 15.00 ? 12  TYR A CD1 1 
ATOM   94   C CD2 . TYR A 1 12  ? -7.048  -6.308  8.478   1.00 15.00 ? 12  TYR A CD2 1 
ATOM   95   C CE1 . TYR A 1 12  ? -7.502  -8.106  10.538  1.00 15.00 ? 12  TYR A CE1 1 
ATOM   96   C CE2 . TYR A 1 12  ? -8.146  -6.130  9.285   1.00 15.00 ? 12  TYR A CE2 1 
ATOM   97   C CZ  . TYR A 1 12  ? -8.382  -7.034  10.316  1.00 15.00 ? 12  TYR A CZ  1 
ATOM   98   O OH  . TYR A 1 12  ? -9.516  -6.904  11.107  1.00 15.00 ? 12  TYR A OH  1 
ATOM   99   N N   . VAL A 1 13  ? -2.856  -9.107  5.826   1.00 15.00 ? 13  VAL A N   1 
ATOM   100  C CA  . VAL A 1 13  ? -1.910  -8.937  4.738   1.00 15.00 ? 13  VAL A CA  1 
ATOM   101  C C   . VAL A 1 13  ? -1.686  -10.192 3.871   1.00 15.00 ? 13  VAL A C   1 
ATOM   102  O O   . VAL A 1 13  ? -1.582  -11.297 4.391   1.00 15.00 ? 13  VAL A O   1 
ATOM   103  C CB  . VAL A 1 13  ? -0.597  -8.418  5.387   1.00 15.00 ? 13  VAL A CB  1 
ATOM   104  C CG1 . VAL A 1 13  ? 0.428   -8.017  4.354   1.00 15.00 ? 13  VAL A CG1 1 
ATOM   105  C CG2 . VAL A 1 13  ? -0.923  -7.237  6.273   1.00 15.00 ? 13  VAL A CG2 1 
ATOM   106  N N   . THR A 1 14  ? -1.706  -10.040 2.550   1.00 15.00 ? 14  THR A N   1 
ATOM   107  C CA  . THR A 1 14  ? -1.461  -11.171 1.644   1.00 15.00 ? 14  THR A CA  1 
ATOM   108  C C   . THR A 1 14  ? 0.073   -11.235 1.403   1.00 15.00 ? 14  THR A C   1 
ATOM   109  O O   . THR A 1 14  ? 0.814   -10.359 1.878   1.00 15.00 ? 14  THR A O   1 
ATOM   110  C CB  . THR A 1 14  ? -2.165  -10.941 0.320   1.00 15.00 ? 14  THR A CB  1 
ATOM   111  O OG1 . THR A 1 14  ? -1.608  -9.785  -0.312  1.00 15.00 ? 14  THR A OG1 1 
ATOM   112  C CG2 . THR A 1 14  ? -3.662  -10.708 0.553   1.00 15.00 ? 14  THR A CG2 1 
ATOM   113  N N   . PRO A 1 15  ? 0.590   -12.296 0.740   1.00 15.00 ? 15  PRO A N   1 
ATOM   114  C CA  . PRO A 1 15  ? 2.051   -12.325 0.533   1.00 15.00 ? 15  PRO A CA  1 
ATOM   115  C C   . PRO A 1 15  ? 2.709   -11.101 -0.113  1.00 15.00 ? 15  PRO A C   1 
ATOM   116  O O   . PRO A 1 15  ? 2.023   -10.283 -0.727  1.00 15.00 ? 15  PRO A O   1 
ATOM   117  C CB  . PRO A 1 15  ? 2.237   -13.561 -0.333  1.00 15.00 ? 15  PRO A CB  1 
ATOM   118  C CG  . PRO A 1 15  ? 1.280   -14.501 0.313   1.00 15.00 ? 15  PRO A CG  1 
ATOM   119  C CD  . PRO A 1 15  ? 0.006   -13.624 0.444   1.00 15.00 ? 15  PRO A CD  1 
ATOM   120  N N   . VAL A 1 16  ? 4.027   -10.940 0.049   1.00 15.00 ? 16  VAL A N   1 
ATOM   121  C CA  . VAL A 1 16  ? 4.695   -9.805  -0.611  1.00 15.00 ? 16  VAL A CA  1 
ATOM   122  C C   . VAL A 1 16  ? 4.785   -10.169 -2.098  1.00 15.00 ? 16  VAL A C   1 
ATOM   123  O O   . VAL A 1 16  ? 5.073   -11.316 -2.470  1.00 15.00 ? 16  VAL A O   1 
ATOM   124  C CB  . VAL A 1 16  ? 6.113   -9.461  -0.022  1.00 15.00 ? 16  VAL A CB  1 
ATOM   125  C CG1 . VAL A 1 16  ? 6.710   -8.214  -0.694  1.00 15.00 ? 16  VAL A CG1 1 
ATOM   126  C CG2 . VAL A 1 16  ? 6.013   -9.210  1.480   1.00 15.00 ? 16  VAL A CG2 1 
ATOM   127  N N   . LYS A 1 17  ? 4.504   -9.190  -2.944  1.00 15.00 ? 17  LYS A N   1 
ATOM   128  C CA  . LYS A 1 17  ? 4.529   -9.402  -4.382  1.00 15.00 ? 17  LYS A CA  1 
ATOM   129  C C   . LYS A 1 17  ? 5.708   -8.664  -5.015  1.00 15.00 ? 17  LYS A C   1 
ATOM   130  O O   . LYS A 1 17  ? 6.505   -8.004  -4.315  1.00 15.00 ? 17  LYS A O   1 
ATOM   131  C CB  . LYS A 1 17  ? 3.226   -8.919  -4.993  1.00 15.00 ? 17  LYS A CB  1 
ATOM   132  C CG  . LYS A 1 17  ? 1.938   -9.265  -4.217  1.00 15.00 ? 17  LYS A CG  1 
ATOM   133  C CD  . LYS A 1 17  ? 1.672   -10.736 -4.160  1.00 15.00 ? 17  LYS A CD  1 
ATOM   134  C CE  . LYS A 1 17  ? 0.210   -11.015 -3.962  1.00 15.00 ? 17  LYS A CE  1 
ATOM   135  N NZ  . LYS A 1 17  ? -0.246  -10.526 -2.655  1.00 15.00 ? 17  LYS A NZ  1 
ATOM   136  N N   . ASN A 1 18  ? 5.813   -8.771  -6.333  1.00 15.00 ? 18  ASN A N   1 
ATOM   137  C CA  . ASN A 1 18  ? 6.888   -8.109  -7.022  1.00 15.00 ? 18  ASN A CA  1 
ATOM   138  C C   . ASN A 1 18  ? 6.339   -7.437  -8.243  1.00 15.00 ? 18  ASN A C   1 
ATOM   139  O O   . ASN A 1 18  ? 5.758   -8.080  -9.133  1.00 15.00 ? 18  ASN A O   1 
ATOM   140  C CB  . ASN A 1 18  ? 7.980   -9.088  -7.421  1.00 15.00 ? 18  ASN A CB  1 
ATOM   141  C CG  . ASN A 1 18  ? 9.174   -8.386  -8.029  1.00 15.00 ? 18  ASN A CG  1 
ATOM   142  O OD1 . ASN A 1 18  ? 9.222   -7.143  -8.099  1.00 15.00 ? 18  ASN A OD1 1 
ATOM   143  N ND2 . ASN A 1 18  ? 10.163  -9.157  -8.435  1.00 15.00 ? 18  ASN A ND2 1 
ATOM   144  N N   . GLN A 1 19  ? 6.461   -6.121  -8.258  1.00 15.00 ? 19  GLN A N   1 
ATOM   145  C CA  . GLN A 1 19  ? 5.958   -5.364  -9.384  1.00 15.00 ? 19  GLN A CA  1 
ATOM   146  C C   . GLN A 1 19  ? 6.718   -5.627  -10.653 1.00 15.00 ? 19  GLN A C   1 
ATOM   147  O O   . GLN A 1 19  ? 6.150   -5.636  -11.734 1.00 15.00 ? 19  GLN A O   1 
ATOM   148  C CB  . GLN A 1 19  ? 5.973   -3.873  -9.074  1.00 15.00 ? 19  GLN A CB  1 
ATOM   149  C CG  . GLN A 1 19  ? 7.342   -3.291  -8.658  1.00 15.00 ? 19  GLN A CG  1 
ATOM   150  C CD  . GLN A 1 19  ? 7.218   -1.877  -8.124  1.00 15.00 ? 19  GLN A CD  1 
ATOM   151  O OE1 . GLN A 1 19  ? 6.277   -1.559  -7.393  1.00 15.00 ? 19  GLN A OE1 1 
ATOM   152  N NE2 . GLN A 1 19  ? 8.099   -0.989  -8.579  1.00 15.00 ? 19  GLN A NE2 1 
ATOM   153  N N   . GLY A 1 20  ? 7.988   -5.954  -10.516 1.00 15.00 ? 20  GLY A N   1 
ATOM   154  C CA  . GLY A 1 20  ? 8.776   -6.153  -11.710 1.00 15.00 ? 20  GLY A CA  1 
ATOM   155  C C   . GLY A 1 20  ? 9.125   -4.788  -12.308 1.00 15.00 ? 20  GLY A C   1 
ATOM   156  O O   . GLY A 1 20  ? 9.352   -3.809  -11.572 1.00 15.00 ? 20  GLY A O   1 
ATOM   157  N N   . GLN A 1 21  ? 9.119   -4.723  -13.643 1.00 15.00 ? 21  GLN A N   1 
ATOM   158  C CA  . GLN A 1 21  ? 9.453   -3.549  -14.502 1.00 15.00 ? 21  GLN A CA  1 
ATOM   159  C C   . GLN A 1 21  ? 8.412   -2.443  -14.638 1.00 15.00 ? 21  GLN A C   1 
ATOM   160  O O   . GLN A 1 21  ? 8.735   -1.315  -15.010 1.00 15.00 ? 21  GLN A O   1 
ATOM   161  C CB  . GLN A 1 21  ? 9.766   -4.063  -15.919 1.00 15.00 ? 21  GLN A CB  1 
ATOM   162  C CG  . GLN A 1 21  ? 8.570   -4.773  -16.631 1.00 15.00 ? 21  GLN A CG  1 
ATOM   163  C CD  . GLN A 1 21  ? 8.041   -6.013  -15.883 1.00 15.00 ? 21  GLN A CD  1 
ATOM   164  O OE1 . GLN A 1 21  ? 8.772   -7.000  -15.676 1.00 15.00 ? 21  GLN A OE1 1 
ATOM   165  N NE2 . GLN A 1 21  ? 6.777   -5.963  -15.470 1.00 15.00 ? 21  GLN A NE2 1 
ATOM   166  N N   . CYS A 1 22  ? 7.160   -2.832  -14.500 1.00 15.00 ? 22  CYS A N   1 
ATOM   167  C CA  . CYS A 1 22  ? 6.025   -1.945  -14.625 1.00 15.00 ? 22  CYS A CA  1 
ATOM   168  C C   . CYS A 1 22  ? 5.949   -0.987  -13.437 1.00 15.00 ? 22  CYS A C   1 
ATOM   169  O O   . CYS A 1 22  ? 6.173   -1.395  -12.284 1.00 15.00 ? 22  CYS A O   1 
ATOM   170  C CB  . CYS A 1 22  ? 4.762   -2.805  -14.651 1.00 15.00 ? 22  CYS A CB  1 
ATOM   171  S SG  . CYS A 1 22  ? 3.171   -1.920  -14.706 1.00 15.00 ? 22  CYS A SG  1 
ATOM   172  N N   . GLY A 1 23  ? 5.609   0.271   -13.703 1.00 15.00 ? 23  GLY A N   1 
ATOM   173  C CA  . GLY A 1 23  ? 5.465   1.225   -12.626 1.00 15.00 ? 23  GLY A CA  1 
ATOM   174  C C   . GLY A 1 23  ? 4.096   1.026   -12.018 1.00 15.00 ? 23  GLY A C   1 
ATOM   175  O O   . GLY A 1 23  ? 3.259   1.916   -12.102 1.00 15.00 ? 23  GLY A O   1 
ATOM   176  N N   . SER A 1 24  ? 3.877   -0.096  -11.336 1.00 15.00 ? 24  SER A N   1 
ATOM   177  C CA  . SER A 1 24  ? 2.559   -0.357  -10.743 1.00 15.00 ? 24  SER A CA  1 
ATOM   178  C C   . SER A 1 24  ? 2.491   -0.303  -9.213  1.00 15.00 ? 24  SER A C   1 
ATOM   179  O O   . SER A 1 24  ? 1.510   -0.790  -8.603  1.00 15.00 ? 24  SER A O   1 
ATOM   180  C CB  . SER A 1 24  ? 1.979   -1.671  -11.268 1.00 15.00 ? 24  SER A CB  1 
ATOM   181  O OG  . SER A 1 24  ? 2.847   -2.740  -10.956 1.00 15.00 ? 24  SER A OG  1 
ATOM   182  N N   . CYS A 1 25  ? 3.545   0.251   -8.601  1.00 15.00 ? 25  CYS A N   1 
ATOM   183  C CA  . CYS A 1 25  ? 3.613   0.382   -7.143  1.00 15.00 ? 25  CYS A CA  1 
ATOM   184  C C   . CYS A 1 25  ? 2.272   0.794   -6.568  1.00 15.00 ? 25  CYS A C   1 
ATOM   185  O O   . CYS A 1 25  ? 1.763   0.155   -5.647  1.00 15.00 ? 25  CYS A O   1 
ATOM   186  C CB  . CYS A 1 25  ? 4.699   1.366   -6.692  1.00 15.00 ? 25  CYS A CB  1 
ATOM   187  S SG  . CYS A 1 25  ? 4.648   3.079   -7.343  1.00 15.00 ? 25  CYS A SG  1 
ATOM   188  N N   . TRP A 1 26  ? 1.759   1.915   -7.082  1.00 15.00 ? 26  TRP A N   1 
ATOM   189  C CA  . TRP A 1 26  ? 0.470   2.497   -6.723  1.00 15.00 ? 26  TRP A CA  1 
ATOM   190  C C   . TRP A 1 26  ? -0.604  1.378   -6.721  1.00 15.00 ? 26  TRP A C   1 
ATOM   191  O O   . TRP A 1 26  ? -1.324  1.204   -5.736  1.00 15.00 ? 26  TRP A O   1 
ATOM   192  C CB  . TRP A 1 26  ? 0.110   3.645   -7.730  1.00 15.00 ? 26  TRP A CB  1 
ATOM   193  C CG  . TRP A 1 26  ? -0.054  3.203   -9.243  1.00 15.00 ? 26  TRP A CG  1 
ATOM   194  C CD1 . TRP A 1 26  ? 0.919   3.096   -10.204 1.00 15.00 ? 26  TRP A CD1 1 
ATOM   195  C CD2 . TRP A 1 26  ? -1.286  2.849   -9.907  1.00 15.00 ? 26  TRP A CD2 1 
ATOM   196  N NE1 . TRP A 1 26  ? 0.370   2.725   -11.403 1.00 15.00 ? 26  TRP A NE1 1 
ATOM   197  C CE2 . TRP A 1 26  ? -0.975  2.565   -11.256 1.00 15.00 ? 26  TRP A CE2 1 
ATOM   198  C CE3 . TRP A 1 26  ? -2.619  2.704   -9.477  1.00 15.00 ? 26  TRP A CE3 1 
ATOM   199  C CZ2 . TRP A 1 26  ? -1.938  2.148   -12.192 1.00 15.00 ? 26  TRP A CZ2 1 
ATOM   200  C CZ3 . TRP A 1 26  ? -3.590  2.271   -10.400 1.00 15.00 ? 26  TRP A CZ3 1 
ATOM   201  C CH2 . TRP A 1 26  ? -3.239  1.999   -11.751 1.00 15.00 ? 26  TRP A CH2 1 
ATOM   202  N N   . ALA A 1 27  ? -0.597  0.542   -7.755  1.00 15.00 ? 27  ALA A N   1 
ATOM   203  C CA  . ALA A 1 27  ? -1.539  -0.565  -7.861  1.00 15.00 ? 27  ALA A CA  1 
ATOM   204  C C   . ALA A 1 27  ? -1.381  -1.561  -6.728  1.00 15.00 ? 27  ALA A C   1 
ATOM   205  O O   . ALA A 1 27  ? -2.367  -2.103  -6.217  1.00 15.00 ? 27  ALA A O   1 
ATOM   206  C CB  . ALA A 1 27  ? -1.348  -1.263  -9.144  1.00 15.00 ? 27  ALA A CB  1 
ATOM   207  N N   . PHE A 1 28  ? -0.138  -1.849  -6.380  1.00 15.00 ? 28  PHE A N   1 
ATOM   208  C CA  . PHE A 1 28  ? 0.092   -2.770  -5.290  1.00 15.00 ? 28  PHE A CA  1 
ATOM   209  C C   . PHE A 1 28  ? -0.259  -2.102  -3.937  1.00 15.00 ? 28  PHE A C   1 
ATOM   210  O O   . PHE A 1 28  ? -0.868  -2.745  -3.072  1.00 15.00 ? 28  PHE A O   1 
ATOM   211  C CB  . PHE A 1 28  ? 1.532   -3.294  -5.311  1.00 15.00 ? 28  PHE A CB  1 
ATOM   212  C CG  . PHE A 1 28  ? 1.804   -4.293  -6.419  1.00 15.00 ? 28  PHE A CG  1 
ATOM   213  C CD1 . PHE A 1 28  ? 1.477   -5.640  -6.261  1.00 15.00 ? 28  PHE A CD1 1 
ATOM   214  C CD2 . PHE A 1 28  ? 2.364   -3.888  -7.621  1.00 15.00 ? 28  PHE A CD2 1 
ATOM   215  C CE1 . PHE A 1 28  ? 1.724   -6.569  -7.315  1.00 15.00 ? 28  PHE A CE1 1 
ATOM   216  C CE2 . PHE A 1 28  ? 2.598   -4.787  -8.651  1.00 15.00 ? 28  PHE A CE2 1 
ATOM   217  C CZ  . PHE A 1 28  ? 2.288   -6.120  -8.508  1.00 15.00 ? 28  PHE A CZ  1 
ATOM   218  N N   . SER A 1 29  ? -0.083  -0.786  -3.820  1.00 15.00 ? 29  SER A N   1 
ATOM   219  C CA  . SER A 1 29  ? -0.421  -0.094  -2.584  1.00 15.00 ? 29  SER A CA  1 
ATOM   220  C C   . SER A 1 29  ? -1.964  -0.109  -2.437  1.00 15.00 ? 29  SER A C   1 
ATOM   221  O O   . SER A 1 29  ? -2.491  -0.424  -1.360  1.00 15.00 ? 29  SER A O   1 
ATOM   222  C CB  . SER A 1 29  ? 0.143   1.326   -2.676  1.00 15.00 ? 29  SER A CB  1 
ATOM   223  O OG  . SER A 1 29  ? -0.197  2.143   -1.571  1.00 15.00 ? 29  SER A OG  1 
ATOM   224  N N   . SER A 1 30  ? -2.669  0.086   -3.554  1.00 15.00 ? 30  SER A N   1 
ATOM   225  C CA  . SER A 1 30  ? -4.144  0.123   -3.544  1.00 15.00 ? 30  SER A CA  1 
ATOM   226  C C   . SER A 1 30  ? -4.806  -1.202  -3.264  1.00 15.00 ? 30  SER A C   1 
ATOM   227  O O   . SER A 1 30  ? -5.894  -1.256  -2.682  1.00 15.00 ? 30  SER A O   1 
ATOM   228  C CB  . SER A 1 30  ? -4.673  0.583   -4.893  1.00 15.00 ? 30  SER A CB  1 
ATOM   229  O OG  . SER A 1 30  ? -3.991  1.712   -5.354  1.00 15.00 ? 30  SER A OG  1 
ATOM   230  N N   . VAL A 1 31  ? -4.229  -2.232  -3.860  1.00 15.00 ? 31  VAL A N   1 
ATOM   231  C CA  . VAL A 1 31  ? -4.702  -3.589  -3.769  1.00 15.00 ? 31  VAL A CA  1 
ATOM   232  C C   . VAL A 1 31  ? -4.503  -4.105  -2.362  1.00 15.00 ? 31  VAL A C   1 
ATOM   233  O O   . VAL A 1 31  ? -5.432  -4.667  -1.769  1.00 15.00 ? 31  VAL A O   1 
ATOM   234  C CB  . VAL A 1 31  ? -4.021  -4.391  -4.875  1.00 15.00 ? 31  VAL A CB  1 
ATOM   235  C CG1 . VAL A 1 31  ? -3.927  -5.850  -4.561  1.00 15.00 ? 31  VAL A CG1 1 
ATOM   236  C CG2 . VAL A 1 31  ? -4.849  -4.190  -6.138  1.00 15.00 ? 31  VAL A CG2 1 
ATOM   237  N N   . GLY A 1 32  ? -3.366  -3.747  -1.766  1.00 15.00 ? 32  GLY A N   1 
ATOM   238  C CA  . GLY A 1 32  ? -3.069  -4.150  -0.402  1.00 15.00 ? 32  GLY A CA  1 
ATOM   239  C C   . GLY A 1 32  ? -4.041  -3.530  0.585   1.00 15.00 ? 32  GLY A C   1 
ATOM   240  O O   . GLY A 1 32  ? -4.483  -4.220  1.497   1.00 15.00 ? 32  GLY A O   1 
ATOM   241  N N   . ALA A 1 33  ? -4.395  -2.247  0.423   1.00 15.00 ? 33  ALA A N   1 
ATOM   242  C CA  . ALA A 1 33  ? -5.348  -1.565  1.322   1.00 15.00 ? 33  ALA A CA  1 
ATOM   243  C C   . ALA A 1 33  ? -6.742  -2.165  1.109   1.00 15.00 ? 33  ALA A C   1 
ATOM   244  O O   . ALA A 1 33  ? -7.582  -2.220  2.017   1.00 15.00 ? 33  ALA A O   1 
ATOM   245  C CB  . ALA A 1 33  ? -5.355  -0.069  1.054   1.00 15.00 ? 33  ALA A CB  1 
ATOM   246  N N   . LEU A 1 34  ? -6.986  -2.627  -0.113  1.00 15.00 ? 34  LEU A N   1 
ATOM   247  C CA  . LEU A 1 34  ? -8.279  -3.229  -0.442  1.00 15.00 ? 34  LEU A CA  1 
ATOM   248  C C   . LEU A 1 34  ? -8.390  -4.613  0.198   1.00 15.00 ? 34  LEU A C   1 
ATOM   249  O O   . LEU A 1 34  ? -9.447  -4.959  0.754   1.00 15.00 ? 34  LEU A O   1 
ATOM   250  C CB  . LEU A 1 34  ? -8.491  -3.283  -1.963  1.00 15.00 ? 34  LEU A CB  1 
ATOM   251  C CG  . LEU A 1 34  ? -8.851  -1.967  -2.659  1.00 15.00 ? 34  LEU A CG  1 
ATOM   252  C CD1 . LEU A 1 34  ? -8.932  -2.226  -4.165  1.00 15.00 ? 34  LEU A CD1 1 
ATOM   253  C CD2 . LEU A 1 34  ? -10.157 -1.422  -2.115  1.00 15.00 ? 34  LEU A CD2 1 
ATOM   254  N N   . GLU A 1 35  ? -7.306  -5.390  0.143   1.00 15.00 ? 35  GLU A N   1 
ATOM   255  C CA  . GLU A 1 35  ? -7.283  -6.727  0.766   1.00 15.00 ? 35  GLU A CA  1 
ATOM   256  C C   . GLU A 1 35  ? -7.463  -6.671  2.299   1.00 15.00 ? 35  GLU A C   1 
ATOM   257  O O   . GLU A 1 35  ? -8.017  -7.617  2.907   1.00 15.00 ? 35  GLU A O   1 
ATOM   258  C CB  . GLU A 1 35  ? -5.967  -7.445  0.450   1.00 15.00 ? 35  GLU A CB  1 
ATOM   259  C CG  . GLU A 1 35  ? -5.783  -7.672  -1.035  1.00 15.00 ? 35  GLU A CG  1 
ATOM   260  C CD  . GLU A 1 35  ? -4.387  -8.098  -1.453  1.00 15.00 ? 35  GLU A CD  1 
ATOM   261  O OE1 . GLU A 1 35  ? -3.380  -7.930  -0.718  1.00 15.00 ? 35  GLU A OE1 1 
ATOM   262  O OE2 . GLU A 1 35  ? -4.295  -8.599  -2.578  1.00 15.00 ? 35  GLU A OE2 1 
ATOM   263  N N   . GLY A 1 36  ? -6.910  -5.627  2.925   1.00 15.00 ? 36  GLY A N   1 
ATOM   264  C CA  . GLY A 1 36  ? -7.033  -5.466  4.363   1.00 15.00 ? 36  GLY A CA  1 
ATOM   265  C C   . GLY A 1 36  ? -8.475  -5.218  4.760   1.00 15.00 ? 36  GLY A C   1 
ATOM   266  O O   . GLY A 1 36  ? -8.973  -5.773  5.747   1.00 15.00 ? 36  GLY A O   1 
ATOM   267  N N   . GLN A 1 37  ? -9.143  -4.362  3.985   1.00 15.00 ? 37  GLN A N   1 
ATOM   268  C CA  . GLN A 1 37  ? -10.548 -4.036  4.209   1.00 15.00 ? 37  GLN A CA  1 
ATOM   269  C C   . GLN A 1 37  ? -11.491 -5.216  3.873   1.00 15.00 ? 37  GLN A C   1 
ATOM   270  O O   . GLN A 1 37  ? -12.490 -5.375  4.556   1.00 15.00 ? 37  GLN A O   1 
ATOM   271  C CB  . GLN A 1 37  ? -10.983 -2.771  3.445   1.00 15.00 ? 37  GLN A CB  1 
ATOM   272  C CG  . GLN A 1 37  ? -10.443 -1.424  3.972   1.00 15.00 ? 37  GLN A CG  1 
ATOM   273  C CD  . GLN A 1 37  ? -10.463 -1.266  5.485   1.00 15.00 ? 37  GLN A CD  1 
ATOM   274  O OE1 . GLN A 1 37  ? -11.524 -1.216  6.115   1.00 15.00 ? 37  GLN A OE1 1 
ATOM   275  N NE2 . GLN A 1 37  ? -9.277  -1.107  6.064   1.00 15.00 ? 37  GLN A NE2 1 
ATOM   276  N N   . LEU A 1 38  ? -11.168 -6.049  2.872   1.00 15.00 ? 38  LEU A N   1 
ATOM   277  C CA  . LEU A 1 38  ? -11.995 -7.221  2.507   1.00 15.00 ? 38  LEU A CA  1 
ATOM   278  C C   . LEU A 1 38  ? -11.985 -8.287  3.620   1.00 15.00 ? 38  LEU A C   1 
ATOM   279  O O   . LEU A 1 38  ? -13.015 -8.944  3.907   1.00 15.00 ? 38  LEU A O   1 
ATOM   280  C CB  . LEU A 1 38  ? -11.523 -7.883  1.191   1.00 15.00 ? 38  LEU A CB  1 
ATOM   281  C CG  . LEU A 1 38  ? -12.259 -9.139  0.669   1.00 15.00 ? 38  LEU A CG  1 
ATOM   282  C CD1 . LEU A 1 38  ? -13.749 -8.904  0.507   1.00 15.00 ? 38  LEU A CD1 1 
ATOM   283  C CD2 . LEU A 1 38  ? -11.675 -9.658  -0.651  1.00 15.00 ? 38  LEU A CD2 1 
ATOM   284  N N   . LYS A 1 39  ? -10.813 -8.444  4.226   1.00 15.00 ? 39  LYS A N   1 
ATOM   285  C CA  . LYS A 1 39  ? -10.571 -9.394  5.302   1.00 15.00 ? 39  LYS A CA  1 
ATOM   286  C C   . LYS A 1 39  ? -11.443 -9.033  6.492   1.00 15.00 ? 39  LYS A C   1 
ATOM   287  O O   . LYS A 1 39  ? -12.095 -9.890  7.072   1.00 15.00 ? 39  LYS A O   1 
ATOM   288  C CB  . LYS A 1 39  ? -9.093  -9.315  5.704   1.00 15.00 ? 39  LYS A CB  1 
ATOM   289  C CG  . LYS A 1 39  ? -8.713  -10.062 6.956   1.00 15.00 ? 39  LYS A CG  1 
ATOM   290  C CD  . LYS A 1 39  ? -9.171  -11.480 6.830   1.00 15.00 ? 39  LYS A CD  1 
ATOM   291  C CE  . LYS A 1 39  ? -9.143  -12.202 8.151   1.00 15.00 ? 39  LYS A CE  1 
ATOM   292  N NZ  . LYS A 1 39  ? -8.877  -13.637 7.893   1.00 15.00 ? 39  LYS A NZ  1 
ATOM   293  N N   . LYS A 1 40  ? -11.459 -7.755  6.831   1.00 15.00 ? 40  LYS A N   1 
ATOM   294  C CA  . LYS A 1 40  ? -12.229 -7.245  7.950   1.00 15.00 ? 40  LYS A CA  1 
ATOM   295  C C   . LYS A 1 40  ? -13.728 -7.383  7.722   1.00 15.00 ? 40  LYS A C   1 
ATOM   296  O O   . LYS A 1 40  ? -14.509 -7.488  8.658   1.00 15.00 ? 40  LYS A O   1 
ATOM   297  C CB  . LYS A 1 40  ? -11.834 -5.787  8.158   1.00 15.00 ? 40  LYS A CB  1 
ATOM   298  C CG  . LYS A 1 40  ? -12.412 -5.112  9.379   1.00 15.00 ? 40  LYS A CG  1 
ATOM   299  C CD  . LYS A 1 40  ? -11.648 -3.818  9.638   1.00 15.00 ? 40  LYS A CD  1 
ATOM   300  C CE  . LYS A 1 40  ? -12.412 -2.882  10.569  1.00 15.00 ? 40  LYS A CE  1 
ATOM   301  N NZ  . LYS A 1 40  ? -11.595 -1.653  10.825  1.00 15.00 ? 40  LYS A NZ  1 
ATOM   302  N N   . LYS A 1 41  ? -14.109 -7.397  6.453   1.00 15.00 ? 41  LYS A N   1 
ATOM   303  C CA  . LYS A 1 41  ? -15.500 -7.491  6.048   1.00 15.00 ? 41  LYS A CA  1 
ATOM   304  C C   . LYS A 1 41  ? -16.037 -8.919  5.919   1.00 15.00 ? 41  LYS A C   1 
ATOM   305  O O   . LYS A 1 41  ? -17.108 -9.224  6.413   1.00 15.00 ? 41  LYS A O   1 
ATOM   306  C CB  . LYS A 1 41  ? -15.669 -6.780  4.709   1.00 15.00 ? 41  LYS A CB  1 
ATOM   307  C CG  . LYS A 1 41  ? -17.122 -6.570  4.317   1.00 15.00 ? 41  LYS A CG  1 
ATOM   308  C CD  . LYS A 1 41  ? -17.277 -6.252  2.852   1.00 15.00 ? 41  LYS A CD  1 
ATOM   309  C CE  . LYS A 1 41  ? -18.679 -6.653  2.378   1.00 15.00 ? 41  LYS A CE  1 
ATOM   310  N NZ  . LYS A 1 41  ? -19.721 -5.847  3.067   1.00 15.00 ? 41  LYS A NZ  1 
ATOM   311  N N   . THR A 1 42  ? -15.317 -9.788  5.219   1.00 15.00 ? 42  THR A N   1 
ATOM   312  C CA  . THR A 1 42  ? -15.792 -11.147 5.033   1.00 15.00 ? 42  THR A CA  1 
ATOM   313  C C   . THR A 1 42  ? -15.054 -12.247 5.811   1.00 15.00 ? 42  THR A C   1 
ATOM   314  O O   . THR A 1 42  ? -15.539 -13.385 5.899   1.00 15.00 ? 42  THR A O   1 
ATOM   315  C CB  . THR A 1 42  ? -15.827 -11.493 3.539   1.00 15.00 ? 42  THR A CB  1 
ATOM   316  O OG1 . THR A 1 42  ? -14.513 -11.360 2.983   1.00 15.00 ? 42  THR A OG1 1 
ATOM   317  C CG2 . THR A 1 42  ? -16.753 -10.559 2.813   1.00 15.00 ? 42  THR A CG2 1 
ATOM   318  N N   . GLY A 1 43  ? -13.903 -11.911 6.392   1.00 15.00 ? 43  GLY A N   1 
ATOM   319  C CA  . GLY A 1 43  ? -13.133 -12.892 7.129   1.00 15.00 ? 43  GLY A CA  1 
ATOM   320  C C   . GLY A 1 43  ? -12.241 -13.704 6.204   1.00 15.00 ? 43  GLY A C   1 
ATOM   321  O O   . GLY A 1 43  ? -11.577 -14.625 6.659   1.00 15.00 ? 43  GLY A O   1 
ATOM   322  N N   . LYS A 1 44  ? -12.260 -13.430 4.902   1.00 15.00 ? 44  LYS A N   1 
ATOM   323  C CA  . LYS A 1 44  ? -11.401 -14.172 3.993   1.00 15.00 ? 44  LYS A CA  1 
ATOM   324  C C   . LYS A 1 44  ? -10.286 -13.250 3.548   1.00 15.00 ? 44  LYS A C   1 
ATOM   325  O O   . LYS A 1 44  ? -10.511 -12.044 3.370   1.00 15.00 ? 44  LYS A O   1 
ATOM   326  C CB  . LYS A 1 44  ? -12.171 -14.611 2.753   1.00 15.00 ? 44  LYS A CB  1 
ATOM   327  C CG  . LYS A 1 44  ? -13.389 -15.464 3.032   1.00 15.00 ? 44  LYS A CG  1 
ATOM   328  C CD  . LYS A 1 44  ? -13.015 -16.861 3.516   1.00 15.00 ? 44  LYS A CD  1 
ATOM   329  C CE  . LYS A 1 44  ? -14.235 -17.797 3.454   1.00 15.00 ? 44  LYS A CE  1 
ATOM   330  N NZ  . LYS A 1 44  ? -14.902 -17.782 2.098   1.00 15.00 ? 44  LYS A NZ  1 
ATOM   331  N N   . LEU A 1 45  ? -9.089  -13.811 3.388   1.00 15.00 ? 45  LEU A N   1 
ATOM   332  C CA  . LEU A 1 45  ? -7.915  -13.059 2.907   1.00 15.00 ? 45  LEU A CA  1 
ATOM   333  C C   . LEU A 1 45  ? -7.739  -13.456 1.439   1.00 15.00 ? 45  LEU A C   1 
ATOM   334  O O   . LEU A 1 45  ? -7.404  -14.597 1.151   1.00 15.00 ? 45  LEU A O   1 
ATOM   335  C CB  . LEU A 1 45  ? -6.640  -13.447 3.687   1.00 15.00 ? 45  LEU A CB  1 
ATOM   336  C CG  . LEU A 1 45  ? -5.371  -12.677 3.286   1.00 15.00 ? 45  LEU A CG  1 
ATOM   337  C CD1 . LEU A 1 45  ? -5.618  -11.160 3.491   1.00 15.00 ? 45  LEU A CD1 1 
ATOM   338  C CD2 . LEU A 1 45  ? -4.151  -13.159 4.067   1.00 15.00 ? 45  LEU A CD2 1 
ATOM   339  N N   . LEU A 1 46  ? -7.964  -12.527 0.521   1.00 15.00 ? 46  LEU A N   1 
ATOM   340  C CA  . LEU A 1 46  ? -7.827  -12.804 -0.907  1.00 15.00 ? 46  LEU A CA  1 
ATOM   341  C C   . LEU A 1 46  ? -6.859  -11.868 -1.605  1.00 15.00 ? 46  LEU A C   1 
ATOM   342  O O   . LEU A 1 46  ? -6.761  -10.706 -1.254  1.00 15.00 ? 46  LEU A O   1 
ATOM   343  C CB  . LEU A 1 46  ? -9.190  -12.664 -1.583  1.00 15.00 ? 46  LEU A CB  1 
ATOM   344  C CG  . LEU A 1 46  ? -9.960  -13.943 -1.873  1.00 15.00 ? 46  LEU A CG  1 
ATOM   345  C CD1 . LEU A 1 46  ? -11.440 -13.645 -2.035  1.00 15.00 ? 46  LEU A CD1 1 
ATOM   346  C CD2 . LEU A 1 46  ? -9.377  -14.626 -3.123  1.00 15.00 ? 46  LEU A CD2 1 
ATOM   347  N N   . ASN A 1 47  ? -6.167  -12.374 -2.614  1.00 15.00 ? 47  ASN A N   1 
ATOM   348  C CA  . ASN A 1 47  ? -5.246  -11.559 -3.399  1.00 15.00 ? 47  ASN A CA  1 
ATOM   349  C C   . ASN A 1 47  ? -6.058  -10.819 -4.477  1.00 15.00 ? 47  ASN A C   1 
ATOM   350  O O   . ASN A 1 47  ? -6.692  -11.457 -5.299  1.00 15.00 ? 47  ASN A O   1 
ATOM   351  C CB  . ASN A 1 47  ? -4.193  -12.459 -4.056  1.00 15.00 ? 47  ASN A CB  1 
ATOM   352  C CG  . ASN A 1 47  ? -2.910  -12.559 -3.260  1.00 15.00 ? 47  ASN A CG  1 
ATOM   353  O OD1 . ASN A 1 47  ? -2.798  -12.056 -2.135  1.00 15.00 ? 47  ASN A OD1 1 
ATOM   354  N ND2 . ASN A 1 47  ? -1.916  -13.221 -3.858  1.00 15.00 ? 47  ASN A ND2 1 
ATOM   355  N N   . LEU A 1 48  ? -6.064  -9.486  -4.480  1.00 15.00 ? 48  LEU A N   1 
ATOM   356  C CA  . LEU A 1 48  ? -6.823  -8.721  -5.477  1.00 15.00 ? 48  LEU A CA  1 
ATOM   357  C C   . LEU A 1 48  ? -5.926  -8.355  -6.663  1.00 15.00 ? 48  LEU A C   1 
ATOM   358  O O   . LEU A 1 48  ? -4.705  -8.371  -6.548  1.00 15.00 ? 48  LEU A O   1 
ATOM   359  C CB  . LEU A 1 48  ? -7.485  -7.493  -4.836  1.00 15.00 ? 48  LEU A CB  1 
ATOM   360  C CG  . LEU A 1 48  ? -8.381  -7.707  -3.608  1.00 15.00 ? 48  LEU A CG  1 
ATOM   361  C CD1 . LEU A 1 48  ? -8.989  -6.406  -3.139  1.00 15.00 ? 48  LEU A CD1 1 
ATOM   362  C CD2 . LEU A 1 48  ? -9.507  -8.655  -3.954  1.00 15.00 ? 48  LEU A CD2 1 
ATOM   363  N N   . SER A 1 49  ? -6.542  -8.039  -7.797  1.00 15.00 ? 49  SER A N   1 
ATOM   364  C CA  . SER A 1 49  ? -5.859  -7.735  -9.067  1.00 15.00 ? 49  SER A CA  1 
ATOM   365  C C   . SER A 1 49  ? -5.183  -6.382  -9.448  1.00 15.00 ? 49  SER A C   1 
ATOM   366  O O   . SER A 1 49  ? -5.819  -5.525  -10.073 1.00 15.00 ? 49  SER A O   1 
ATOM   367  C CB  . SER A 1 49  ? -6.823  -8.088  -10.195 1.00 15.00 ? 49  SER A CB  1 
ATOM   368  O OG  . SER A 1 49  ? -6.197  -7.987  -11.468 1.00 15.00 ? 49  SER A OG  1 
ATOM   369  N N   . PRO A 1 50  ? -3.874  -6.197  -9.156  1.00 15.00 ? 50  PRO A N   1 
ATOM   370  C CA  . PRO A 1 50  ? -3.273  -4.921  -9.546  1.00 15.00 ? 50  PRO A CA  1 
ATOM   371  C C   . PRO A 1 50  ? -3.266  -4.724  -11.061 1.00 15.00 ? 50  PRO A C   1 
ATOM   372  O O   . PRO A 1 50  ? -3.250  -3.575  -11.543 1.00 15.00 ? 50  PRO A O   1 
ATOM   373  C CB  . PRO A 1 50  ? -1.863  -5.020  -8.999  1.00 15.00 ? 50  PRO A CB  1 
ATOM   374  C CG  . PRO A 1 50  ? -1.633  -6.468  -8.822  1.00 15.00 ? 50  PRO A CG  1 
ATOM   375  C CD  . PRO A 1 50  ? -2.926  -6.960  -8.336  1.00 15.00 ? 50  PRO A CD  1 
ATOM   376  N N   . GLN A 1 51  ? -3.343  -5.831  -11.813 1.00 15.00 ? 51  GLN A N   1 
ATOM   377  C CA  . GLN A 1 51  ? -3.377  -5.747  -13.277 1.00 15.00 ? 51  GLN A CA  1 
ATOM   378  C C   . GLN A 1 51  ? -4.691  -5.086  -13.698 1.00 15.00 ? 51  GLN A C   1 
ATOM   379  O O   . GLN A 1 51  ? -4.739  -4.395  -14.690 1.00 15.00 ? 51  GLN A O   1 
ATOM   380  C CB  . GLN A 1 51  ? -3.260  -7.135  -13.932 1.00 15.00 ? 51  GLN A CB  1 
ATOM   381  C CG  . GLN A 1 51  ? -3.022  -7.111  -15.439 1.00 15.00 ? 51  GLN A CG  1 
ATOM   382  C CD  . GLN A 1 51  ? -1.666  -6.554  -15.809 1.00 15.00 ? 51  GLN A CD  1 
ATOM   383  O OE1 . GLN A 1 51  ? -0.687  -6.823  -15.124 1.00 15.00 ? 51  GLN A OE1 1 
ATOM   384  N NE2 . GLN A 1 51  ? -1.598  -5.774  -16.879 1.00 15.00 ? 51  GLN A NE2 1 
ATOM   385  N N   . ASN A 1 52  ? -5.764  -5.423  -13.002 1.00 15.00 ? 52  ASN A N   1 
ATOM   386  C CA  . ASN A 1 52  ? -7.096  -4.892  -13.236 1.00 15.00 ? 52  ASN A CA  1 
ATOM   387  C C   . ASN A 1 52  ? -6.999  -3.382  -13.174 1.00 15.00 ? 52  ASN A C   1 
ATOM   388  O O   . ASN A 1 52  ? -7.625  -2.684  -13.970 1.00 15.00 ? 52  ASN A O   1 
ATOM   389  C CB  . ASN A 1 52  ? -8.050  -5.431  -12.156 1.00 15.00 ? 52  ASN A CB  1 
ATOM   390  C CG  . ASN A 1 52  ? -9.496  -5.017  -12.371 1.00 15.00 ? 52  ASN A CG  1 
ATOM   391  O OD1 . ASN A 1 52  ? -10.378 -5.595  -11.769 1.00 15.00 ? 52  ASN A OD1 1 
ATOM   392  N ND2 . ASN A 1 52  ? -9.752  -4.021  -13.218 1.00 15.00 ? 52  ASN A ND2 1 
ATOM   393  N N   . LEU A 1 53  ? -6.268  -2.886  -12.184 1.00 15.00 ? 53  LEU A N   1 
ATOM   394  C CA  . LEU A 1 53  ? -6.089  -1.441  -11.984 1.00 15.00 ? 53  LEU A CA  1 
ATOM   395  C C   . LEU A 1 53  ? -5.226  -0.822  -13.085 1.00 15.00 ? 53  LEU A C   1 
ATOM   396  O O   . LEU A 1 53  ? -5.644  0.116   -13.745 1.00 15.00 ? 53  LEU A O   1 
ATOM   397  C CB  . LEU A 1 53  ? -5.484  -1.179  -10.599 1.00 15.00 ? 53  LEU A CB  1 
ATOM   398  C CG  . LEU A 1 53  ? -6.505  -1.052  -9.462  1.00 15.00 ? 53  LEU A CG  1 
ATOM   399  C CD1 . LEU A 1 53  ? -7.783  -1.817  -9.646  1.00 15.00 ? 53  LEU A CD1 1 
ATOM   400  C CD2 . LEU A 1 53  ? -5.808  -1.476  -8.171  1.00 15.00 ? 53  LEU A CD2 1 
ATOM   401  N N   . VAL A 1 54  ? -4.029  -1.378  -13.278 1.00 15.00 ? 54  VAL A N   1 
ATOM   402  C CA  . VAL A 1 54  ? -3.114  -0.935  -14.345 1.00 15.00 ? 54  VAL A CA  1 
ATOM   403  C C   . VAL A 1 54  ? -3.779  -0.834  -15.760 1.00 15.00 ? 54  VAL A C   1 
ATOM   404  O O   . VAL A 1 54  ? -3.598  0.152   -16.432 1.00 15.00 ? 54  VAL A O   1 
ATOM   405  C CB  . VAL A 1 54  ? -1.861  -1.880  -14.396 1.00 15.00 ? 54  VAL A CB  1 
ATOM   406  C CG1 . VAL A 1 54  ? -1.052  -1.655  -15.626 1.00 15.00 ? 54  VAL A CG1 1 
ATOM   407  C CG2 . VAL A 1 54  ? -0.978  -1.627  -13.163 1.00 15.00 ? 54  VAL A CG2 1 
ATOM   408  N N   . ASP A 1 55  ? -4.607  -1.813  -16.147 1.00 15.00 ? 55  ASP A N   1 
ATOM   409  C CA  . ASP A 1 55  ? -5.267  -1.832  -17.459 1.00 15.00 ? 55  ASP A CA  1 
ATOM   410  C C   . ASP A 1 55  ? -6.543  -0.984  -17.513 1.00 15.00 ? 55  ASP A C   1 
ATOM   411  O O   . ASP A 1 55  ? -6.911  -0.448  -18.606 1.00 15.00 ? 55  ASP A O   1 
ATOM   412  C CB  . ASP A 1 55  ? -5.633  -3.297  -17.917 1.00 15.00 ? 55  ASP A CB  1 
ATOM   413  C CG  . ASP A 1 55  ? -4.467  -4.231  -17.917 1.00 15.00 ? 55  ASP A CG  1 
ATOM   414  O OD1 . ASP A 1 55  ? -3.326  -3.761  -17.996 1.00 15.00 ? 55  ASP A OD1 1 
ATOM   415  O OD2 . ASP A 1 55  ? -4.726  -5.438  -17.895 1.00 15.00 ? 55  ASP A OD2 1 
ATOM   416  N N   . CYS A 1 56  ? -7.184  -0.764  -16.375 1.00 15.00 ? 56  CYS A N   1 
ATOM   417  C CA  . CYS A 1 56  ? -8.456  -0.134  -16.425 1.00 15.00 ? 56  CYS A CA  1 
ATOM   418  C C   . CYS A 1 56  ? -8.618  1.286   -15.814 1.00 15.00 ? 56  CYS A C   1 
ATOM   419  O O   . CYS A 1 56  ? -9.677  1.898   -16.081 1.00 15.00 ? 56  CYS A O   1 
ATOM   420  C CB  . CYS A 1 56  ? -9.541  -1.107  -15.835 1.00 15.00 ? 56  CYS A CB  1 
ATOM   421  S SG  . CYS A 1 56  ? -9.575  -2.771  -16.487 1.00 15.00 ? 56  CYS A SG  1 
ATOM   422  N N   . VAL A 1 57  ? -7.726  1.709   -14.893 1.00 15.00 ? 57  VAL A N   1 
ATOM   423  C CA  . VAL A 1 57  ? -7.900  3.020   -14.277 1.00 15.00 ? 57  VAL A CA  1 
ATOM   424  C C   . VAL A 1 57  ? -7.363  4.017   -15.314 1.00 15.00 ? 57  VAL A C   1 
ATOM   425  O O   . VAL A 1 57  ? -6.197  4.352   -15.346 1.00 15.00 ? 57  VAL A O   1 
ATOM   426  C CB  . VAL A 1 57  ? -7.073  3.178   -13.010 1.00 15.00 ? 57  VAL A CB  1 
ATOM   427  C CG1 . VAL A 1 57  ? -7.361  4.546   -12.280 1.00 15.00 ? 57  VAL A CG1 1 
ATOM   428  C CG2 . VAL A 1 57  ? -7.327  2.050   -12.017 1.00 15.00 ? 57  VAL A CG2 1 
ATOM   429  N N   . SER A 1 58  ? -8.235  4.466   -16.195 1.00 15.00 ? 58  SER A N   1 
ATOM   430  C CA  . SER A 1 58  ? -7.978  5.444   -17.268 1.00 15.00 ? 58  SER A CA  1 
ATOM   431  C C   . SER A 1 58  ? -7.541  6.824   -16.772 1.00 15.00 ? 58  SER A C   1 
ATOM   432  O O   . SER A 1 58  ? -7.170  7.684   -17.590 1.00 15.00 ? 58  SER A O   1 
ATOM   433  C CB  . SER A 1 58  ? -9.257  5.683   -18.130 1.00 15.00 ? 58  SER A CB  1 
ATOM   434  O OG  . SER A 1 58  ? -10.405 5.889   -17.309 1.00 15.00 ? 58  SER A OG  1 
ATOM   435  N N   . GLU A 1 59  ? -7.741  7.084   -15.483 1.00 15.00 ? 59  GLU A N   1 
ATOM   436  C CA  . GLU A 1 59  ? -7.351  8.328   -14.897 1.00 15.00 ? 59  GLU A CA  1 
ATOM   437  C C   . GLU A 1 59  ? -5.875  8.209   -14.555 1.00 15.00 ? 59  GLU A C   1 
ATOM   438  O O   . GLU A 1 59  ? -5.168  9.244   -14.422 1.00 15.00 ? 59  GLU A O   1 
ATOM   439  C CB  . GLU A 1 59  ? -8.184  8.542   -13.642 1.00 15.00 ? 59  GLU A CB  1 
ATOM   440  C CG  . GLU A 1 59  ? -9.709  8.246   -13.818 1.00 15.00 ? 59  GLU A CG  1 
ATOM   441  C CD  . GLU A 1 59  ? -10.120 6.846   -13.242 1.00 15.00 ? 59  GLU A CD  1 
ATOM   442  O OE1 . GLU A 1 59  ? -10.402 6.749   -11.996 1.00 15.00 ? 59  GLU A OE1 1 
ATOM   443  O OE2 . GLU A 1 59  ? -10.218 5.867   -14.048 1.00 15.00 ? 59  GLU A OE2 1 
ATOM   444  N N   . ASN A 1 60  ? -5.375  6.974   -14.458 1.00 15.00 ? 60  ASN A N   1 
ATOM   445  C CA  . ASN A 1 60  ? -3.972  6.811   -14.154 1.00 15.00 ? 60  ASN A CA  1 
ATOM   446  C C   . ASN A 1 60  ? -3.143  6.573   -15.408 1.00 15.00 ? 60  ASN A C   1 
ATOM   447  O O   . ASN A 1 60  ? -3.656  6.696   -16.507 1.00 15.00 ? 60  ASN A O   1 
ATOM   448  C CB  . ASN A 1 60  ? -3.776  5.733   -13.098 1.00 15.00 ? 60  ASN A CB  1 
ATOM   449  C CG  . ASN A 1 60  ? -4.158  6.205   -11.716 1.00 15.00 ? 60  ASN A CG  1 
ATOM   450  O OD1 . ASN A 1 60  ? -3.998  7.371   -11.381 1.00 15.00 ? 60  ASN A OD1 1 
ATOM   451  N ND2 . ASN A 1 60  ? -4.619  5.291   -10.887 1.00 15.00 ? 60  ASN A ND2 1 
ATOM   452  N N   . ASP A 1 61  ? -1.859  6.258   -15.221 1.00 15.00 ? 61  ASP A N   1 
ATOM   453  C CA  . ASP A 1 61  ? -0.920  6.042   -16.326 1.00 15.00 ? 61  ASP A CA  1 
ATOM   454  C C   . ASP A 1 61  ? -0.400  4.603   -16.583 1.00 15.00 ? 61  ASP A C   1 
ATOM   455  O O   . ASP A 1 61  ? 0.656   4.392   -17.213 1.00 15.00 ? 61  ASP A O   1 
ATOM   456  C CB  . ASP A 1 61  ? 0.231   7.069   -16.311 1.00 15.00 ? 61  ASP A CB  1 
ATOM   457  C CG  . ASP A 1 61  ? 0.867   7.245   -17.697 1.00 15.00 ? 61  ASP A CG  1 
ATOM   458  O OD1 . ASP A 1 61  ? 0.161   6.939   -18.685 1.00 15.00 ? 61  ASP A OD1 1 
ATOM   459  O OD2 . ASP A 1 61  ? 2.040   7.686   -17.811 1.00 15.00 ? 61  ASP A OD2 1 
ATOM   460  N N   . GLY A 1 62  ? -1.133  3.606   -16.093 1.00 15.00 ? 62  GLY A N   1 
ATOM   461  C CA  . GLY A 1 62  ? -0.774  2.215   -16.317 1.00 15.00 ? 62  GLY A CA  1 
ATOM   462  C C   . GLY A 1 62  ? 0.541   1.912   -15.660 1.00 15.00 ? 62  GLY A C   1 
ATOM   463  O O   . GLY A 1 62  ? 0.696   2.118   -14.465 1.00 15.00 ? 62  GLY A O   1 
ATOM   464  N N   . CYS A 1 63  ? 1.489   1.440   -16.455 1.00 15.00 ? 63  CYS A N   1 
ATOM   465  C CA  . CYS A 1 63  ? 2.820   1.145   -15.960 1.00 15.00 ? 63  CYS A CA  1 
ATOM   466  C C   . CYS A 1 63  ? 3.682   2.396   -15.924 1.00 15.00 ? 63  CYS A C   1 
ATOM   467  O O   . CYS A 1 63  ? 4.902   2.287   -15.979 1.00 15.00 ? 63  CYS A O   1 
ATOM   468  C CB  . CYS A 1 63  ? 3.517   0.148   -16.862 1.00 15.00 ? 63  CYS A CB  1 
ATOM   469  S SG  . CYS A 1 63  ? 2.917   -1.528  -16.672 1.00 15.00 ? 63  CYS A SG  1 
ATOM   470  N N   . GLY A 1 64  ? 3.043   3.547   -16.082 1.00 15.00 ? 64  GLY A N   1 
ATOM   471  C CA  . GLY A 1 64  ? 3.765   4.798   -16.069 1.00 15.00 ? 64  GLY A CA  1 
ATOM   472  C C   . GLY A 1 64  ? 3.543   5.442   -14.706 1.00 15.00 ? 64  GLY A C   1 
ATOM   473  O O   . GLY A 1 64  ? 4.176   6.461   -14.374 1.00 15.00 ? 64  GLY A O   1 
ATOM   474  N N   . GLY A 1 65  ? 2.573   4.908   -13.960 1.00 15.00 ? 65  GLY A N   1 
ATOM   475  C CA  . GLY A 1 65  ? 2.277   5.437   -12.648 1.00 15.00 ? 65  GLY A CA  1 
ATOM   476  C C   . GLY A 1 65  ? 0.865   5.899   -12.438 1.00 15.00 ? 65  GLY A C   1 
ATOM   477  O O   . GLY A 1 65  ? 0.051   5.881   -13.335 1.00 15.00 ? 65  GLY A O   1 
ATOM   478  N N   . GLY A 1 66  ? 0.553   6.258   -11.217 1.00 15.00 ? 66  GLY A N   1 
ATOM   479  C CA  . GLY A 1 66  ? -0.770  6.724   -10.916 1.00 15.00 ? 66  GLY A CA  1 
ATOM   480  C C   . GLY A 1 66  ? -0.984  6.935   -9.450  1.00 15.00 ? 66  GLY A C   1 
ATOM   481  O O   . GLY A 1 66  ? -0.045  6.850   -8.687  1.00 15.00 ? 66  GLY A O   1 
ATOM   482  N N   . TYR A 1 67  ? -2.182  7.411   -9.127  1.00 15.00 ? 67  TYR A N   1 
ATOM   483  C CA  . TYR A 1 67  ? -2.552  7.642   -7.754  1.00 15.00 ? 67  TYR A CA  1 
ATOM   484  C C   . TYR A 1 67  ? -3.485  6.588   -7.192  1.00 15.00 ? 67  TYR A C   1 
ATOM   485  O O   . TYR A 1 67  ? -4.332  5.999   -7.904  1.00 15.00 ? 67  TYR A O   1 
ATOM   486  C CB  . TYR A 1 67  ? -3.151  9.020   -7.519  1.00 15.00 ? 67  TYR A CB  1 
ATOM   487  C CG  . TYR A 1 67  ? -2.223  10.173  -7.681  1.00 15.00 ? 67  TYR A CG  1 
ATOM   488  C CD1 . TYR A 1 67  ? -1.009  10.239  -6.956  1.00 15.00 ? 67  TYR A CD1 1 
ATOM   489  C CD2 . TYR A 1 67  ? -2.587  11.217  -8.546  1.00 15.00 ? 67  TYR A CD2 1 
ATOM   490  C CE1 . TYR A 1 67  ? -0.164  11.335  -7.090  1.00 15.00 ? 67  TYR A CE1 1 
ATOM   491  C CE2 . TYR A 1 67  ? -1.806  12.291  -8.697  1.00 15.00 ? 67  TYR A CE2 1 
ATOM   492  C CZ  . TYR A 1 67  ? -0.591  12.364  -7.975  1.00 15.00 ? 67  TYR A CZ  1 
ATOM   493  O OH  . TYR A 1 67  ? 0.153   13.481  -8.163  1.00 15.00 ? 67  TYR A OH  1 
ATOM   494  N N   . MET A 1 68  ? -3.323  6.367   -5.890  1.00 15.00 ? 68  MET A N   1 
ATOM   495  C CA  . MET A 1 68  ? -4.110  5.409   -5.139  1.00 15.00 ? 68  MET A CA  1 
ATOM   496  C C   . MET A 1 68  ? -5.565  5.801   -5.023  1.00 15.00 ? 68  MET A C   1 
ATOM   497  O O   . MET A 1 68  ? -6.437  4.943   -5.118  1.00 15.00 ? 68  MET A O   1 
ATOM   498  C CB  . MET A 1 68  ? -3.501  5.247   -3.747  1.00 15.00 ? 68  MET A CB  1 
ATOM   499  C CG  . MET A 1 68  ? -2.189  4.390   -3.706  1.00 15.00 ? 68  MET A CG  1 
ATOM   500  S SD  . MET A 1 68  ? -0.583  5.268   -3.894  1.00 15.00 ? 68  MET A SD  1 
ATOM   501  C CE  . MET A 1 68  ? -0.403  5.815   -2.205  1.00 15.00 ? 68  MET A CE  1 
ATOM   502  N N   . THR A 1 69  ? -5.818  7.094   -4.858  1.00 15.00 ? 69  THR A N   1 
ATOM   503  C CA  . THR A 1 69  ? -7.160  7.639   -4.707  1.00 15.00 ? 69  THR A CA  1 
ATOM   504  C C   . THR A 1 69  ? -7.975  7.443   -6.003  1.00 15.00 ? 69  THR A C   1 
ATOM   505  O O   . THR A 1 69  ? -9.201  7.346   -5.940  1.00 15.00 ? 69  THR A O   1 
ATOM   506  C CB  . THR A 1 69  ? -7.094  9.133   -4.361  1.00 15.00 ? 69  THR A CB  1 
ATOM   507  O OG1 . THR A 1 69  ? -6.279  9.802   -5.336  1.00 15.00 ? 69  THR A OG1 1 
ATOM   508  C CG2 . THR A 1 69  ? -6.512  9.379   -2.984  1.00 15.00 ? 69  THR A CG2 1 
ATOM   509  N N   . ASN A 1 70  ? -7.286  7.419   -7.155  1.00 15.00 ? 70  ASN A N   1 
ATOM   510  C CA  . ASN A 1 70  ? -7.887  7.230   -8.477  1.00 15.00 ? 70  ASN A CA  1 
ATOM   511  C C   . ASN A 1 70  ? -8.359  5.782   -8.613  1.00 15.00 ? 70  ASN A C   1 
ATOM   512  O O   . ASN A 1 70  ? -9.434  5.514   -9.162  1.00 15.00 ? 70  ASN A O   1 
ATOM   513  C CB  . ASN A 1 70  ? -6.894  7.578   -9.588  1.00 15.00 ? 70  ASN A CB  1 
ATOM   514  C CG  . ASN A 1 70  ? -6.750  9.075   -9.816  1.00 15.00 ? 70  ASN A CG  1 
ATOM   515  O OD1 . ASN A 1 70  ? -7.308  9.873   -9.075  1.00 15.00 ? 70  ASN A OD1 1 
ATOM   516  N ND2 . ASN A 1 70  ? -6.014  9.464   -10.833 1.00 15.00 ? 70  ASN A ND2 1 
ATOM   517  N N   . ALA A 1 71  ? -7.519  4.868   -8.128  1.00 15.00 ? 71  ALA A N   1 
ATOM   518  C CA  . ALA A 1 71  ? -7.775  3.448   -8.146  1.00 15.00 ? 71  ALA A CA  1 
ATOM   519  C C   . ALA A 1 71  ? -8.945  3.085   -7.217  1.00 15.00 ? 71  ALA A C   1 
ATOM   520  O O   . ALA A 1 71  ? -9.761  2.215   -7.558  1.00 15.00 ? 71  ALA A O   1 
ATOM   521  C CB  . ALA A 1 71  ? -6.533  2.741   -7.738  1.00 15.00 ? 71  ALA A CB  1 
ATOM   522  N N   . PHE A 1 72  ? -9.049  3.728   -6.053  1.00 15.00 ? 72  PHE A N   1 
ATOM   523  C CA  . PHE A 1 72  ? -10.167 3.409   -5.139  1.00 15.00 ? 72  PHE A CA  1 
ATOM   524  C C   . PHE A 1 72  ? -11.449 3.897   -5.880  1.00 15.00 ? 72  PHE A C   1 
ATOM   525  O O   . PHE A 1 72  ? -12.474 3.209   -6.017  1.00 15.00 ? 72  PHE A O   1 
ATOM   526  C CB  . PHE A 1 72  ? -10.016 4.111   -3.771  1.00 15.00 ? 72  PHE A CB  1 
ATOM   527  C CG  . PHE A 1 72  ? -8.779  3.709   -2.971  1.00 15.00 ? 72  PHE A CG  1 
ATOM   528  C CD1 . PHE A 1 72  ? -8.329  2.383   -2.940  1.00 15.00 ? 72  PHE A CD1 1 
ATOM   529  C CD2 . PHE A 1 72  ? -8.106  4.668   -2.205  1.00 15.00 ? 72  PHE A CD2 1 
ATOM   530  C CE1 . PHE A 1 72  ? -7.246  2.004   -2.171  1.00 15.00 ? 72  PHE A CE1 1 
ATOM   531  C CE2 . PHE A 1 72  ? -7.003  4.321   -1.412  1.00 15.00 ? 72  PHE A CE2 1 
ATOM   532  C CZ  . PHE A 1 72  ? -6.569  2.977   -1.393  1.00 15.00 ? 72  PHE A CZ  1 
ATOM   533  N N   . GLN A 1 73  ? -11.322 5.080   -6.458  1.00 15.00 ? 73  GLN A N   1 
ATOM   534  C CA  . GLN A 1 73  ? -12.360 5.707   -7.229  1.00 15.00 ? 73  GLN A CA  1 
ATOM   535  C C   . GLN A 1 73  ? -12.803 4.841   -8.420  1.00 15.00 ? 73  GLN A C   1 
ATOM   536  O O   . GLN A 1 73  ? -13.968 4.772   -8.707  1.00 15.00 ? 73  GLN A O   1 
ATOM   537  C CB  . GLN A 1 73  ? -11.871 7.061   -7.707  1.00 15.00 ? 73  GLN A CB  1 
ATOM   538  C CG  . GLN A 1 73  ? -12.884 7.702   -8.533  1.00 15.00 ? 73  GLN A CG  1 
ATOM   539  C CD  . GLN A 1 73  ? -13.907 8.359   -7.671  1.00 15.00 ? 73  GLN A CD  1 
ATOM   540  O OE1 . GLN A 1 73  ? -13.963 9.594   -7.574  1.00 15.00 ? 73  GLN A OE1 1 
ATOM   541  N NE2 . GLN A 1 73  ? -14.815 7.550   -7.124  1.00 15.00 ? 73  GLN A NE2 1 
ATOM   542  N N   . TYR A 1 74  ? -11.892 4.182   -9.122  1.00 15.00 ? 74  TYR A N   1 
ATOM   543  C CA  . TYR A 1 74  ? -12.309 3.358   -10.248 1.00 15.00 ? 74  TYR A CA  1 
ATOM   544  C C   . TYR A 1 74  ? -13.115 2.127   -9.758  1.00 15.00 ? 74  TYR A C   1 
ATOM   545  O O   . TYR A 1 74  ? -14.143 1.764   -10.338 1.00 15.00 ? 74  TYR A O   1 
ATOM   546  C CB  . TYR A 1 74  ? -11.091 2.976   -11.090 1.00 15.00 ? 74  TYR A CB  1 
ATOM   547  C CG  . TYR A 1 74  ? -11.212 1.671   -11.825 1.00 15.00 ? 74  TYR A CG  1 
ATOM   548  C CD1 . TYR A 1 74  ? -11.741 1.602   -13.085 1.00 15.00 ? 74  TYR A CD1 1 
ATOM   549  C CD2 . TYR A 1 74  ? -10.809 0.491   -11.236 1.00 15.00 ? 74  TYR A CD2 1 
ATOM   550  C CE1 . TYR A 1 74  ? -11.877 0.369   -13.738 1.00 15.00 ? 74  TYR A CE1 1 
ATOM   551  C CE2 . TYR A 1 74  ? -10.937 -0.721  -11.882 1.00 15.00 ? 74  TYR A CE2 1 
ATOM   552  C CZ  . TYR A 1 74  ? -11.471 -0.790  -13.126 1.00 15.00 ? 74  TYR A CZ  1 
ATOM   553  O OH  . TYR A 1 74  ? -11.569 -2.033  -13.726 1.00 15.00 ? 74  TYR A OH  1 
ATOM   554  N N   . VAL A 1 75  ? -12.650 1.503   -8.678  1.00 15.00 ? 75  VAL A N   1 
ATOM   555  C CA  . VAL A 1 75  ? -13.313 0.356   -8.073  1.00 15.00 ? 75  VAL A CA  1 
ATOM   556  C C   . VAL A 1 75  ? -14.708 0.735   -7.592  1.00 15.00 ? 75  VAL A C   1 
ATOM   557  O O   . VAL A 1 75  ? -15.617 -0.088  -7.670  1.00 15.00 ? 75  VAL A O   1 
ATOM   558  C CB  . VAL A 1 75  ? -12.520 -0.232  -6.858  1.00 15.00 ? 75  VAL A CB  1 
ATOM   559  C CG1 . VAL A 1 75  ? -13.247 -1.495  -6.354  1.00 15.00 ? 75  VAL A CG1 1 
ATOM   560  C CG2 . VAL A 1 75  ? -11.099 -0.591  -7.227  1.00 15.00 ? 75  VAL A CG2 1 
ATOM   561  N N   . GLN A 1 76  ? -14.861 1.955   -7.094  1.00 15.00 ? 76  GLN A N   1 
ATOM   562  C CA  . GLN A 1 76  ? -16.126 2.470   -6.600  1.00 15.00 ? 76  GLN A CA  1 
ATOM   563  C C   . GLN A 1 76  ? -17.103 2.704   -7.753  1.00 15.00 ? 76  GLN A C   1 
ATOM   564  O O   . GLN A 1 76  ? -18.238 2.228   -7.733  1.00 15.00 ? 76  GLN A O   1 
ATOM   565  C CB  . GLN A 1 76  ? -15.876 3.789   -5.877  1.00 15.00 ? 76  GLN A CB  1 
ATOM   566  C CG  . GLN A 1 76  ? -17.081 4.398   -5.132  1.00 15.00 ? 76  GLN A CG  1 
ATOM   567  C CD  . GLN A 1 76  ? -16.887 5.878   -4.854  1.00 15.00 ? 76  GLN A CD  1 
ATOM   568  O OE1 . GLN A 1 76  ? -15.770 6.406   -4.936  1.00 15.00 ? 76  GLN A OE1 1 
ATOM   569  N NE2 . GLN A 1 76  ? -17.968 6.562   -4.521  1.00 15.00 ? 76  GLN A NE2 1 
ATOM   570  N N   . LYS A 1 77  ? -16.642 3.393   -8.793  1.00 15.00 ? 77  LYS A N   1 
ATOM   571  C CA  . LYS A 1 77  ? -17.535 3.683   -9.911  1.00 15.00 ? 77  LYS A CA  1 
ATOM   572  C C   . LYS A 1 77  ? -17.865 2.417   -10.675 1.00 15.00 ? 77  LYS A C   1 
ATOM   573  O O   . LYS A 1 77  ? -19.027 2.155   -11.001 1.00 15.00 ? 77  LYS A O   1 
ATOM   574  C CB  . LYS A 1 77  ? -16.933 4.744   -10.847 1.00 15.00 ? 77  LYS A CB  1 
ATOM   575  C CG  . LYS A 1 77  ? -17.012 6.191   -10.301 1.00 15.00 ? 77  LYS A CG  1 
ATOM   576  C CD  . LYS A 1 77  ? -16.431 7.222   -11.308 1.00 15.00 ? 77  LYS A CD  1 
ATOM   577  C CE  . LYS A 1 77  ? -16.727 8.696   -10.848 1.00 15.00 ? 77  LYS A CE  1 
ATOM   578  N NZ  . LYS A 1 77  ? -16.473 9.791   -11.867 1.00 15.00 ? 77  LYS A NZ  1 
ATOM   579  N N   . ASN A 1 78  ? -16.819 1.646   -10.944 1.00 15.00 ? 78  ASN A N   1 
ATOM   580  C CA  . ASN A 1 78  ? -16.886 0.393   -11.687 1.00 15.00 ? 78  ASN A CA  1 
ATOM   581  C C   . ASN A 1 78  ? -17.663 -0.690  -10.974 1.00 15.00 ? 78  ASN A C   1 
ATOM   582  O O   . ASN A 1 78  ? -17.999 -1.702  -11.575 1.00 15.00 ? 78  ASN A O   1 
ATOM   583  C CB  . ASN A 1 78  ? -15.474 -0.106  -11.986 1.00 15.00 ? 78  ASN A CB  1 
ATOM   584  C CG  . ASN A 1 78  ? -15.477 -1.352  -12.842 1.00 15.00 ? 78  ASN A CG  1 
ATOM   585  O OD1 . ASN A 1 78  ? -15.701 -1.285  -14.056 1.00 15.00 ? 78  ASN A OD1 1 
ATOM   586  N ND2 . ASN A 1 78  ? -15.240 -2.500  -12.223 1.00 15.00 ? 78  ASN A ND2 1 
ATOM   587  N N   . ARG A 1 79  ? -17.891 -0.486  -9.679  1.00 15.00 ? 79  ARG A N   1 
ATOM   588  C CA  . ARG A 1 79  ? -18.611 -1.425  -8.833  1.00 15.00 ? 79  ARG A CA  1 
ATOM   589  C C   . ARG A 1 79  ? -17.839 -2.718  -8.602  1.00 15.00 ? 79  ARG A C   1 
ATOM   590  O O   . ARG A 1 79  ? -18.429 -3.784  -8.459  1.00 15.00 ? 79  ARG A O   1 
ATOM   591  C CB  . ARG A 1 79  ? -20.027 -1.716  -9.363  1.00 15.00 ? 79  ARG A CB  1 
ATOM   592  C CG  . ARG A 1 79  ? -20.933 -0.511  -9.316  1.00 15.00 ? 79  ARG A CG  1 
ATOM   593  C CD  . ARG A 1 79  ? -22.216 -0.675  -10.100 1.00 15.00 ? 79  ARG A CD  1 
ATOM   594  N NE  . ARG A 1 79  ? -22.992 0.580   -10.151 1.00 15.00 ? 79  ARG A NE  1 
ATOM   595  C CZ  . ARG A 1 79  ? -24.226 0.690   -10.653 1.00 15.00 ? 79  ARG A CZ  1 
ATOM   596  N NH1 . ARG A 1 79  ? -24.833 -0.383  -11.139 1.00 15.00 ? 79  ARG A NH1 1 
ATOM   597  N NH2 . ARG A 1 79  ? -24.853 1.861   -10.695 1.00 15.00 ? 79  ARG A NH2 1 
ATOM   598  N N   . GLY A 1 80  ? -16.519 -2.644  -8.537  1.00 15.00 ? 80  GLY A N   1 
ATOM   599  C CA  . GLY A 1 80  ? -15.783 -3.861  -8.284  1.00 15.00 ? 80  GLY A CA  1 
ATOM   600  C C   . GLY A 1 80  ? -14.389 -3.976  -8.828  1.00 15.00 ? 80  GLY A C   1 
ATOM   601  O O   . GLY A 1 80  ? -13.921 -3.130  -9.574  1.00 15.00 ? 80  GLY A O   1 
ATOM   602  N N   . ILE A 1 81  ? -13.715 -5.028  -8.399  1.00 15.00 ? 81  ILE A N   1 
ATOM   603  C CA  . ILE A 1 81  ? -12.363 -5.317  -8.844  1.00 15.00 ? 81  ILE A CA  1 
ATOM   604  C C   . ILE A 1 81  ? -12.226 -6.828  -8.778  1.00 15.00 ? 81  ILE A C   1 
ATOM   605  O O   . ILE A 1 81  ? -12.813 -7.485  -7.902  1.00 15.00 ? 81  ILE A O   1 
ATOM   606  C CB  . ILE A 1 81  ? -11.249 -4.618  -7.956  1.00 15.00 ? 81  ILE A CB  1 
ATOM   607  C CG1 . ILE A 1 81  ? -9.837  -5.004  -8.441  1.00 15.00 ? 81  ILE A CG1 1 
ATOM   608  C CG2 . ILE A 1 81  ? -11.465 -4.928  -6.483  1.00 15.00 ? 81  ILE A CG2 1 
ATOM   609  C CD1 . ILE A 1 81  ? -8.628  -4.477  -7.621  1.00 15.00 ? 81  ILE A CD1 1 
ATOM   610  N N   . ASP A 1 82  ? -11.533 -7.378  -9.764  1.00 15.00 ? 82  ASP A N   1 
ATOM   611  C CA  . ASP A 1 82  ? -11.301 -8.820  -9.852  1.00 15.00 ? 82  ASP A CA  1 
ATOM   612  C C   . ASP A 1 82  ? -10.236 -9.337  -8.896  1.00 15.00 ? 82  ASP A C   1 
ATOM   613  O O   . ASP A 1 82  ? -9.423  -8.573  -8.380  1.00 15.00 ? 82  ASP A O   1 
ATOM   614  C CB  . ASP A 1 82  ? -10.840 -9.200  -11.255 1.00 15.00 ? 82  ASP A CB  1 
ATOM   615  C CG  . ASP A 1 82  ? -11.969 -9.287  -12.231 1.00 15.00 ? 82  ASP A CG  1 
ATOM   616  O OD1 . ASP A 1 82  ? -13.098 -9.593  -11.798 1.00 15.00 ? 82  ASP A OD1 1 
ATOM   617  O OD2 . ASP A 1 82  ? -11.702 -9.056  -13.425 1.00 15.00 ? 82  ASP A OD2 1 
ATOM   618  N N   . SER A 1 83  ? -10.211 -10.653 -8.724  1.00 15.00 ? 83  SER A N   1 
ATOM   619  C CA  . SER A 1 83  ? -9.219  -11.308 -7.891  1.00 15.00 ? 83  SER A CA  1 
ATOM   620  C C   . SER A 1 83  ? -7.936  -11.462 -8.731  1.00 15.00 ? 83  SER A C   1 
ATOM   621  O O   . SER A 1 83  ? -7.943  -11.206 -9.931  1.00 15.00 ? 83  SER A O   1 
ATOM   622  C CB  . SER A 1 83  ? -9.742  -12.687 -7.518  1.00 15.00 ? 83  SER A CB  1 
ATOM   623  O OG  . SER A 1 83  ? -10.127 -13.422 -8.687  1.00 15.00 ? 83  SER A OG  1 
ATOM   624  N N   . GLU A 1 84  ? -6.830  -11.861 -8.115  1.00 15.00 ? 84  GLU A N   1 
ATOM   625  C CA  . GLU A 1 84  ? -5.594  -12.050 -8.885  1.00 15.00 ? 84  GLU A CA  1 
ATOM   626  C C   . GLU A 1 84  ? -5.749  -13.260 -9.785  1.00 15.00 ? 84  GLU A C   1 
ATOM   627  O O   . GLU A 1 84  ? -5.090  -13.376 -10.819 1.00 15.00 ? 84  GLU A O   1 
ATOM   628  C CB  . GLU A 1 84  ? -4.402  -12.332 -7.965  1.00 15.00 ? 84  GLU A CB  1 
ATOM   629  C CG  . GLU A 1 84  ? -3.139  -11.450 -8.152  1.00 15.00 ? 84  GLU A CG  1 
ATOM   630  C CD  . GLU A 1 84  ? -2.720  -11.197 -9.598  1.00 15.00 ? 84  GLU A CD  1 
ATOM   631  O OE1 . GLU A 1 84  ? -2.112  -12.092 -10.231 1.00 15.00 ? 84  GLU A OE1 1 
ATOM   632  O OE2 . GLU A 1 84  ? -2.921  -10.058 -10.094 1.00 15.00 ? 84  GLU A OE2 1 
ATOM   633  N N   . ASP A 1 85  ? -6.511  -14.229 -9.301  1.00 15.00 ? 85  ASP A N   1 
ATOM   634  C CA  . ASP A 1 85  ? -6.748  -15.437 -10.066 1.00 15.00 ? 85  ASP A CA  1 
ATOM   635  C C   . ASP A 1 85  ? -7.526  -15.140 -11.322 1.00 15.00 ? 85  ASP A C   1 
ATOM   636  O O   . ASP A 1 85  ? -7.161  -15.579 -12.407 1.00 15.00 ? 85  ASP A O   1 
ATOM   637  C CB  . ASP A 1 85  ? -7.417  -16.504 -9.207  1.00 15.00 ? 85  ASP A CB  1 
ATOM   638  C CG  . ASP A 1 85  ? -6.390  -17.268 -8.355  1.00 15.00 ? 85  ASP A CG  1 
ATOM   639  O OD1 . ASP A 1 85  ? -5.740  -18.211 -8.867  1.00 15.00 ? 85  ASP A OD1 1 
ATOM   640  O OD2 . ASP A 1 85  ? -6.186  -16.884 -7.185  1.00 15.00 ? 85  ASP A OD2 1 
ATOM   641  N N   . ALA A 1 86  ? -8.578  -14.345 -11.172 1.00 15.00 ? 86  ALA A N   1 
ATOM   642  C CA  . ALA A 1 86  ? -9.409  -13.973 -12.309 1.00 15.00 ? 86  ALA A CA  1 
ATOM   643  C C   . ALA A 1 86  ? -8.738  -12.962 -13.233 1.00 15.00 ? 86  ALA A C   1 
ATOM   644  O O   . ALA A 1 86  ? -9.117  -12.883 -14.395 1.00 15.00 ? 86  ALA A O   1 
ATOM   645  C CB  . ALA A 1 86  ? -10.786 -13.454 -11.861 1.00 15.00 ? 86  ALA A CB  1 
ATOM   646  N N   . TYR A 1 87  ? -7.749  -12.203 -12.760 1.00 15.00 ? 87  TYR A N   1 
ATOM   647  C CA  . TYR A 1 87  ? -7.087  -11.199 -13.612 1.00 15.00 ? 87  TYR A CA  1 
ATOM   648  C C   . TYR A 1 87  ? -5.647  -11.188 -13.144 1.00 15.00 ? 87  TYR A C   1 
ATOM   649  O O   . TYR A 1 87  ? -5.275  -10.400 -12.273 1.00 15.00 ? 87  TYR A O   1 
ATOM   650  C CB  . TYR A 1 87  ? -7.768  -9.835  -13.390 1.00 15.00 ? 87  TYR A CB  1 
ATOM   651  C CG  . TYR A 1 87  ? -7.656  -8.810  -14.495 1.00 15.00 ? 87  TYR A CG  1 
ATOM   652  C CD1 . TYR A 1 87  ? -6.497  -8.695  -15.272 1.00 15.00 ? 87  TYR A CD1 1 
ATOM   653  C CD2 . TYR A 1 87  ? -8.694  -7.925  -14.751 1.00 15.00 ? 87  TYR A CD2 1 
ATOM   654  C CE1 . TYR A 1 87  ? -6.374  -7.719  -16.284 1.00 15.00 ? 87  TYR A CE1 1 
ATOM   655  C CE2 . TYR A 1 87  ? -8.572  -6.947  -15.758 1.00 15.00 ? 87  TYR A CE2 1 
ATOM   656  C CZ  . TYR A 1 87  ? -7.416  -6.860  -16.510 1.00 15.00 ? 87  TYR A CZ  1 
ATOM   657  O OH  . TYR A 1 87  ? -7.398  -5.898  -17.480 1.00 15.00 ? 87  TYR A OH  1 
ATOM   658  N N   . PRO A 1 88  ? -4.862  -12.186 -13.599 1.00 15.00 ? 88  PRO A N   1 
ATOM   659  C CA  . PRO A 1 88  ? -3.455  -12.297 -13.216 1.00 15.00 ? 88  PRO A CA  1 
ATOM   660  C C   . PRO A 1 88  ? -2.550  -11.137 -13.674 1.00 15.00 ? 88  PRO A C   1 
ATOM   661  O O   . PRO A 1 88  ? -2.768  -10.502 -14.736 1.00 15.00 ? 88  PRO A O   1 
ATOM   662  C CB  . PRO A 1 88  ? -3.055  -13.675 -13.790 1.00 15.00 ? 88  PRO A CB  1 
ATOM   663  C CG  . PRO A 1 88  ? -3.967  -13.820 -15.007 1.00 15.00 ? 88  PRO A CG  1 
ATOM   664  C CD  . PRO A 1 88  ? -5.270  -13.303 -14.481 1.00 15.00 ? 88  PRO A CD  1 
ATOM   665  N N   . TYR A 1 89  ? -1.493  -10.910 -12.897 1.00 15.00 ? 89  TYR A N   1 
ATOM   666  C CA  . TYR A 1 89  ? -0.572  -9.828  -13.200 1.00 15.00 ? 89  TYR A CA  1 
ATOM   667  C C   . TYR A 1 89  ? 0.428   -10.239 -14.261 1.00 15.00 ? 89  TYR A C   1 
ATOM   668  O O   . TYR A 1 89  ? 0.999   -11.340 -14.231 1.00 15.00 ? 89  TYR A O   1 
ATOM   669  C CB  . TYR A 1 89  ? 0.123   -9.364  -11.921 1.00 15.00 ? 89  TYR A CB  1 
ATOM   670  C CG  . TYR A 1 89  ? 1.041   -8.175  -12.054 1.00 15.00 ? 89  TYR A CG  1 
ATOM   671  C CD1 . TYR A 1 89  ? 0.559   -6.924  -12.338 1.00 15.00 ? 89  TYR A CD1 1 
ATOM   672  C CD2 . TYR A 1 89  ? 2.408   -8.301  -11.854 1.00 15.00 ? 89  TYR A CD2 1 
ATOM   673  C CE1 . TYR A 1 89  ? 1.416   -5.818  -12.417 1.00 15.00 ? 89  TYR A CE1 1 
ATOM   674  C CE2 . TYR A 1 89  ? 3.263   -7.200  -11.935 1.00 15.00 ? 89  TYR A CE2 1 
ATOM   675  C CZ  . TYR A 1 89  ? 2.755   -5.970  -12.213 1.00 15.00 ? 89  TYR A CZ  1 
ATOM   676  O OH  . TYR A 1 89  ? 3.555   -4.868  -12.256 1.00 15.00 ? 89  TYR A OH  1 
ATOM   677  N N   . VAL A 1 90  ? 0.565   -9.383  -15.258 1.00 15.00 ? 90  VAL A N   1 
ATOM   678  C CA  . VAL A 1 90  ? 1.521   -9.649  -16.312 1.00 15.00 ? 90  VAL A CA  1 
ATOM   679  C C   . VAL A 1 90  ? 2.738   -8.710  -16.194 1.00 15.00 ? 90  VAL A C   1 
ATOM   680  O O   . VAL A 1 90  ? 3.864   -9.124  -16.476 1.00 15.00 ? 90  VAL A O   1 
ATOM   681  C CB  . VAL A 1 90  ? 0.874   -9.669  -17.711 1.00 15.00 ? 90  VAL A CB  1 
ATOM   682  C CG1 . VAL A 1 90  ? -0.213  -10.714 -17.744 1.00 15.00 ? 90  VAL A CG1 1 
ATOM   683  C CG2 . VAL A 1 90  ? 0.342   -8.297  -18.095 1.00 15.00 ? 90  VAL A CG2 1 
ATOM   684  N N   . GLY A 1 91  ? 2.539   -7.467  -15.766 1.00 15.00 ? 91  GLY A N   1 
ATOM   685  C CA  . GLY A 1 91  ? 3.686   -6.605  -15.582 1.00 15.00 ? 91  GLY A CA  1 
ATOM   686  C C   . GLY A 1 91  ? 3.861   -5.624  -16.684 1.00 15.00 ? 91  GLY A C   1 
ATOM   687  O O   . GLY A 1 91  ? 4.883   -4.951  -16.769 1.00 15.00 ? 91  GLY A O   1 
ATOM   688  N N   . GLN A 1 92  ? 2.933   -5.654  -17.617 1.00 15.00 ? 92  GLN A N   1 
ATOM   689  C CA  . GLN A 1 92  ? 2.957   -4.700  -18.692 1.00 15.00 ? 92  GLN A CA  1 
ATOM   690  C C   . GLN A 1 92  ? 1.514   -4.316  -19.039 1.00 15.00 ? 92  GLN A C   1 
ATOM   691  O O   . GLN A 1 92  ? 0.525   -4.940  -18.613 1.00 15.00 ? 92  GLN A O   1 
ATOM   692  C CB  . GLN A 1 92  ? 3.738   -5.208  -19.925 1.00 15.00 ? 92  GLN A CB  1 
ATOM   693  C CG  . GLN A 1 92  ? 5.262   -5.294  -19.730 1.00 15.00 ? 92  GLN A CG  1 
ATOM   694  C CD  . GLN A 1 92  ? 5.990   -3.991  -19.271 1.00 15.00 ? 92  GLN A CD  1 
ATOM   695  O OE1 . GLN A 1 92  ? 5.380   -2.986  -18.907 1.00 15.00 ? 92  GLN A OE1 1 
ATOM   696  N NE2 . GLN A 1 92  ? 7.314   -4.048  -19.267 1.00 15.00 ? 92  GLN A NE2 1 
ATOM   697  N N   . GLU A 1 93  ? 1.422   -3.211  -19.755 1.00 15.00 ? 93  GLU A N   1 
ATOM   698  C CA  . GLU A 1 93  ? 0.157   -2.636  -20.209 1.00 15.00 ? 93  GLU A CA  1 
ATOM   699  C C   . GLU A 1 93  ? -0.601  -3.494  -21.268 1.00 15.00 ? 93  GLU A C   1 
ATOM   700  O O   . GLU A 1 93  ? -0.011  -3.933  -22.250 1.00 15.00 ? 93  GLU A O   1 
ATOM   701  C CB  . GLU A 1 93  ? 0.414   -1.205  -20.735 1.00 15.00 ? 93  GLU A CB  1 
ATOM   702  C CG  . GLU A 1 93  ? 0.288   -0.094  -19.681 1.00 15.00 ? 93  GLU A CG  1 
ATOM   703  C CD  . GLU A 1 93  ? 1.343   0.981   -19.813 1.00 15.00 ? 93  GLU A CD  1 
ATOM   704  O OE1 . GLU A 1 93  ? 2.509   0.655   -20.100 1.00 15.00 ? 93  GLU A OE1 1 
ATOM   705  O OE2 . GLU A 1 93  ? 1.049   2.168   -19.593 1.00 15.00 ? 93  GLU A OE2 1 
ATOM   706  N N   . GLU A 1 94  ? -1.882  -3.726  -21.015 1.00 15.00 ? 94  GLU A N   1 
ATOM   707  C CA  . GLU A 1 94  ? -2.736  -4.436  -21.891 1.00 15.00 ? 94  GLU A CA  1 
ATOM   708  C C   . GLU A 1 94  ? -4.082  -3.811  -21.663 1.00 15.00 ? 94  GLU A C   1 
ATOM   709  O O   . GLU A 1 94  ? -4.339  -3.162  -20.702 1.00 15.00 ? 94  GLU A O   1 
ATOM   710  C CB  . GLU A 1 94  ? -2.742  -5.921  -21.550 1.00 15.00 ? 94  GLU A CB  1 
ATOM   711  C CG  . GLU A 1 94  ? -2.461  -6.233  -20.118 1.00 15.00 ? 94  GLU A CG  1 
ATOM   712  C CD  . GLU A 1 94  ? -2.741  -7.664  -19.691 1.00 15.00 ? 94  GLU A CD  1 
ATOM   713  O OE1 . GLU A 1 94  ? -2.138  -8.601  -20.249 1.00 15.00 ? 94  GLU A OE1 1 
ATOM   714  O OE2 . GLU A 1 94  ? -3.608  -7.842  -18.811 1.00 15.00 ? 94  GLU A OE2 1 
ATOM   715  N N   . SER A 1 95  ? -4.952  -4.041  -22.601 1.00 15.00 ? 95  SER A N   1 
ATOM   716  C CA  . SER A 1 95  ? -6.328  -3.523  -22.593 1.00 15.00 ? 95  SER A CA  1 
ATOM   717  C C   . SER A 1 95  ? -7.105  -4.008  -21.393 1.00 15.00 ? 95  SER A C   1 
ATOM   718  O O   . SER A 1 95  ? -6.808  -5.055  -20.841 1.00 15.00 ? 95  SER A O   1 
ATOM   719  C CB  . SER A 1 95  ? -7.088  -3.882  -23.908 1.00 15.00 ? 95  SER A CB  1 
ATOM   720  O OG  . SER A 1 95  ? -6.331  -3.342  -25.007 1.00 15.00 ? 95  SER A OG  1 
ATOM   721  N N   . CYS A 1 96  ? -8.115  -3.251  -20.973 1.00 15.00 ? 96  CYS A N   1 
ATOM   722  C CA  . CYS A 1 96  ? -8.948  -3.636  -19.833 1.00 15.00 ? 96  CYS A CA  1 
ATOM   723  C C   . CYS A 1 96  ? -9.726  -4.900  -20.156 1.00 15.00 ? 96  CYS A C   1 
ATOM   724  O O   . CYS A 1 96  ? -10.451 -4.996  -21.170 1.00 15.00 ? 96  CYS A O   1 
ATOM   725  C CB  . CYS A 1 96  ? -9.911  -2.508  -19.430 1.00 15.00 ? 96  CYS A CB  1 
ATOM   726  S SG  . CYS A 1 96  ? -10.869 -2.783  -17.921 1.00 15.00 ? 96  CYS A SG  1 
ATOM   727  N N   . MET A 1 97  ? -9.482  -5.883  -19.299 1.00 15.00 ? 97  MET A N   1 
ATOM   728  C CA  . MET A 1 97  ? -10.133 -7.173  -19.381 1.00 15.00 ? 97  MET A CA  1 
ATOM   729  C C   . MET A 1 97  ? -10.835 -7.514  -18.065 1.00 15.00 ? 97  MET A C   1 
ATOM   730  O O   . MET A 1 97  ? -10.924 -8.690  -17.662 1.00 15.00 ? 97  MET A O   1 
ATOM   731  C CB  . MET A 1 97  ? -9.114  -8.239  -19.732 1.00 15.00 ? 97  MET A CB  1 
ATOM   732  C CG  . MET A 1 97  ? -8.599  -8.092  -21.113 1.00 15.00 ? 97  MET A CG  1 
ATOM   733  S SD  . MET A 1 97  ? -6.949  -8.784  -21.188 1.00 15.00 ? 97  MET A SD  1 
ATOM   734  C CE  . MET A 1 97  ? -7.265  -10.394 -20.478 1.00 15.00 ? 97  MET A CE  1 
ATOM   735  N N   . TYR A 1 98  ? -11.355 -6.468  -17.424 1.00 15.00 ? 98  TYR A N   1 
ATOM   736  C CA  . TYR A 1 98  ? -12.095 -6.617  -16.184 1.00 15.00 ? 98  TYR A CA  1 
ATOM   737  C C   . TYR A 1 98  ? -13.285 -7.525  -16.438 1.00 15.00 ? 98  TYR A C   1 
ATOM   738  O O   . TYR A 1 98  ? -14.075 -7.276  -17.347 1.00 15.00 ? 98  TYR A O   1 
ATOM   739  C CB  . TYR A 1 98  ? -12.615 -5.254  -15.703 1.00 15.00 ? 98  TYR A CB  1 
ATOM   740  C CG  . TYR A 1 98  ? -13.671 -5.396  -14.605 1.00 15.00 ? 98  TYR A CG  1 
ATOM   741  C CD1 . TYR A 1 98  ? -13.390 -5.911  -13.395 1.00 15.00 ? 98  TYR A CD1 1 
ATOM   742  C CD2 . TYR A 1 98  ? -14.960 -5.112  -14.812 1.00 15.00 ? 98  TYR A CD2 1 
ATOM   743  C CE1 . TYR A 1 98  ? -14.396 -6.129  -12.442 1.00 15.00 ? 98  TYR A CE1 1 
ATOM   744  C CE2 . TYR A 1 98  ? -15.927 -5.359  -13.816 1.00 15.00 ? 98  TYR A CE2 1 
ATOM   745  C CZ  . TYR A 1 98  ? -15.641 -5.855  -12.648 1.00 15.00 ? 98  TYR A CZ  1 
ATOM   746  O OH  . TYR A 1 98  ? -16.590 -6.030  -11.717 1.00 15.00 ? 98  TYR A OH  1 
ATOM   747  N N   . ASN A 1 99  ? -13.394 -8.597  -15.668 1.00 15.00 ? 99  ASN A N   1 
ATOM   748  C CA  . ASN A 1 99  ? -14.521 -9.505  -15.835 1.00 15.00 ? 99  ASN A CA  1 
ATOM   749  C C   . ASN A 1 99  ? -15.394 -9.527  -14.582 1.00 15.00 ? 99  ASN A C   1 
ATOM   750  O O   . ASN A 1 99  ? -14.976 -9.999  -13.528 1.00 15.00 ? 99  ASN A O   1 
ATOM   751  C CB  . ASN A 1 99  ? -14.059 -10.895 -16.228 1.00 15.00 ? 99  ASN A CB  1 
ATOM   752  C CG  . ASN A 1 99  ? -15.210 -11.878 -16.291 1.00 15.00 ? 99  ASN A CG  1 
ATOM   753  O OD1 . ASN A 1 99  ? -16.362 -11.494 -16.512 1.00 15.00 ? 99  ASN A OD1 1 
ATOM   754  N ND2 . ASN A 1 99  ? -14.916 -13.147 -16.055 1.00 15.00 ? 99  ASN A ND2 1 
ATOM   755  N N   . PRO A 1 100 ? -16.683 -9.170  -14.719 1.00 15.00 ? 100 PRO A N   1 
ATOM   756  C CA  . PRO A 1 100 ? -17.494 -9.171  -13.497 1.00 15.00 ? 100 PRO A CA  1 
ATOM   757  C C   . PRO A 1 100 ? -17.759 -10.483 -12.769 1.00 15.00 ? 100 PRO A C   1 
ATOM   758  O O   . PRO A 1 100 ? -18.061 -10.447 -11.568 1.00 15.00 ? 100 PRO A O   1 
ATOM   759  C CB  . PRO A 1 100 ? -18.795 -8.524  -13.934 1.00 15.00 ? 100 PRO A CB  1 
ATOM   760  C CG  . PRO A 1 100 ? -18.487 -7.901  -15.318 1.00 15.00 ? 100 PRO A CG  1 
ATOM   761  C CD  . PRO A 1 100 ? -17.517 -8.888  -15.897 1.00 15.00 ? 100 PRO A CD  1 
ATOM   762  N N   . THR A 1 101 ? -17.682 -11.626 -13.460 1.00 15.00 ? 101 THR A N   1 
ATOM   763  C CA  . THR A 1 101 ? -17.935 -12.874 -12.755 1.00 15.00 ? 101 THR A CA  1 
ATOM   764  C C   . THR A 1 101 ? -16.751 -13.221 -11.867 1.00 15.00 ? 101 THR A C   1 
ATOM   765  O O   . THR A 1 101 ? -16.822 -14.148 -11.060 1.00 15.00 ? 101 THR A O   1 
ATOM   766  C CB  . THR A 1 101 ? -18.329 -14.055 -13.693 1.00 15.00 ? 101 THR A CB  1 
ATOM   767  O OG1 . THR A 1 101 ? -17.186 -14.506 -14.434 1.00 15.00 ? 101 THR A OG1 1 
ATOM   768  C CG2 . THR A 1 101 ? -19.444 -13.641 -14.675 1.00 15.00 ? 101 THR A CG2 1 
ATOM   769  N N   . GLY A 1 102 ? -15.667 -12.460 -12.004 1.00 15.00 ? 102 GLY A N   1 
ATOM   770  C CA  . GLY A 1 102 ? -14.491 -12.687 -11.179 1.00 15.00 ? 102 GLY A CA  1 
ATOM   771  C C   . GLY A 1 102 ? -14.329 -11.590 -10.131 1.00 15.00 ? 102 GLY A C   1 
ATOM   772  O O   . GLY A 1 102 ? -13.247 -11.430 -9.559  1.00 15.00 ? 102 GLY A O   1 
ATOM   773  N N   . LYS A 1 103 ? -15.401 -10.830 -9.901  1.00 15.00 ? 103 LYS A N   1 
ATOM   774  C CA  . LYS A 1 103 ? -15.421 -9.727  -8.948  1.00 15.00 ? 103 LYS A CA  1 
ATOM   775  C C   . LYS A 1 103 ? -15.129 -10.265 -7.554  1.00 15.00 ? 103 LYS A C   1 
ATOM   776  O O   . LYS A 1 103 ? -15.861 -11.119 -7.050  1.00 15.00 ? 103 LYS A O   1 
ATOM   777  C CB  . LYS A 1 103 ? -16.791 -9.052  -8.990  1.00 15.00 ? 103 LYS A CB  1 
ATOM   778  C CG  . LYS A 1 103 ? -16.908 -7.799  -8.143  1.00 15.00 ? 103 LYS A CG  1 
ATOM   779  C CD  . LYS A 1 103 ? -18.366 -7.570  -7.682  1.00 15.00 ? 103 LYS A CD  1 
ATOM   780  C CE  . LYS A 1 103 ? -18.798 -8.514  -6.527  1.00 15.00 ? 103 LYS A CE  1 
ATOM   781  N NZ  . LYS A 1 103 ? -17.970 -8.330  -5.283  1.00 15.00 ? 103 LYS A NZ  1 
ATOM   782  N N   . ALA A 1 104 ? -14.037 -9.804  -6.947  1.00 15.00 ? 104 ALA A N   1 
ATOM   783  C CA  . ALA A 1 104 ? -13.657 -10.274 -5.619  1.00 15.00 ? 104 ALA A CA  1 
ATOM   784  C C   . ALA A 1 104 ? -14.006 -9.296  -4.500  1.00 15.00 ? 104 ALA A C   1 
ATOM   785  O O   . ALA A 1 104 ? -14.036 -9.697  -3.330  1.00 15.00 ? 104 ALA A O   1 
ATOM   786  C CB  . ALA A 1 104 ? -12.178 -10.603 -5.583  1.00 15.00 ? 104 ALA A CB  1 
ATOM   787  N N   . ALA A 1 105 ? -14.278 -8.040  -4.864  1.00 15.00 ? 105 ALA A N   1 
ATOM   788  C CA  . ALA A 1 105 ? -14.591 -7.003  -3.885  1.00 15.00 ? 105 ALA A CA  1 
ATOM   789  C C   . ALA A 1 105 ? -15.123 -5.707  -4.512  1.00 15.00 ? 105 ALA A C   1 
ATOM   790  O O   . ALA A 1 105 ? -15.123 -5.574  -5.722  1.00 15.00 ? 105 ALA A O   1 
ATOM   791  C CB  . ALA A 1 105 ? -13.350 -6.718  -3.021  1.00 15.00 ? 105 ALA A CB  1 
ATOM   792  N N   . LYS A 1 106 ? -15.631 -4.810  -3.661  1.00 15.00 ? 106 LYS A N   1 
ATOM   793  C CA  . LYS A 1 106 ? -16.190 -3.507  -4.026  1.00 15.00 ? 106 LYS A CA  1 
ATOM   794  C C   . LYS A 1 106 ? -15.649 -2.422  -3.084  1.00 15.00 ? 106 LYS A C   1 
ATOM   795  O O   . LYS A 1 106 ? -15.043 -2.744  -2.064  1.00 15.00 ? 106 LYS A O   1 
ATOM   796  C CB  . LYS A 1 106 ? -17.718 -3.548  -3.956  1.00 15.00 ? 106 LYS A CB  1 
ATOM   797  C CG  . LYS A 1 106 ? -18.344 -4.475  -4.975  1.00 15.00 ? 106 LYS A CG  1 
ATOM   798  C CD  . LYS A 1 106 ? -19.843 -4.286  -5.051  1.00 15.00 ? 106 LYS A CD  1 
ATOM   799  C CE  . LYS A 1 106 ? -20.610 -4.964  -3.918  1.00 15.00 ? 106 LYS A CE  1 
ATOM   800  N NZ  . LYS A 1 106 ? -22.020 -4.477  -3.922  1.00 15.00 ? 106 LYS A NZ  1 
ATOM   801  N N   . CYS A 1 107 ? -15.794 -1.159  -3.478  1.00 15.00 ? 107 CYS A N   1 
ATOM   802  C CA  . CYS A 1 107 ? -15.345 -0.011  -2.683  1.00 15.00 ? 107 CYS A CA  1 
ATOM   803  C C   . CYS A 1 107 ? -16.505 0.983   -2.625  1.00 15.00 ? 107 CYS A C   1 
ATOM   804  O O   . CYS A 1 107 ? -17.325 1.030   -3.557  1.00 15.00 ? 107 CYS A O   1 
ATOM   805  C CB  . CYS A 1 107 ? -14.139 0.671   -3.355  1.00 15.00 ? 107 CYS A CB  1 
ATOM   806  S SG  . CYS A 1 107 ? -13.419 1.984   -2.370  1.00 15.00 ? 107 CYS A SG  1 
ATOM   807  N N   . ARG A 1 108 ? -16.593 1.735   -1.528  1.00 15.00 ? 108 ARG A N   1 
ATOM   808  C CA  . ARG A 1 108 ? -17.636 2.733   -1.353  1.00 15.00 ? 108 ARG A CA  1 
ATOM   809  C C   . ARG A 1 108 ? -16.999 4.115   -1.225  1.00 15.00 ? 108 ARG A C   1 
ATOM   810  O O   . ARG A 1 108 ? -17.579 5.047   -0.641  1.00 15.00 ? 108 ARG A O   1 
ATOM   811  C CB  . ARG A 1 108 ? -18.442 2.413   -0.097  1.00 15.00 ? 108 ARG A CB  1 
ATOM   812  C CG  . ARG A 1 108 ? -19.035 1.025   -0.052  1.00 15.00 ? 108 ARG A CG  1 
ATOM   813  C CD  . ARG A 1 108 ? -19.671 0.763   1.283   1.00 15.00 ? 108 ARG A CD  1 
ATOM   814  N NE  . ARG A 1 108 ? -20.353 -0.520  1.291   1.00 15.00 ? 108 ARG A NE  1 
ATOM   815  C CZ  . ARG A 1 108 ? -20.959 -1.044  2.350   1.00 15.00 ? 108 ARG A CZ  1 
ATOM   816  N NH1 . ARG A 1 108 ? -20.983 -0.397  3.518   1.00 15.00 ? 108 ARG A NH1 1 
ATOM   817  N NH2 . ARG A 1 108 ? -21.488 -2.254  2.247   1.00 15.00 ? 108 ARG A NH2 1 
ATOM   818  N N   . GLY A 1 109 ? -15.758 4.195   -1.698  1.00 15.00 ? 109 GLY A N   1 
ATOM   819  C CA  . GLY A 1 109 ? -14.994 5.426   -1.660  1.00 15.00 ? 109 GLY A CA  1 
ATOM   820  C C   . GLY A 1 109 ? -13.666 5.263   -0.948  1.00 15.00 ? 109 GLY A C   1 
ATOM   821  O O   . GLY A 1 109 ? -13.142 4.168   -0.791  1.00 15.00 ? 109 GLY A O   1 
ATOM   822  N N   . TYR A 1 110 ? -13.129 6.392   -0.509  1.00 15.00 ? 110 TYR A N   1 
ATOM   823  C CA  . TYR A 1 110 ? -11.848 6.454   0.191   1.00 15.00 ? 110 TYR A CA  1 
ATOM   824  C C   . TYR A 1 110 ? -11.745 7.683   1.104   1.00 15.00 ? 110 TYR A C   1 
ATOM   825  O O   . TYR A 1 110 ? -12.376 8.715   0.853   1.00 15.00 ? 110 TYR A O   1 
ATOM   826  C CB  . TYR A 1 110 ? -10.694 6.491   -0.796  1.00 15.00 ? 110 TYR A CB  1 
ATOM   827  C CG  . TYR A 1 110 ? -10.703 7.714   -1.669  1.00 15.00 ? 110 TYR A CG  1 
ATOM   828  C CD1 . TYR A 1 110 ? -10.104 8.922   -1.234  1.00 15.00 ? 110 TYR A CD1 1 
ATOM   829  C CD2 . TYR A 1 110 ? -11.310 7.683   -2.936  1.00 15.00 ? 110 TYR A CD2 1 
ATOM   830  C CE1 . TYR A 1 110 ? -10.103 10.078  -2.042  1.00 15.00 ? 110 TYR A CE1 1 
ATOM   831  C CE2 . TYR A 1 110 ? -11.320 8.842   -3.763  1.00 15.00 ? 110 TYR A CE2 1 
ATOM   832  C CZ  . TYR A 1 110 ? -10.711 10.025  -3.303  1.00 15.00 ? 110 TYR A CZ  1 
ATOM   833  O OH  . TYR A 1 110 ? -10.702 11.124  -4.135  1.00 15.00 ? 110 TYR A OH  1 
ATOM   834  N N   . ARG A 1 111 ? -10.856 7.601   2.089   1.00 15.00 ? 111 ARG A N   1 
ATOM   835  C CA  . ARG A 1 111 ? -10.644 8.668   3.073   1.00 15.00 ? 111 ARG A CA  1 
ATOM   836  C C   . ARG A 1 111 ? -9.189  9.082   2.994   1.00 15.00 ? 111 ARG A C   1 
ATOM   837  O O   . ARG A 1 111 ? -8.304  8.227   2.895   1.00 15.00 ? 111 ARG A O   1 
ATOM   838  C CB  . ARG A 1 111 ? -10.891 8.101   4.482   1.00 15.00 ? 111 ARG A CB  1 
ATOM   839  C CG  . ARG A 1 111 ? -11.597 8.977   5.523   1.00 15.00 ? 111 ARG A CG  1 
ATOM   840  C CD  . ARG A 1 111 ? -10.828 10.236  5.958   1.00 15.00 ? 111 ARG A CD  1 
ATOM   841  N NE  . ARG A 1 111 ? -9.540  9.973   6.612   1.00 15.00 ? 111 ARG A NE  1 
ATOM   842  C CZ  . ARG A 1 111 ? -9.393  9.605   7.889   1.00 15.00 ? 111 ARG A CZ  1 
ATOM   843  N NH1 . ARG A 1 111 ? -10.451 9.440   8.683   1.00 15.00 ? 111 ARG A NH1 1 
ATOM   844  N NH2 . ARG A 1 111 ? -8.173  9.393   8.375   1.00 15.00 ? 111 ARG A NH2 1 
ATOM   845  N N   . GLU A 1 112 ? -8.930  10.374  3.139   1.00 15.00 ? 112 GLU A N   1 
ATOM   846  C CA  . GLU A 1 112 ? -7.559  10.846  3.096   1.00 15.00 ? 112 GLU A CA  1 
ATOM   847  C C   . GLU A 1 112 ? -7.076  11.308  4.469   1.00 15.00 ? 112 GLU A C   1 
ATOM   848  O O   . GLU A 1 112 ? -7.735  12.131  5.117   1.00 15.00 ? 112 GLU A O   1 
ATOM   849  C CB  . GLU A 1 112 ? -7.418  11.973  2.056   1.00 15.00 ? 112 GLU A CB  1 
ATOM   850  C CG  . GLU A 1 112 ? -7.091  11.488  0.649   1.00 15.00 ? 112 GLU A CG  1 
ATOM   851  C CD  . GLU A 1 112 ? -7.373  12.526  -0.446  1.00 15.00 ? 112 GLU A CD  1 
ATOM   852  O OE1 . GLU A 1 112 ? -7.059  13.731  -0.275  1.00 15.00 ? 112 GLU A OE1 1 
ATOM   853  O OE2 . GLU A 1 112 ? -7.931  12.133  -1.490  1.00 15.00 ? 112 GLU A OE2 1 
ATOM   854  N N   . ILE A 1 113 ? -5.964  10.744  4.925   1.00 15.00 ? 113 ILE A N   1 
ATOM   855  C CA  . ILE A 1 113 ? -5.393  11.125  6.203   1.00 15.00 ? 113 ILE A CA  1 
ATOM   856  C C   . ILE A 1 113 ? -4.787  12.540  6.059   1.00 15.00 ? 113 ILE A C   1 
ATOM   857  O O   . ILE A 1 113 ? -4.085  12.824  5.074   1.00 15.00 ? 113 ILE A O   1 
ATOM   858  C CB  . ILE A 1 113 ? -4.337  10.087  6.708   1.00 15.00 ? 113 ILE A CB  1 
ATOM   859  C CG1 . ILE A 1 113 ? -5.051  8.837   7.232   1.00 15.00 ? 113 ILE A CG1 1 
ATOM   860  C CG2 . ILE A 1 113 ? -3.496  10.666  7.830   1.00 15.00 ? 113 ILE A CG2 1 
ATOM   861  C CD1 . ILE A 1 113 ? -5.894  8.148   6.225   1.00 15.00 ? 113 ILE A CD1 1 
ATOM   862  N N   . PRO A 1 114 ? -5.064  13.447  7.027   1.00 15.00 ? 114 PRO A N   1 
ATOM   863  C CA  . PRO A 1 114 ? -4.565  14.834  7.037   1.00 15.00 ? 114 PRO A CA  1 
ATOM   864  C C   . PRO A 1 114 ? -3.080  14.882  6.673   1.00 15.00 ? 114 PRO A C   1 
ATOM   865  O O   . PRO A 1 114 ? -2.237  14.304  7.379   1.00 15.00 ? 114 PRO A O   1 
ATOM   866  C CB  . PRO A 1 114 ? -4.775  15.257  8.494   1.00 15.00 ? 114 PRO A CB  1 
ATOM   867  C CG  . PRO A 1 114 ? -6.014  14.540  8.871   1.00 15.00 ? 114 PRO A CG  1 
ATOM   868  C CD  . PRO A 1 114 ? -5.776  13.150  8.284   1.00 15.00 ? 114 PRO A CD  1 
ATOM   869  N N   . GLU A 1 115 ? -2.750  15.581  5.590   1.00 15.00 ? 115 GLU A N   1 
ATOM   870  C CA  . GLU A 1 115 ? -1.361  15.661  5.155   1.00 15.00 ? 115 GLU A CA  1 
ATOM   871  C C   . GLU A 1 115 ? -0.360  16.034  6.254   1.00 15.00 ? 115 GLU A C   1 
ATOM   872  O O   . GLU A 1 115 ? -0.612  16.950  7.053   1.00 15.00 ? 115 GLU A O   1 
ATOM   873  C CB  . GLU A 1 115 ? -1.216  16.628  3.989   1.00 15.00 ? 115 GLU A CB  1 
ATOM   874  C CG  . GLU A 1 115 ? 0.190   16.670  3.466   1.00 15.00 ? 115 GLU A CG  1 
ATOM   875  C CD  . GLU A 1 115 ? 0.425   17.784  2.471   1.00 15.00 ? 115 GLU A CD  1 
ATOM   876  O OE1 . GLU A 1 115 ? -0.454  18.676  2.319   1.00 15.00 ? 115 GLU A OE1 1 
ATOM   877  O OE2 . GLU A 1 115 ? 1.512   17.778  1.847   1.00 15.00 ? 115 GLU A OE2 1 
ATOM   878  N N   . GLY A 1 116 ? 0.768   15.319  6.282   1.00 15.00 ? 116 GLY A N   1 
ATOM   879  C CA  . GLY A 1 116 ? 1.815   15.569  7.257   1.00 15.00 ? 116 GLY A CA  1 
ATOM   880  C C   . GLY A 1 116 ? 1.509   15.178  8.685   1.00 15.00 ? 116 GLY A C   1 
ATOM   881  O O   . GLY A 1 116 ? 2.362   15.369  9.558   1.00 15.00 ? 116 GLY A O   1 
ATOM   882  N N   . ASN A 1 117 ? 0.325   14.621  8.931   1.00 15.00 ? 117 ASN A N   1 
ATOM   883  C CA  . ASN A 1 117 ? -0.088  14.261  10.292  1.00 15.00 ? 117 ASN A CA  1 
ATOM   884  C C   . ASN A 1 117 ? 0.037   12.771  10.642  1.00 15.00 ? 117 ASN A C   1 
ATOM   885  O O   . ASN A 1 117 ? -0.874  11.973  10.373  1.00 15.00 ? 117 ASN A O   1 
ATOM   886  C CB  . ASN A 1 117 ? -1.512  14.789  10.553  1.00 15.00 ? 117 ASN A CB  1 
ATOM   887  C CG  . ASN A 1 117 ? -1.963  14.639  12.019  1.00 15.00 ? 117 ASN A CG  1 
ATOM   888  O OD1 . ASN A 1 117 ? -1.414  13.854  12.800  1.00 15.00 ? 117 ASN A OD1 1 
ATOM   889  N ND2 . ASN A 1 117 ? -3.023  15.354  12.365  1.00 15.00 ? 117 ASN A ND2 1 
ATOM   890  N N   . GLU A 1 118 ? 1.144   12.418  11.300  1.00 15.00 ? 118 GLU A N   1 
ATOM   891  C CA  . GLU A 1 118 ? 1.439   11.025  11.699  1.00 15.00 ? 118 GLU A CA  1 
ATOM   892  C C   . GLU A 1 118 ? 0.501   10.413  12.743  1.00 15.00 ? 118 GLU A C   1 
ATOM   893  O O   . GLU A 1 118 ? 0.198   9.225   12.668  1.00 15.00 ? 118 GLU A O   1 
ATOM   894  C CB  . GLU A 1 118 ? 2.894   10.870  12.191  1.00 15.00 ? 118 GLU A CB  1 
ATOM   895  C CG  . GLU A 1 118 ? 3.982   11.080  11.118  1.00 15.00 ? 118 GLU A CG  1 
ATOM   896  C CD  . GLU A 1 118 ? 5.351   10.576  11.539  1.00 15.00 ? 118 GLU A CD  1 
ATOM   897  O OE1 . GLU A 1 118 ? 5.577   9.353   11.628  1.00 15.00 ? 118 GLU A OE1 1 
ATOM   898  O OE2 . GLU A 1 118 ? 6.218   11.424  11.779  1.00 15.00 ? 118 GLU A OE2 1 
ATOM   899  N N   . LYS A 1 119 ? 0.110   11.189  13.753  1.00 15.00 ? 119 LYS A N   1 
ATOM   900  C CA  . LYS A 1 119 ? -0.787  10.696  14.805  1.00 15.00 ? 119 LYS A CA  1 
ATOM   901  C C   . LYS A 1 119 ? -2.070  10.243  14.173  1.00 15.00 ? 119 LYS A C   1 
ATOM   902  O O   . LYS A 1 119 ? -2.681  9.272   14.597  1.00 15.00 ? 119 LYS A O   1 
ATOM   903  C CB  . LYS A 1 119 ? -1.138  11.805  15.787  1.00 15.00 ? 119 LYS A CB  1 
ATOM   904  C CG  . LYS A 1 119 ? 0.036   12.539  16.316  1.00 15.00 ? 119 LYS A CG  1 
ATOM   905  C CD  . LYS A 1 119 ? -0.417  13.756  17.092  1.00 15.00 ? 119 LYS A CD  1 
ATOM   906  C CE  . LYS A 1 119 ? -1.240  14.731  16.226  1.00 15.00 ? 119 LYS A CE  1 
ATOM   907  N NZ  . LYS A 1 119 ? -0.450  15.365  15.144  1.00 15.00 ? 119 LYS A NZ  1 
ATOM   908  N N   . ALA A 1 120 ? -2.476  11.012  13.170  1.00 15.00 ? 120 ALA A N   1 
ATOM   909  C CA  . ALA A 1 120 ? -3.689  10.782  12.389  1.00 15.00 ? 120 ALA A CA  1 
ATOM   910  C C   . ALA A 1 120 ? -3.584  9.485   11.615  1.00 15.00 ? 120 ALA A C   1 
ATOM   911  O O   . ALA A 1 120 ? -4.566  8.748   11.481  1.00 15.00 ? 120 ALA A O   1 
ATOM   912  C CB  . ALA A 1 120 ? -3.921  11.942  11.423  1.00 15.00 ? 120 ALA A CB  1 
ATOM   913  N N   . LEU A 1 121 ? -2.413  9.281   11.012  1.00 15.00 ? 121 LEU A N   1 
ATOM   914  C CA  . LEU A 1 121 ? -2.120  8.078   10.244  1.00 15.00 ? 121 LEU A CA  1 
ATOM   915  C C   . LEU A 1 121 ? -2.168  6.871   11.188  1.00 15.00 ? 121 LEU A C   1 
ATOM   916  O O   . LEU A 1 121 ? -2.649  5.791   10.818  1.00 15.00 ? 121 LEU A O   1 
ATOM   917  C CB  . LEU A 1 121 ? -0.736  8.206   9.588   1.00 15.00 ? 121 LEU A CB  1 
ATOM   918  C CG  . LEU A 1 121 ? -0.112  7.058   8.785   1.00 15.00 ? 121 LEU A CG  1 
ATOM   919  C CD1 . LEU A 1 121 ? -1.101  6.615   7.690   1.00 15.00 ? 121 LEU A CD1 1 
ATOM   920  C CD2 . LEU A 1 121 ? 1.275   7.503   8.211   1.00 15.00 ? 121 LEU A CD2 1 
ATOM   921  N N   . LYS A 1 122 ? -1.679  7.076   12.412  1.00 15.00 ? 122 LYS A N   1 
ATOM   922  C CA  . LYS A 1 122 ? -1.650  6.038   13.445  1.00 15.00 ? 122 LYS A CA  1 
ATOM   923  C C   . LYS A 1 122 ? -3.053  5.618   13.806  1.00 15.00 ? 122 LYS A C   1 
ATOM   924  O O   . LYS A 1 122 ? -3.328  4.429   13.875  1.00 15.00 ? 122 LYS A O   1 
ATOM   925  C CB  . LYS A 1 122 ? -0.950  6.531   14.717  1.00 15.00 ? 122 LYS A CB  1 
ATOM   926  C CG  . LYS A 1 122 ? -1.056  5.547   15.899  1.00 15.00 ? 122 LYS A CG  1 
ATOM   927  C CD  . LYS A 1 122 ? -0.438  6.073   17.223  1.00 15.00 ? 122 LYS A CD  1 
ATOM   928  C CE  . LYS A 1 122 ? -0.564  5.035   18.350  1.00 15.00 ? 122 LYS A CE  1 
ATOM   929  N NZ  . LYS A 1 122 ? -0.257  5.552   19.731  1.00 15.00 ? 122 LYS A NZ  1 
ATOM   930  N N   . ARG A 1 123 ? -3.913  6.603   14.084  1.00 15.00 ? 123 ARG A N   1 
ATOM   931  C CA  . ARG A 1 123 ? -5.292  6.324   14.447  1.00 15.00 ? 123 ARG A CA  1 
ATOM   932  C C   . ARG A 1 123 ? -5.937  5.631   13.275  1.00 15.00 ? 123 ARG A C   1 
ATOM   933  O O   . ARG A 1 123 ? -6.729  4.724   13.471  1.00 15.00 ? 123 ARG A O   1 
ATOM   934  C CB  . ARG A 1 123 ? -6.098  7.581   14.742  1.00 15.00 ? 123 ARG A CB  1 
ATOM   935  C CG  . ARG A 1 123 ? -5.354  8.649   15.457  1.00 15.00 ? 123 ARG A CG  1 
ATOM   936  C CD  . ARG A 1 123 ? -5.736  8.714   16.922  1.00 15.00 ? 123 ARG A CD  1 
ATOM   937  N NE  . ARG A 1 123 ? -4.789  8.006   17.788  1.00 15.00 ? 123 ARG A NE  1 
ATOM   938  C CZ  . ARG A 1 123 ? -3.504  8.346   17.967  1.00 15.00 ? 123 ARG A CZ  1 
ATOM   939  N NH1 . ARG A 1 123 ? -2.971  9.391   17.330  1.00 15.00 ? 123 ARG A NH1 1 
ATOM   940  N NH2 . ARG A 1 123 ? -2.751  7.645   18.818  1.00 15.00 ? 123 ARG A NH2 1 
ATOM   941  N N   . ALA A 1 124 ? -5.602  6.048   12.060  1.00 15.00 ? 124 ALA A N   1 
ATOM   942  C CA  . ALA A 1 124 ? -6.191  5.436   10.875  1.00 15.00 ? 124 ALA A CA  1 
ATOM   943  C C   . ALA A 1 124 ? -5.797  3.963   10.789  1.00 15.00 ? 124 ALA A C   1 
ATOM   944  O O   . ALA A 1 124 ? -6.651  3.104   10.640  1.00 15.00 ? 124 ALA A O   1 
ATOM   945  C CB  . ALA A 1 124 ? -5.764  6.186   9.626   1.00 15.00 ? 124 ALA A CB  1 
ATOM   946  N N   . VAL A 1 125 ? -4.519  3.649   10.962  1.00 15.00 ? 125 VAL A N   1 
ATOM   947  C CA  . VAL A 1 125 ? -4.091  2.252   10.898  1.00 15.00 ? 125 VAL A CA  1 
ATOM   948  C C   . VAL A 1 125 ? -4.771  1.496   12.030  1.00 15.00 ? 125 VAL A C   1 
ATOM   949  O O   . VAL A 1 125 ? -5.361  0.445   11.818  1.00 15.00 ? 125 VAL A O   1 
ATOM   950  C CB  . VAL A 1 125 ? -2.534  2.102   11.054  1.00 15.00 ? 125 VAL A CB  1 
ATOM   951  C CG1 . VAL A 1 125 ? -2.118  0.635   11.064  1.00 15.00 ? 125 VAL A CG1 1 
ATOM   952  C CG2 . VAL A 1 125 ? -1.815  2.825   9.968   1.00 15.00 ? 125 VAL A CG2 1 
ATOM   953  N N   . ALA A 1 126 ? -4.679  2.052   13.235  1.00 15.00 ? 126 ALA A N   1 
ATOM   954  C CA  . ALA A 1 126 ? -5.242  1.434   14.439  1.00 15.00 ? 126 ALA A CA  1 
ATOM   955  C C   . ALA A 1 126 ? -6.732  1.113   14.402  1.00 15.00 ? 126 ALA A C   1 
ATOM   956  O O   . ALA A 1 126 ? -7.157  0.058   14.890  1.00 15.00 ? 126 ALA A O   1 
ATOM   957  C CB  . ALA A 1 126 ? -4.928  2.274   15.665  1.00 15.00 ? 126 ALA A CB  1 
ATOM   958  N N   . ARG A 1 127 ? -7.521  2.006   13.804  1.00 15.00 ? 127 ARG A N   1 
ATOM   959  C CA  . ARG A 1 127 ? -8.964  1.818   13.727  1.00 15.00 ? 127 ARG A CA  1 
ATOM   960  C C   . ARG A 1 127 ? -9.459  1.193   12.420  1.00 15.00 ? 127 ARG A C   1 
ATOM   961  O O   . ARG A 1 127 ? -10.512 0.547   12.409  1.00 15.00 ? 127 ARG A O   1 
ATOM   962  C CB  . ARG A 1 127 ? -9.721  3.148   13.929  1.00 15.00 ? 127 ARG A CB  1 
ATOM   963  C CG  . ARG A 1 127 ? -9.085  4.240   14.835  1.00 15.00 ? 127 ARG A CG  1 
ATOM   964  C CD  . ARG A 1 127 ? -8.828  3.859   16.310  1.00 15.00 ? 127 ARG A CD  1 
ATOM   965  N NE  . ARG A 1 127 ? -7.834  4.754   16.939  1.00 15.00 ? 127 ARG A NE  1 
ATOM   966  C CZ  . ARG A 1 127 ? -8.116  5.720   17.817  1.00 15.00 ? 127 ARG A CZ  1 
ATOM   967  N NH1 . ARG A 1 127 ? -9.369  5.925   18.221  1.00 15.00 ? 127 ARG A NH1 1 
ATOM   968  N NH2 . ARG A 1 127 ? -7.137  6.474   18.317  1.00 15.00 ? 127 ARG A NH2 1 
ATOM   969  N N   . VAL A 1 128 ? -8.701  1.373   11.338  1.00 15.00 ? 128 VAL A N   1 
ATOM   970  C CA  . VAL A 1 128 ? -9.070  0.876   10.012  1.00 15.00 ? 128 VAL A CA  1 
ATOM   971  C C   . VAL A 1 128 ? -8.342  -0.402  9.536   1.00 15.00 ? 128 VAL A C   1 
ATOM   972  O O   . VAL A 1 128 ? -8.975  -1.363  9.103   1.00 15.00 ? 128 VAL A O   1 
ATOM   973  C CB  . VAL A 1 128 ? -8.827  1.984   8.949   1.00 15.00 ? 128 VAL A CB  1 
ATOM   974  C CG1 . VAL A 1 128 ? -9.055  1.473   7.504   1.00 15.00 ? 128 VAL A CG1 1 
ATOM   975  C CG2 . VAL A 1 128 ? -9.749  3.166   9.216   1.00 15.00 ? 128 VAL A CG2 1 
ATOM   976  N N   . GLY A 1 129 ? -7.022  -0.432  9.643   1.00 15.00 ? 129 GLY A N   1 
ATOM   977  C CA  . GLY A 1 129 ? -6.265  -1.569  9.163   1.00 15.00 ? 129 GLY A CA  1 
ATOM   978  C C   . GLY A 1 129 ? -5.164  -0.991  8.277   1.00 15.00 ? 129 GLY A C   1 
ATOM   979  O O   . GLY A 1 129 ? -4.821  0.197   8.415   1.00 15.00 ? 129 GLY A O   1 
ATOM   980  N N   . PRO A 1 130 ? -4.612  -1.777  7.329   1.00 15.00 ? 130 PRO A N   1 
ATOM   981  C CA  . PRO A 1 130 ? -3.548  -1.327  6.416   1.00 15.00 ? 130 PRO A CA  1 
ATOM   982  C C   . PRO A 1 130 ? -3.854  -0.003  5.687   1.00 15.00 ? 130 PRO A C   1 
ATOM   983  O O   . PRO A 1 130 ? -4.973  0.179   5.270   1.00 15.00 ? 130 PRO A O   1 
ATOM   984  C CB  . PRO A 1 130 ? -3.448  -2.499  5.449   1.00 15.00 ? 130 PRO A CB  1 
ATOM   985  C CG  . PRO A 1 130 ? -3.661  -3.711  6.362   1.00 15.00 ? 130 PRO A CG  1 
ATOM   986  C CD  . PRO A 1 130 ? -4.843  -3.238  7.198   1.00 15.00 ? 130 PRO A CD  1 
ATOM   987  N N   . VAL A 1 131 ? -2.884  0.910   5.543   1.00 15.00 ? 131 VAL A N   1 
ATOM   988  C CA  . VAL A 1 131 ? -3.135  2.196   4.875   1.00 15.00 ? 131 VAL A CA  1 
ATOM   989  C C   . VAL A 1 131 ? -2.192  2.476   3.692   1.00 15.00 ? 131 VAL A C   1 
ATOM   990  O O   . VAL A 1 131 ? -1.001  2.263   3.799   1.00 15.00 ? 131 VAL A O   1 
ATOM   991  C CB  . VAL A 1 131 ? -3.064  3.386   5.874   1.00 15.00 ? 131 VAL A CB  1 
ATOM   992  C CG1 . VAL A 1 131 ? -3.263  4.713   5.137   1.00 15.00 ? 131 VAL A CG1 1 
ATOM   993  C CG2 . VAL A 1 131 ? -4.123  3.235   6.939   1.00 15.00 ? 131 VAL A CG2 1 
ATOM   994  N N   . SER A 1 132 ? -2.727  2.925   2.559   1.00 15.00 ? 132 SER A N   1 
ATOM   995  C CA  . SER A 1 132 ? -1.891  3.225   1.395   1.00 15.00 ? 132 SER A CA  1 
ATOM   996  C C   . SER A 1 132 ? -1.084  4.509   1.645   1.00 15.00 ? 132 SER A C   1 
ATOM   997  O O   . SER A 1 132 ? -1.663  5.552   1.981   1.00 15.00 ? 132 SER A O   1 
ATOM   998  C CB  . SER A 1 132 ? -2.742  3.446   0.137   1.00 15.00 ? 132 SER A CB  1 
ATOM   999  O OG  . SER A 1 132 ? -3.468  2.299   -0.239  1.00 15.00 ? 132 SER A OG  1 
ATOM   1000 N N   . VAL A 1 133 ? 0.242   4.425   1.526   1.00 15.00 ? 133 VAL A N   1 
ATOM   1001 C CA  . VAL A 1 133 ? 1.118   5.595   1.705   1.00 15.00 ? 133 VAL A CA  1 
ATOM   1002 C C   . VAL A 1 133 ? 2.090   5.768   0.522   1.00 15.00 ? 133 VAL A C   1 
ATOM   1003 O O   . VAL A 1 133 ? 2.314   4.841   -0.253  1.00 15.00 ? 133 VAL A O   1 
ATOM   1004 C CB  . VAL A 1 133 ? 1.897   5.558   3.082   1.00 15.00 ? 133 VAL A CB  1 
ATOM   1005 C CG1 . VAL A 1 133 ? 0.897   5.419   4.255   1.00 15.00 ? 133 VAL A CG1 1 
ATOM   1006 C CG2 . VAL A 1 133 ? 2.949   4.422   3.115   1.00 15.00 ? 133 VAL A CG2 1 
ATOM   1007 N N   . ALA A 1 134 ? 2.713   6.938   0.438   1.00 15.00 ? 134 ALA A N   1 
ATOM   1008 C CA  . ALA A 1 134 ? 3.677   7.271   -0.614  1.00 15.00 ? 134 ALA A CA  1 
ATOM   1009 C C   . ALA A 1 134 ? 4.867   7.881   0.098   1.00 15.00 ? 134 ALA A C   1 
ATOM   1010 O O   . ALA A 1 134 ? 4.713   8.760   0.950   1.00 15.00 ? 134 ALA A O   1 
ATOM   1011 C CB  . ALA A 1 134 ? 3.071   8.267   -1.632  1.00 15.00 ? 134 ALA A CB  1 
ATOM   1012 N N   . ILE A 1 135 ? 6.051   7.438   -0.288  1.00 15.00 ? 135 ILE A N   1 
ATOM   1013 C CA  . ILE A 1 135 ? 7.291   7.877   0.333   1.00 15.00 ? 135 ILE A CA  1 
ATOM   1014 C C   . ILE A 1 135 ? 8.377   8.193   -0.690  1.00 15.00 ? 135 ILE A C   1 
ATOM   1015 O O   . ILE A 1 135 ? 8.133   8.156   -1.892  1.00 15.00 ? 135 ILE A O   1 
ATOM   1016 C CB  . ILE A 1 135 ? 7.856   6.743   1.241   1.00 15.00 ? 135 ILE A CB  1 
ATOM   1017 C CG1 . ILE A 1 135 ? 7.934   5.431   0.427   1.00 15.00 ? 135 ILE A CG1 1 
ATOM   1018 C CG2 . ILE A 1 135 ? 7.018   6.595   2.530   1.00 15.00 ? 135 ILE A CG2 1 
ATOM   1019 C CD1 . ILE A 1 135 ? 8.886   4.379   0.959   1.00 15.00 ? 135 ILE A CD1 1 
ATOM   1020 N N   . ASP A 1 136 ? 9.529   8.613   -0.182  1.00 15.00 ? 136 ASP A N   1 
ATOM   1021 C CA  . ASP A 1 136 ? 10.703  8.882   -0.989  1.00 15.00 ? 136 ASP A CA  1 
ATOM   1022 C C   . ASP A 1 136 ? 11.457  7.553   -0.789  1.00 15.00 ? 136 ASP A C   1 
ATOM   1023 O O   . ASP A 1 136 ? 11.884  7.265   0.317   1.00 15.00 ? 136 ASP A O   1 
ATOM   1024 C CB  . ASP A 1 136 ? 11.498  10.062  -0.388  1.00 15.00 ? 136 ASP A CB  1 
ATOM   1025 C CG  . ASP A 1 136 ? 12.803  10.330  -1.120  1.00 15.00 ? 136 ASP A CG  1 
ATOM   1026 O OD1 . ASP A 1 136 ? 13.166  9.630   -2.061  1.00 15.00 ? 136 ASP A OD1 1 
ATOM   1027 O OD2 . ASP A 1 136 ? 13.456  11.298  -0.783  1.00 15.00 ? 136 ASP A OD2 1 
ATOM   1028 N N   . ALA A 1 137 ? 11.590  6.757   -1.850  1.00 15.00 ? 137 ALA A N   1 
ATOM   1029 C CA  . ALA A 1 137 ? 12.287  5.488   -1.793  1.00 15.00 ? 137 ALA A CA  1 
ATOM   1030 C C   . ALA A 1 137 ? 13.508  5.470   -2.732  1.00 15.00 ? 137 ALA A C   1 
ATOM   1031 O O   . ALA A 1 137 ? 14.032  4.402   -3.061  1.00 15.00 ? 137 ALA A O   1 
ATOM   1032 C CB  . ALA A 1 137 ? 11.339  4.362   -2.151  1.00 15.00 ? 137 ALA A CB  1 
ATOM   1033 N N   . SER A 1 138 ? 13.980  6.655   -3.093  1.00 15.00 ? 138 SER A N   1 
ATOM   1034 C CA  . SER A 1 138 ? 15.112  6.813   -3.989  1.00 15.00 ? 138 SER A CA  1 
ATOM   1035 C C   . SER A 1 138 ? 16.513  6.646   -3.376  1.00 15.00 ? 138 SER A C   1 
ATOM   1036 O O   . SER A 1 138 ? 17.472  6.330   -4.054  1.00 15.00 ? 138 SER A O   1 
ATOM   1037 C CB  . SER A 1 138 ? 15.032  8.169   -4.697  1.00 15.00 ? 138 SER A CB  1 
ATOM   1038 O OG  . SER A 1 138 ? 14.823  9.241   -3.792  1.00 15.00 ? 138 SER A OG  1 
ATOM   1039 N N   . LEU A 1 139 ? 16.628  6.877   -2.084  1.00 15.00 ? 139 LEU A N   1 
ATOM   1040 C CA  . LEU A 1 139 ? 17.906  6.755   -1.405  1.00 15.00 ? 139 LEU A CA  1 
ATOM   1041 C C   . LEU A 1 139 ? 18.422  5.326   -1.342  1.00 15.00 ? 139 LEU A C   1 
ATOM   1042 O O   . LEU A 1 139 ? 17.705  4.371   -1.039  1.00 15.00 ? 139 LEU A O   1 
ATOM   1043 C CB  . LEU A 1 139 ? 17.844  7.357   -0.002  1.00 15.00 ? 139 LEU A CB  1 
ATOM   1044 C CG  . LEU A 1 139 ? 18.323  8.795   0.285   1.00 15.00 ? 139 LEU A CG  1 
ATOM   1045 C CD1 . LEU A 1 139 ? 17.888  9.755   -0.809  1.00 15.00 ? 139 LEU A CD1 1 
ATOM   1046 C CD2 . LEU A 1 139 ? 17.737  9.260   1.616   1.00 15.00 ? 139 LEU A CD2 1 
ATOM   1047 N N   . THR A 1 140 ? 19.704  5.200   -1.623  1.00 15.00 ? 140 THR A N   1 
ATOM   1048 C CA  . THR A 1 140 ? 20.448  3.932   -1.620  1.00 15.00 ? 140 THR A CA  1 
ATOM   1049 C C   . THR A 1 140 ? 20.365  3.186   -0.320  1.00 15.00 ? 140 THR A C   1 
ATOM   1050 O O   . THR A 1 140 ? 20.416  1.959   -0.272  1.00 15.00 ? 140 THR A O   1 
ATOM   1051 C CB  . THR A 1 140 ? 21.918  4.203   -1.883  1.00 15.00 ? 140 THR A CB  1 
ATOM   1052 O OG1 . THR A 1 140 ? 22.026  4.642   -3.233  1.00 15.00 ? 140 THR A OG1 1 
ATOM   1053 C CG2 . THR A 1 140 ? 22.764  2.938   -1.665  1.00 15.00 ? 140 THR A CG2 1 
ATOM   1054 N N   . SER A 1 141 ? 20.365  3.944   0.758   1.00 15.00 ? 141 SER A N   1 
ATOM   1055 C CA  . SER A 1 141 ? 20.284  3.363   2.084   1.00 15.00 ? 141 SER A CA  1 
ATOM   1056 C C   . SER A 1 141 ? 18.936  2.731   2.230   1.00 15.00 ? 141 SER A C   1 
ATOM   1057 O O   . SER A 1 141 ? 18.818  1.711   2.900   1.00 15.00 ? 141 SER A O   1 
ATOM   1058 C CB  . SER A 1 141 ? 20.458  4.434   3.153   1.00 15.00 ? 141 SER A CB  1 
ATOM   1059 O OG  . SER A 1 141 ? 19.708  5.558   2.779   1.00 15.00 ? 141 SER A OG  1 
ATOM   1060 N N   . PHE A 1 142 ? 17.917  3.267   1.556   1.00 15.00 ? 142 PHE A N   1 
ATOM   1061 C CA  . PHE A 1 142 ? 16.594  2.658   1.671   1.00 15.00 ? 142 PHE A CA  1 
ATOM   1062 C C   . PHE A 1 142 ? 16.639  1.382   0.834   1.00 15.00 ? 142 PHE A C   1 
ATOM   1063 O O   . PHE A 1 142 ? 16.239  0.358   1.301   1.00 15.00 ? 142 PHE A O   1 
ATOM   1064 C CB  . PHE A 1 142 ? 15.465  3.648   1.224   1.00 15.00 ? 142 PHE A CB  1 
ATOM   1065 C CG  . PHE A 1 142 ? 14.045  3.055   1.180   1.00 15.00 ? 142 PHE A CG  1 
ATOM   1066 C CD1 . PHE A 1 142 ? 13.649  2.322   0.127   1.00 15.00 ? 142 PHE A CD1 1 
ATOM   1067 C CD2 . PHE A 1 142 ? 13.169  3.118   2.214   1.00 15.00 ? 142 PHE A CD2 1 
ATOM   1068 C CE1 . PHE A 1 142 ? 12.450  1.656   0.117   1.00 15.00 ? 142 PHE A CE1 1 
ATOM   1069 C CE2 . PHE A 1 142 ? 11.985  2.427   2.130   1.00 15.00 ? 142 PHE A CE2 1 
ATOM   1070 C CZ  . PHE A 1 142 ? 11.664  1.715   1.093   1.00 15.00 ? 142 PHE A CZ  1 
ATOM   1071 N N   . GLN A 1 143 ? 17.183  1.426   -0.370  1.00 15.00 ? 143 GLN A N   1 
ATOM   1072 C CA  . GLN A 1 143 ? 17.188  0.250   -1.238  1.00 15.00 ? 143 GLN A CA  1 
ATOM   1073 C C   . GLN A 1 143 ? 18.072  -0.887  -0.742  1.00 15.00 ? 143 GLN A C   1 
ATOM   1074 O O   . GLN A 1 143 ? 17.857  -2.030  -1.109  1.00 15.00 ? 143 GLN A O   1 
ATOM   1075 C CB  . GLN A 1 143 ? 17.525  0.691   -2.666  1.00 15.00 ? 143 GLN A CB  1 
ATOM   1076 C CG  . GLN A 1 143 ? 16.751  1.898   -3.110  1.00 15.00 ? 143 GLN A CG  1 
ATOM   1077 C CD  . GLN A 1 143 ? 16.695  2.064   -4.621  1.00 15.00 ? 143 GLN A CD  1 
ATOM   1078 O OE1 . GLN A 1 143 ? 17.277  1.267   -5.364  1.00 15.00 ? 143 GLN A OE1 1 
ATOM   1079 N NE2 . GLN A 1 143 ? 15.966  3.076   -5.087  1.00 15.00 ? 143 GLN A NE2 1 
ATOM   1080 N N   . PHE A 1 144 ? 19.057  -0.579  0.100   1.00 15.00 ? 144 PHE A N   1 
ATOM   1081 C CA  . PHE A 1 144 ? 19.931  -1.637  0.640   1.00 15.00 ? 144 PHE A CA  1 
ATOM   1082 C C   . PHE A 1 144 ? 19.527  -2.014  2.089   1.00 15.00 ? 144 PHE A C   1 
ATOM   1083 O O   . PHE A 1 144 ? 20.274  -2.668  2.818   1.00 15.00 ? 144 PHE A O   1 
ATOM   1084 C CB  . PHE A 1 144 ? 21.426  -1.256  0.605   1.00 15.00 ? 144 PHE A CB  1 
ATOM   1085 C CG  . PHE A 1 144 ? 22.087  -1.416  -0.734  1.00 15.00 ? 144 PHE A CG  1 
ATOM   1086 C CD1 . PHE A 1 144 ? 22.209  -2.665  -1.303  1.00 15.00 ? 144 PHE A CD1 1 
ATOM   1087 C CD2 . PHE A 1 144 ? 22.564  -0.313  -1.428  1.00 15.00 ? 144 PHE A CD2 1 
ATOM   1088 C CE1 . PHE A 1 144 ? 22.786  -2.831  -2.540  1.00 15.00 ? 144 PHE A CE1 1 
ATOM   1089 C CE2 . PHE A 1 144 ? 23.147  -0.458  -2.670  1.00 15.00 ? 144 PHE A CE2 1 
ATOM   1090 C CZ  . PHE A 1 144 ? 23.257  -1.730  -3.227  1.00 15.00 ? 144 PHE A CZ  1 
ATOM   1091 N N   . TYR A 1 145 ? 18.350  -1.573  2.514   1.00 15.00 ? 145 TYR A N   1 
ATOM   1092 C CA  . TYR A 1 145 ? 17.898  -1.869  3.872   1.00 15.00 ? 145 TYR A CA  1 
ATOM   1093 C C   . TYR A 1 145 ? 17.838  -3.386  4.115   1.00 15.00 ? 145 TYR A C   1 
ATOM   1094 O O   . TYR A 1 145 ? 17.473  -4.149  3.232   1.00 15.00 ? 145 TYR A O   1 
ATOM   1095 C CB  . TYR A 1 145 ? 16.543  -1.210  4.147   1.00 15.00 ? 145 TYR A CB  1 
ATOM   1096 C CG  . TYR A 1 145 ? 15.815  -1.738  5.387   1.00 15.00 ? 145 TYR A CG  1 
ATOM   1097 C CD1 . TYR A 1 145 ? 15.267  -3.084  5.381   1.00 15.00 ? 145 TYR A CD1 1 
ATOM   1098 C CD2 . TYR A 1 145 ? 15.711  -0.929  6.571   1.00 15.00 ? 145 TYR A CD2 1 
ATOM   1099 C CE1 . TYR A 1 145 ? 14.648  -3.626  6.507   1.00 15.00 ? 145 TYR A CE1 1 
ATOM   1100 C CE2 . TYR A 1 145 ? 15.105  -1.428  7.705   1.00 15.00 ? 145 TYR A CE2 1 
ATOM   1101 C CZ  . TYR A 1 145 ? 14.571  -2.784  7.691   1.00 15.00 ? 145 TYR A CZ  1 
ATOM   1102 O OH  . TYR A 1 145 ? 14.026  -3.227  8.898   1.00 15.00 ? 145 TYR A OH  1 
ATOM   1103 N N   . SER A 1 146 ? 18.130  -3.828  5.332   1.00 15.00 ? 146 SER A N   1 
ATOM   1104 C CA  . SER A 1 146 ? 18.024  -5.258  5.682   1.00 15.00 ? 146 SER A CA  1 
ATOM   1105 C C   . SER A 1 146 ? 17.483  -5.425  7.122   1.00 15.00 ? 146 SER A C   1 
ATOM   1106 O O   . SER A 1 146 ? 16.694  -6.340  7.418   1.00 15.00 ? 146 SER A O   1 
ATOM   1107 C CB  . SER A 1 146 ? 19.361  -5.991  5.489   1.00 15.00 ? 146 SER A CB  1 
ATOM   1108 O OG  . SER A 1 146 ? 20.426  -5.331  6.142   1.00 15.00 ? 146 SER A OG  1 
ATOM   1109 N N   . LYS A 1 147 ? 17.803  -4.462  7.987   1.00 15.00 ? 147 LYS A N   1 
ATOM   1110 C CA  . LYS A 1 147 ? 17.365  -4.553  9.371   1.00 15.00 ? 147 LYS A CA  1 
ATOM   1111 C C   . LYS A 1 147 ? 17.361  -3.181  10.025  1.00 15.00 ? 147 LYS A C   1 
ATOM   1112 O O   . LYS A 1 147 ? 17.866  -2.209  9.456   1.00 15.00 ? 147 LYS A O   1 
ATOM   1113 C CB  . LYS A 1 147 ? 18.276  -5.512  10.178  1.00 15.00 ? 147 LYS A CB  1 
ATOM   1114 C CG  . LYS A 1 147 ? 19.584  -4.862  10.644  1.00 15.00 ? 147 LYS A CG  1 
ATOM   1115 C CD  . LYS A 1 147 ? 20.229  -5.567  11.900  1.00 15.00 ? 147 LYS A CD  1 
ATOM   1116 C CE  . LYS A 1 147 ? 21.048  -4.534  12.754  1.00 15.00 ? 147 LYS A CE  1 
ATOM   1117 N NZ  . LYS A 1 147 ? 20.197  -3.395  13.328  1.00 15.00 ? 147 LYS A NZ  1 
ATOM   1118 N N   . GLY A 1 148 ? 16.702  -3.089  11.176  1.00 15.00 ? 148 GLY A N   1 
ATOM   1119 C CA  . GLY A 1 148 ? 16.629  -1.818  11.881  1.00 15.00 ? 148 GLY A CA  1 
ATOM   1120 C C   . GLY A 1 148 ? 15.422  -0.948  11.549  1.00 15.00 ? 148 GLY A C   1 
ATOM   1121 O O   . GLY A 1 148 ? 14.554  -1.354  10.768  1.00 15.00 ? 148 GLY A O   1 
ATOM   1122 N N   . VAL A 1 149 ? 15.317  0.201   12.219  1.00 15.00 ? 149 VAL A N   1 
ATOM   1123 C CA  . VAL A 1 149 ? 14.232  1.158   11.968  1.00 15.00 ? 149 VAL A CA  1 
ATOM   1124 C C   . VAL A 1 149 ? 14.864  2.210   11.045  1.00 15.00 ? 149 VAL A C   1 
ATOM   1125 O O   . VAL A 1 149 ? 15.601  3.107   11.505  1.00 15.00 ? 149 VAL A O   1 
ATOM   1126 C CB  . VAL A 1 149 ? 13.684  1.840   13.286  1.00 15.00 ? 149 VAL A CB  1 
ATOM   1127 C CG1 . VAL A 1 149 ? 12.624  2.916   12.947  1.00 15.00 ? 149 VAL A CG1 1 
ATOM   1128 C CG2 . VAL A 1 149 ? 13.071  0.804   14.227  1.00 15.00 ? 149 VAL A CG2 1 
ATOM   1129 N N   . TYR A 1 150 ? 14.640  2.064   9.740   1.00 15.00 ? 150 TYR A N   1 
ATOM   1130 C CA  . TYR A 1 150 ? 15.208  2.972   8.758   1.00 15.00 ? 150 TYR A CA  1 
ATOM   1131 C C   . TYR A 1 150 ? 15.026  4.454   9.067   1.00 15.00 ? 150 TYR A C   1 
ATOM   1132 O O   . TYR A 1 150 ? 14.001  4.860   9.574   1.00 15.00 ? 150 TYR A O   1 
ATOM   1133 C CB  . TYR A 1 150 ? 14.672  2.640   7.353   1.00 15.00 ? 150 TYR A CB  1 
ATOM   1134 C CG  . TYR A 1 150 ? 15.154  3.568   6.282   1.00 15.00 ? 150 TYR A CG  1 
ATOM   1135 C CD1 . TYR A 1 150 ? 16.503  3.508   5.845   1.00 15.00 ? 150 TYR A CD1 1 
ATOM   1136 C CD2 . TYR A 1 150 ? 14.296  4.581   5.781   1.00 15.00 ? 150 TYR A CD2 1 
ATOM   1137 C CE1 . TYR A 1 150 ? 16.997  4.404   4.977   1.00 15.00 ? 150 TYR A CE1 1 
ATOM   1138 C CE2 . TYR A 1 150 ? 14.779  5.525   4.885   1.00 15.00 ? 150 TYR A CE2 1 
ATOM   1139 C CZ  . TYR A 1 150 ? 16.149  5.433   4.489   1.00 15.00 ? 150 TYR A CZ  1 
ATOM   1140 O OH  . TYR A 1 150 ? 16.713  6.396   3.655   1.00 15.00 ? 150 TYR A OH  1 
ATOM   1141 N N   . TYR A 1 151 ? 16.084  5.227   8.827   1.00 15.00 ? 151 TYR A N   1 
ATOM   1142 C CA  . TYR A 1 151 ? 16.108  6.687   8.980   1.00 15.00 ? 151 TYR A CA  1 
ATOM   1143 C C   . TYR A 1 151 ? 17.352  7.333   8.316   1.00 15.00 ? 151 TYR A C   1 
ATOM   1144 O O   . TYR A 1 151 ? 18.488  6.837   8.446   1.00 15.00 ? 151 TYR A O   1 
ATOM   1145 C CB  . TYR A 1 151 ? 15.959  7.116   10.457  1.00 15.00 ? 151 TYR A CB  1 
ATOM   1146 C CG  . TYR A 1 151 ? 16.058  8.589   10.675  1.00 15.00 ? 151 TYR A CG  1 
ATOM   1147 C CD1 . TYR A 1 151 ? 14.970  9.406   10.468  1.00 15.00 ? 151 TYR A CD1 1 
ATOM   1148 C CD2 . TYR A 1 151 ? 17.278  9.182   10.968  1.00 15.00 ? 151 TYR A CD2 1 
ATOM   1149 C CE1 . TYR A 1 151 ? 15.096  10.804  10.528  1.00 15.00 ? 151 TYR A CE1 1 
ATOM   1150 C CE2 . TYR A 1 151 ? 17.419  10.566  11.031  1.00 15.00 ? 151 TYR A CE2 1 
ATOM   1151 C CZ  . TYR A 1 151 ? 16.324  11.381  10.803  1.00 15.00 ? 151 TYR A CZ  1 
ATOM   1152 O OH  . TYR A 1 151 ? 16.468  12.764  10.785  1.00 15.00 ? 151 TYR A OH  1 
ATOM   1153 N N   . ASP A 1 152 ? 17.129  8.434   7.597   1.00 15.00 ? 152 ASP A N   1 
ATOM   1154 C CA  . ASP A 1 152 ? 18.209  9.121   6.903   1.00 15.00 ? 152 ASP A CA  1 
ATOM   1155 C C   . ASP A 1 152 ? 17.789  10.568  6.768   1.00 15.00 ? 152 ASP A C   1 
ATOM   1156 O O   . ASP A 1 152 ? 16.642  10.835  6.396   1.00 15.00 ? 152 ASP A O   1 
ATOM   1157 C CB  . ASP A 1 152 ? 18.352  8.532   5.502   1.00 15.00 ? 152 ASP A CB  1 
ATOM   1158 C CG  . ASP A 1 152 ? 19.642  8.881   4.860   1.00 15.00 ? 152 ASP A CG  1 
ATOM   1159 O OD1 . ASP A 1 152 ? 20.222  9.930   5.196   1.00 15.00 ? 152 ASP A OD1 1 
ATOM   1160 O OD2 . ASP A 1 152 ? 20.098  8.079   4.023   1.00 15.00 ? 152 ASP A OD2 1 
ATOM   1161 N N   . GLU A 1 153 ? 18.715  11.492  7.038   1.00 15.00 ? 153 GLU A N   1 
ATOM   1162 C CA  . GLU A 1 153 ? 18.450  12.940  6.947   1.00 15.00 ? 153 GLU A CA  1 
ATOM   1163 C C   . GLU A 1 153 ? 18.234  13.393  5.512   1.00 15.00 ? 153 GLU A C   1 
ATOM   1164 O O   . GLU A 1 153 ? 17.746  14.492  5.284   1.00 15.00 ? 153 GLU A O   1 
ATOM   1165 C CB  . GLU A 1 153 ? 19.610  13.780  7.514   1.00 15.00 ? 153 GLU A CB  1 
ATOM   1166 C CG  . GLU A 1 153 ? 21.055  13.300  7.126   1.00 15.00 ? 153 GLU A CG  1 
ATOM   1167 C CD  . GLU A 1 153 ? 21.453  13.482  5.634   1.00 15.00 ? 153 GLU A CD  1 
ATOM   1168 O OE1 . GLU A 1 153 ? 21.604  14.642  5.177   1.00 15.00 ? 153 GLU A OE1 1 
ATOM   1169 O OE2 . GLU A 1 153 ? 21.666  12.455  4.934   1.00 15.00 ? 153 GLU A OE2 1 
ATOM   1170 N N   . SER A 1 154 ? 18.736  12.620  4.555   1.00 15.00 ? 154 SER A N   1 
ATOM   1171 C CA  . SER A 1 154 ? 18.579  13.012  3.181   1.00 15.00 ? 154 SER A CA  1 
ATOM   1172 C C   . SER A 1 154 ? 17.209  12.742  2.624   1.00 15.00 ? 154 SER A C   1 
ATOM   1173 O O   . SER A 1 154 ? 16.905  13.231  1.538   1.00 15.00 ? 154 SER A O   1 
ATOM   1174 C CB  . SER A 1 154 ? 19.642  12.369  2.288   1.00 15.00 ? 154 SER A CB  1 
ATOM   1175 O OG  . SER A 1 154 ? 20.903  12.925  2.558   1.00 15.00 ? 154 SER A OG  1 
ATOM   1176 N N   . CYS A 1 155 ? 16.391  11.961  3.327   1.00 15.00 ? 155 CYS A N   1 
ATOM   1177 C CA  . CYS A 1 155 ? 15.071  11.661  2.820   1.00 15.00 ? 155 CYS A CA  1 
ATOM   1178 C C   . CYS A 1 155 ? 14.279  12.943  2.602   1.00 15.00 ? 155 CYS A C   1 
ATOM   1179 O O   . CYS A 1 155 ? 14.171  13.741  3.517   1.00 15.00 ? 155 CYS A O   1 
ATOM   1180 C CB  . CYS A 1 155 ? 14.347  10.741  3.765   1.00 15.00 ? 155 CYS A CB  1 
ATOM   1181 S SG  . CYS A 1 155 ? 13.658  9.352   2.825   1.00 15.00 ? 155 CYS A SG  1 
ATOM   1182 N N   . ASN A 1 156 ? 13.635  13.077  1.439   1.00 15.00 ? 156 ASN A N   1 
ATOM   1183 C CA  . ASN A 1 156 ? 12.897  14.284  1.055   1.00 15.00 ? 156 ASN A CA  1 
ATOM   1184 C C   . ASN A 1 156 ? 11.405  14.071  1.055   1.00 15.00 ? 156 ASN A C   1 
ATOM   1185 O O   . ASN A 1 156 ? 10.859  13.475  0.134   1.00 15.00 ? 156 ASN A O   1 
ATOM   1186 C CB  . ASN A 1 156 ? 13.385  14.724  -0.334  1.00 15.00 ? 156 ASN A CB  1 
ATOM   1187 C CG  . ASN A 1 156 ? 12.723  16.010  -0.855  1.00 15.00 ? 156 ASN A CG  1 
ATOM   1188 O OD1 . ASN A 1 156 ? 11.836  16.613  -0.229  1.00 15.00 ? 156 ASN A OD1 1 
ATOM   1189 N ND2 . ASN A 1 156 ? 13.184  16.442  -2.014  1.00 15.00 ? 156 ASN A ND2 1 
ATOM   1190 N N   . SER A 1 157 ? 10.734  14.614  2.063   1.00 15.00 ? 157 SER A N   1 
ATOM   1191 C CA  . SER A 1 157 ? 9.288   14.456  2.134   1.00 15.00 ? 157 SER A CA  1 
ATOM   1192 C C   . SER A 1 157 ? 8.491   15.087  0.970   1.00 15.00 ? 157 SER A C   1 
ATOM   1193 O O   . SER A 1 157 ? 7.266   14.962  0.925   1.00 15.00 ? 157 SER A O   1 
ATOM   1194 C CB  . SER A 1 157 ? 8.734   14.864  3.518   1.00 15.00 ? 157 SER A CB  1 
ATOM   1195 O OG  . SER A 1 157 ? 8.983   16.229  3.827   1.00 15.00 ? 157 SER A OG  1 
ATOM   1196 N N   . ASP A 1 158 ? 9.153   15.785  0.040   1.00 15.00 ? 158 ASP A N   1 
ATOM   1197 C CA  . ASP A 1 158 ? 8.439   16.342  -1.122  1.00 15.00 ? 158 ASP A CA  1 
ATOM   1198 C C   . ASP A 1 158 ? 8.801   15.550  -2.383  1.00 15.00 ? 158 ASP A C   1 
ATOM   1199 O O   . ASP A 1 158 ? 8.352   15.836  -3.499  1.00 15.00 ? 158 ASP A O   1 
ATOM   1200 C CB  . ASP A 1 158 ? 8.746   17.818  -1.350  1.00 15.00 ? 158 ASP A CB  1 
ATOM   1201 C CG  . ASP A 1 158 ? 8.666   18.657  -0.074  1.00 15.00 ? 158 ASP A CG  1 
ATOM   1202 O OD1 . ASP A 1 158 ? 7.532   18.921  0.432   1.00 15.00 ? 158 ASP A OD1 1 
ATOM   1203 O OD2 . ASP A 1 158 ? 9.773   19.051  0.398   1.00 15.00 ? 158 ASP A OD2 1 
ATOM   1204 N N   . ASN A 1 159 ? 9.651   14.561  -2.206  1.00 15.00 ? 159 ASN A N   1 
ATOM   1205 C CA  . ASN A 1 159 ? 10.034  13.706  -3.309  1.00 15.00 ? 159 ASN A CA  1 
ATOM   1206 C C   . ASN A 1 159 ? 9.343   12.402  -2.968  1.00 15.00 ? 159 ASN A C   1 
ATOM   1207 O O   . ASN A 1 159 ? 9.848   11.591  -2.179  1.00 15.00 ? 159 ASN A O   1 
ATOM   1208 C CB  . ASN A 1 159 ? 11.542  13.498  -3.339  1.00 15.00 ? 159 ASN A CB  1 
ATOM   1209 C CG  . ASN A 1 159 ? 12.024  12.945  -4.661  1.00 15.00 ? 159 ASN A CG  1 
ATOM   1210 O OD1 . ASN A 1 159 ? 11.227  12.531  -5.507  1.00 15.00 ? 159 ASN A OD1 1 
ATOM   1211 N ND2 . ASN A 1 159 ? 13.330  12.981  -4.869  1.00 15.00 ? 159 ASN A ND2 1 
ATOM   1212 N N   . LEU A 1 160 ? 8.095   12.299  -3.410  1.00 15.00 ? 160 LEU A N   1 
ATOM   1213 C CA  . LEU A 1 160 ? 7.292   11.100  -3.162  1.00 15.00 ? 160 LEU A CA  1 
ATOM   1214 C C   . LEU A 1 160 ? 7.386   10.292  -4.455  1.00 15.00 ? 160 LEU A C   1 
ATOM   1215 O O   . LEU A 1 160 ? 6.749   10.634  -5.433  1.00 15.00 ? 160 LEU A O   1 
ATOM   1216 C CB  . LEU A 1 160 ? 5.854   11.497  -2.845  1.00 15.00 ? 160 LEU A CB  1 
ATOM   1217 C CG  . LEU A 1 160 ? 5.672   12.359  -1.593  1.00 15.00 ? 160 LEU A CG  1 
ATOM   1218 C CD1 . LEU A 1 160 ? 4.258   12.763  -1.430  1.00 15.00 ? 160 LEU A CD1 1 
ATOM   1219 C CD2 . LEU A 1 160 ? 6.158   11.589  -0.335  1.00 15.00 ? 160 LEU A CD2 1 
ATOM   1220 N N   . ASN A 1 161 ? 8.304   9.329   -4.496  1.00 15.00 ? 161 ASN A N   1 
ATOM   1221 C CA  . ASN A 1 161 ? 8.541   8.504   -5.693  1.00 15.00 ? 161 ASN A CA  1 
ATOM   1222 C C   . ASN A 1 161 ? 8.150   7.019   -5.662  1.00 15.00 ? 161 ASN A C   1 
ATOM   1223 O O   . ASN A 1 161 ? 8.338   6.337   -6.656  1.00 15.00 ? 161 ASN A O   1 
ATOM   1224 C CB  . ASN A 1 161 ? 10.005  8.656   -6.162  1.00 15.00 ? 161 ASN A CB  1 
ATOM   1225 C CG  . ASN A 1 161 ? 11.003  8.472   -5.050  1.00 15.00 ? 161 ASN A CG  1 
ATOM   1226 O OD1 . ASN A 1 161 ? 10.976  7.480   -4.348  1.00 15.00 ? 161 ASN A OD1 1 
ATOM   1227 N ND2 . ASN A 1 161 ? 11.928  9.405   -4.924  1.00 15.00 ? 161 ASN A ND2 1 
ATOM   1228 N N   . HIS A 1 162 ? 7.520   6.522   -4.597  1.00 15.00 ? 162 HIS A N   1 
ATOM   1229 C CA  . HIS A 1 162 ? 7.164   5.117   -4.555  1.00 15.00 ? 162 HIS A CA  1 
ATOM   1230 C C   . HIS A 1 162 ? 5.970   4.923   -3.618  1.00 15.00 ? 162 HIS A C   1 
ATOM   1231 O O   . HIS A 1 162 ? 5.941   5.509   -2.551  1.00 15.00 ? 162 HIS A O   1 
ATOM   1232 C CB  . HIS A 1 162 ? 8.390   4.337   -4.052  1.00 15.00 ? 162 HIS A CB  1 
ATOM   1233 C CG  . HIS A 1 162 ? 8.197   2.857   -3.917  1.00 15.00 ? 162 HIS A CG  1 
ATOM   1234 N ND1 . HIS A 1 162 ? 7.554   2.097   -4.867  1.00 15.00 ? 162 HIS A ND1 1 
ATOM   1235 C CD2 . HIS A 1 162 ? 8.696   1.979   -3.011  1.00 15.00 ? 162 HIS A CD2 1 
ATOM   1236 C CE1 . HIS A 1 162 ? 7.670   0.816   -4.556  1.00 15.00 ? 162 HIS A CE1 1 
ATOM   1237 N NE2 . HIS A 1 162 ? 8.359   0.716   -3.435  1.00 15.00 ? 162 HIS A NE2 1 
ATOM   1238 N N   . ALA A 1 163 ? 4.972   4.165   -4.078  1.00 15.00 ? 163 ALA A N   1 
ATOM   1239 C CA  . ALA A 1 163 ? 3.765   3.873   -3.314  1.00 15.00 ? 163 ALA A CA  1 
ATOM   1240 C C   . ALA A 1 163 ? 3.943   2.576   -2.546  1.00 15.00 ? 163 ALA A C   1 
ATOM   1241 O O   . ALA A 1 163 ? 4.355   1.550   -3.111  1.00 15.00 ? 163 ALA A O   1 
ATOM   1242 C CB  . ALA A 1 163 ? 2.523   3.808   -4.210  1.00 15.00 ? 163 ALA A CB  1 
ATOM   1243 N N   . VAL A 1 164 ? 3.573   2.604   -1.273  1.00 15.00 ? 164 VAL A N   1 
ATOM   1244 C CA  . VAL A 1 164 ? 3.735   1.462   -0.397  1.00 15.00 ? 164 VAL A CA  1 
ATOM   1245 C C   . VAL A 1 164 ? 2.532   1.289   0.538   1.00 15.00 ? 164 VAL A C   1 
ATOM   1246 O O   . VAL A 1 164 ? 1.462   1.895   0.323   1.00 15.00 ? 164 VAL A O   1 
ATOM   1247 C CB  . VAL A 1 164 ? 5.108   1.574   0.352   1.00 15.00 ? 164 VAL A CB  1 
ATOM   1248 C CG1 . VAL A 1 164 ? 4.960   2.067   1.797   1.00 15.00 ? 164 VAL A CG1 1 
ATOM   1249 C CG2 . VAL A 1 164 ? 5.865   0.284   0.273   1.00 15.00 ? 164 VAL A CG2 1 
ATOM   1250 N N   . LEU A 1 165 ? 2.642   0.326   1.448   1.00 15.00 ? 165 LEU A N   1 
ATOM   1251 C CA  . LEU A 1 165 ? 1.547   0.053   2.382   1.00 15.00 ? 165 LEU A CA  1 
ATOM   1252 C C   . LEU A 1 165 ? 1.955   0.056   3.855   1.00 15.00 ? 165 LEU A C   1 
ATOM   1253 O O   . LEU A 1 165 ? 2.943   -0.588  4.225   1.00 15.00 ? 165 LEU A O   1 
ATOM   1254 C CB  . LEU A 1 165 ? 0.862   -1.297  2.056   1.00 15.00 ? 165 LEU A CB  1 
ATOM   1255 C CG  . LEU A 1 165 ? -0.430  -1.697  2.809   1.00 15.00 ? 165 LEU A CG  1 
ATOM   1256 C CD1 . LEU A 1 165 ? -1.642  -0.916  2.296   1.00 15.00 ? 165 LEU A CD1 1 
ATOM   1257 C CD2 . LEU A 1 165 ? -0.659  -3.204  2.674   1.00 15.00 ? 165 LEU A CD2 1 
ATOM   1258 N N   . ALA A 1 166 ? 1.211   0.814   4.662   1.00 15.00 ? 166 ALA A N   1 
ATOM   1259 C CA  . ALA A 1 166 ? 1.452   0.897   6.098   1.00 15.00 ? 166 ALA A CA  1 
ATOM   1260 C C   . ALA A 1 166 ? 0.626   -0.264  6.681   1.00 15.00 ? 166 ALA A C   1 
ATOM   1261 O O   . ALA A 1 166 ? -0.598  -0.311  6.605   1.00 15.00 ? 166 ALA A O   1 
ATOM   1262 C CB  . ALA A 1 166 ? 1.035   2.267   6.673   1.00 15.00 ? 166 ALA A CB  1 
ATOM   1263 N N   . VAL A 1 167 ? 1.350   -1.249  7.194   1.00 15.00 ? 167 VAL A N   1 
ATOM   1264 C CA  . VAL A 1 167 ? 0.801   -2.476  7.743   1.00 15.00 ? 167 VAL A CA  1 
ATOM   1265 C C   . VAL A 1 167 ? 0.641   -2.538  9.258   1.00 15.00 ? 167 VAL A C   1 
ATOM   1266 O O   . VAL A 1 167 ? 0.055   -3.472  9.770   1.00 15.00 ? 167 VAL A O   1 
ATOM   1267 C CB  . VAL A 1 167 ? 1.588   -3.680  7.142   1.00 15.00 ? 167 VAL A CB  1 
ATOM   1268 C CG1 . VAL A 1 167 ? 2.006   -4.670  8.175   1.00 15.00 ? 167 VAL A CG1 1 
ATOM   1269 C CG2 . VAL A 1 167 ? 0.756   -4.305  6.069   1.00 15.00 ? 167 VAL A CG2 1 
ATOM   1270 N N   . GLY A 1 168 ? 1.102   -1.506  9.957   1.00 15.00 ? 168 GLY A N   1 
ATOM   1271 C CA  . GLY A 1 168 ? 0.984   -1.447  11.406  1.00 15.00 ? 168 GLY A CA  1 
ATOM   1272 C C   . GLY A 1 168 ? 2.066   -0.514  11.922  1.00 15.00 ? 168 GLY A C   1 
ATOM   1273 O O   . GLY A 1 168 ? 2.700   0.150   11.117  1.00 15.00 ? 168 GLY A O   1 
ATOM   1274 N N   . TYR A 1 169 ? 2.261   -0.422  13.234  1.00 15.00 ? 169 TYR A N   1 
ATOM   1275 C CA  . TYR A 1 169 ? 3.299   0.435   13.830  1.00 15.00 ? 169 TYR A CA  1 
ATOM   1276 C C   . TYR A 1 169 ? 3.716   -0.129  15.186  1.00 15.00 ? 169 TYR A C   1 
ATOM   1277 O O   . TYR A 1 169 ? 3.047   -1.017  15.703  1.00 15.00 ? 169 TYR A O   1 
ATOM   1278 C CB  . TYR A 1 169 ? 2.803   1.868   14.024  1.00 15.00 ? 169 TYR A CB  1 
ATOM   1279 C CG  . TYR A 1 169 ? 1.538   1.946   14.801  1.00 15.00 ? 169 TYR A CG  1 
ATOM   1280 C CD1 . TYR A 1 169 ? 0.304   1.854   14.146  1.00 15.00 ? 169 TYR A CD1 1 
ATOM   1281 C CD2 . TYR A 1 169 ? 1.561   2.045   16.196  1.00 15.00 ? 169 TYR A CD2 1 
ATOM   1282 C CE1 . TYR A 1 169 ? -0.886  1.849   14.858  1.00 15.00 ? 169 TYR A CE1 1 
ATOM   1283 C CE2 . TYR A 1 169 ? 0.368   2.042   16.933  1.00 15.00 ? 169 TYR A CE2 1 
ATOM   1284 C CZ  . TYR A 1 169 ? -0.844  1.944   16.254  1.00 15.00 ? 169 TYR A CZ  1 
ATOM   1285 O OH  . TYR A 1 169 ? -2.008  1.931   16.976  1.00 15.00 ? 169 TYR A OH  1 
ATOM   1286 N N   . GLY A 1 170 ? 4.766   0.421   15.792  1.00 15.00 ? 170 GLY A N   1 
ATOM   1287 C CA  . GLY A 1 170 ? 5.233   -0.087  17.074  1.00 15.00 ? 170 GLY A CA  1 
ATOM   1288 C C   . GLY A 1 170 ? 6.569   0.519   17.478  1.00 15.00 ? 170 GLY A C   1 
ATOM   1289 O O   . GLY A 1 170 ? 6.851   1.681   17.146  1.00 15.00 ? 170 GLY A O   1 
ATOM   1290 N N   . ILE A 1 171 ? 7.402   -0.293  18.142  1.00 15.00 ? 171 ILE A N   1 
ATOM   1291 C CA  . ILE A 1 171 ? 8.719   0.133   18.628  1.00 15.00 ? 171 ILE A CA  1 
ATOM   1292 C C   . ILE A 1 171 ? 9.737   -1.038  18.562  1.00 15.00 ? 171 ILE A C   1 
ATOM   1293 O O   . ILE A 1 171 ? 9.353   -2.176  18.805  1.00 15.00 ? 171 ILE A O   1 
ATOM   1294 C CB  . ILE A 1 171 ? 8.597   0.723   20.081  1.00 15.00 ? 171 ILE A CB  1 
ATOM   1295 C CG1 . ILE A 1 171 ? 9.912   1.419   20.510  1.00 15.00 ? 171 ILE A CG1 1 
ATOM   1296 C CG2 . ILE A 1 171 ? 8.126   -0.394  21.084  1.00 15.00 ? 171 ILE A CG2 1 
ATOM   1297 C CD1 . ILE A 1 171 ? 9.743   2.451   21.629  1.00 15.00 ? 171 ILE A CD1 1 
ATOM   1298 N N   . GLN A 1 172 ? 10.988  -0.758  18.148  1.00 15.00 ? 172 GLN A N   1 
ATOM   1299 C CA  . GLN A 1 172 ? 12.046  -1.788  18.011  1.00 15.00 ? 172 GLN A CA  1 
ATOM   1300 C C   . GLN A 1 172 ? 12.995  -1.894  19.221  1.00 15.00 ? 172 GLN A C   1 
ATOM   1301 O O   . GLN A 1 172 ? 13.194  -2.976  19.810  1.00 15.00 ? 172 GLN A O   1 
ATOM   1302 C CB  . GLN A 1 172 ? 12.893  -1.574  16.744  1.00 15.00 ? 172 GLN A CB  1 
ATOM   1303 C CG  . GLN A 1 172 ? 14.088  -2.572  16.556  1.00 15.00 ? 172 GLN A CG  1 
ATOM   1304 C CD  . GLN A 1 172 ? 13.761  -3.752  15.622  1.00 15.00 ? 172 GLN A CD  1 
ATOM   1305 O OE1 . GLN A 1 172 ? 14.332  -3.869  14.516  1.00 15.00 ? 172 GLN A OE1 1 
ATOM   1306 N NE2 . GLN A 1 172 ? 12.854  -4.635  16.064  1.00 15.00 ? 172 GLN A NE2 1 
ATOM   1307 N N   . LYS A 1 173 ? 13.681  -0.795  19.498  1.00 15.00 ? 173 LYS A N   1 
ATOM   1308 C CA  . LYS A 1 173 ? 14.585  -0.707  20.631  1.00 15.00 ? 173 LYS A CA  1 
ATOM   1309 C C   . LYS A 1 173 ? 14.541  0.758   20.961  1.00 15.00 ? 173 LYS A C   1 
ATOM   1310 O O   . LYS A 1 173 ? 15.468  1.508   20.674  1.00 15.00 ? 173 LYS A O   1 
ATOM   1311 C CB  . LYS A 1 173 ? 16.005  -1.072  20.231  1.00 15.00 ? 173 LYS A CB  1 
ATOM   1312 C CG  . LYS A 1 173 ? 16.192  -2.461  19.665  1.00 15.00 ? 173 LYS A CG  1 
ATOM   1313 C CD  . LYS A 1 173 ? 17.566  -2.486  19.058  1.00 15.00 ? 173 LYS A CD  1 
ATOM   1314 C CE  . LYS A 1 173 ? 17.935  -3.831  18.496  1.00 15.00 ? 173 LYS A CE  1 
ATOM   1315 N NZ  . LYS A 1 173 ? 19.289  -3.755  17.866  1.00 15.00 ? 173 LYS A NZ  1 
ATOM   1316 N N   . GLY A 1 174 ? 13.418  1.188   21.495  1.00 15.00 ? 174 GLY A N   1 
ATOM   1317 C CA  . GLY A 1 174 ? 13.286  2.589   21.794  1.00 15.00 ? 174 GLY A CA  1 
ATOM   1318 C C   . GLY A 1 174 ? 13.009  3.389   20.539  1.00 15.00 ? 174 GLY A C   1 
ATOM   1319 O O   . GLY A 1 174 ? 12.760  4.583   20.637  1.00 15.00 ? 174 GLY A O   1 
ATOM   1320 N N   . ASN A 1 175 ? 13.044  2.748   19.369  1.00 15.00 ? 175 ASN A N   1 
ATOM   1321 C CA  . ASN A 1 175 ? 12.762  3.447   18.111  1.00 15.00 ? 175 ASN A CA  1 
ATOM   1322 C C   . ASN A 1 175 ? 11.356  3.130   17.596  1.00 15.00 ? 175 ASN A C   1 
ATOM   1323 O O   . ASN A 1 175 ? 11.021  1.965   17.269  1.00 15.00 ? 175 ASN A O   1 
ATOM   1324 C CB  . ASN A 1 175 ? 13.798  3.108   17.044  1.00 15.00 ? 175 ASN A CB  1 
ATOM   1325 C CG  . ASN A 1 175 ? 15.185  3.486   17.462  1.00 15.00 ? 175 ASN A CG  1 
ATOM   1326 O OD1 . ASN A 1 175 ? 15.475  4.651   17.712  1.00 15.00 ? 175 ASN A OD1 1 
ATOM   1327 N ND2 . ASN A 1 175 ? 16.062  2.496   17.555  1.00 15.00 ? 175 ASN A ND2 1 
ATOM   1328 N N   . LYS A 1 176 ? 10.523  4.163   17.560  1.00 15.00 ? 176 LYS A N   1 
ATOM   1329 C CA  . LYS A 1 176 ? 9.173   3.994   17.071  1.00 15.00 ? 176 LYS A CA  1 
ATOM   1330 C C   . LYS A 1 176 ? 9.251   3.844   15.574  1.00 15.00 ? 176 LYS A C   1 
ATOM   1331 O O   . LYS A 1 176 ? 10.100  4.456   14.920  1.00 15.00 ? 176 LYS A O   1 
ATOM   1332 C CB  . LYS A 1 176 ? 8.325   5.195   17.393  1.00 15.00 ? 176 LYS A CB  1 
ATOM   1333 C CG  . LYS A 1 176 ? 8.046   5.388   18.861  1.00 15.00 ? 176 LYS A CG  1 
ATOM   1334 C CD  . LYS A 1 176 ? 7.571   6.810   19.060  1.00 15.00 ? 176 LYS A CD  1 
ATOM   1335 C CE  . LYS A 1 176 ? 7.255   7.104   20.510  1.00 15.00 ? 176 LYS A CE  1 
ATOM   1336 N NZ  . LYS A 1 176 ? 5.865   6.727   20.830  1.00 15.00 ? 176 LYS A NZ  1 
ATOM   1337 N N   . HIS A 1 177 ? 8.279   3.136   15.018  1.00 15.00 ? 177 HIS A N   1 
ATOM   1338 C CA  . HIS A 1 177 ? 8.302   2.878   13.584  1.00 15.00 ? 177 HIS A CA  1 
ATOM   1339 C C   . HIS A 1 177 ? 6.968   2.499   12.960  1.00 15.00 ? 177 HIS A C   1 
ATOM   1340 O O   . HIS A 1 177 ? 5.988   2.281   13.667  1.00 15.00 ? 177 HIS A O   1 
ATOM   1341 C CB  . HIS A 1 177 ? 9.279   1.734   13.337  1.00 15.00 ? 177 HIS A CB  1 
ATOM   1342 C CG  . HIS A 1 177 ? 8.786   0.413   13.833  1.00 15.00 ? 177 HIS A CG  1 
ATOM   1343 N ND1 . HIS A 1 177 ? 9.315   -0.230  14.931  1.00 15.00 ? 177 HIS A ND1 1 
ATOM   1344 C CD2 . HIS A 1 177 ? 7.776   -0.371  13.392  1.00 15.00 ? 177 HIS A CD2 1 
ATOM   1345 C CE1 . HIS A 1 177 ? 8.655   -1.359  15.140  1.00 15.00 ? 177 HIS A CE1 1 
ATOM   1346 N NE2 . HIS A 1 177 ? 7.714   -1.465  14.221  1.00 15.00 ? 177 HIS A NE2 1 
ATOM   1347 N N   . TRP A 1 178 ? 7.021   2.306   11.642  1.00 15.00 ? 178 TRP A N   1 
ATOM   1348 C CA  . TRP A 1 178 ? 5.888   1.904   10.845  1.00 15.00 ? 178 TRP A CA  1 
ATOM   1349 C C   . TRP A 1 178 ? 6.349   0.652   10.097  1.00 15.00 ? 178 TRP A C   1 
ATOM   1350 O O   . TRP A 1 178 ? 7.490   0.598   9.597   1.00 15.00 ? 178 TRP A O   1 
ATOM   1351 C CB  . TRP A 1 178 ? 5.575   2.949   9.775   1.00 15.00 ? 178 TRP A CB  1 
ATOM   1352 C CG  . TRP A 1 178 ? 5.173   4.316   10.205  1.00 15.00 ? 178 TRP A CG  1 
ATOM   1353 C CD1 . TRP A 1 178 ? 5.898   5.465   10.047  1.00 15.00 ? 178 TRP A CD1 1 
ATOM   1354 C CD2 . TRP A 1 178 ? 3.894   4.722   10.727  1.00 15.00 ? 178 TRP A CD2 1 
ATOM   1355 N NE1 . TRP A 1 178 ? 5.155   6.553   10.440  1.00 15.00 ? 178 TRP A NE1 1 
ATOM   1356 C CE2 . TRP A 1 178 ? 3.922   6.127   10.864  1.00 15.00 ? 178 TRP A CE2 1 
ATOM   1357 C CE3 . TRP A 1 178 ? 2.718   4.034   11.079  1.00 15.00 ? 178 TRP A CE3 1 
ATOM   1358 C CZ2 . TRP A 1 178 ? 2.815   6.859   11.349  1.00 15.00 ? 178 TRP A CZ2 1 
ATOM   1359 C CZ3 . TRP A 1 178 ? 1.623   4.766   11.553  1.00 15.00 ? 178 TRP A CZ3 1 
ATOM   1360 C CH2 . TRP A 1 178 ? 1.687   6.160   11.683  1.00 15.00 ? 178 TRP A CH2 1 
ATOM   1361 N N   . ILE A 1 179 ? 5.499   -0.379  10.109  1.00 15.00 ? 179 ILE A N   1 
ATOM   1362 C CA  . ILE A 1 179 ? 5.745   -1.625  9.381   1.00 15.00 ? 179 ILE A CA  1 
ATOM   1363 C C   . ILE A 1 179 ? 5.176   -1.344  7.992   1.00 15.00 ? 179 ILE A C   1 
ATOM   1364 O O   . ILE A 1 179 ? 3.985   -1.029  7.825   1.00 15.00 ? 179 ILE A O   1 
ATOM   1365 C CB  . ILE A 1 179 ? 5.087   -2.855  10.063  1.00 15.00 ? 179 ILE A CB  1 
ATOM   1366 C CG1 . ILE A 1 179 ? 5.468   -2.840  11.553  1.00 15.00 ? 179 ILE A CG1 1 
ATOM   1367 C CG2 . ILE A 1 179 ? 5.661   -4.138  9.454   1.00 15.00 ? 179 ILE A CG2 1 
ATOM   1368 C CD1 . ILE A 1 179 ? 4.697   -3.734  12.492  1.00 15.00 ? 179 ILE A CD1 1 
ATOM   1369 N N   . ILE A 1 180 ? 6.089   -1.374  7.033   1.00 15.00 ? 180 ILE A N   1 
ATOM   1370 C CA  . ILE A 1 180 ? 5.821   -1.073  5.647   1.00 15.00 ? 180 ILE A CA  1 
ATOM   1371 C C   . ILE A 1 180 ? 6.039   -2.291  4.764   1.00 15.00 ? 180 ILE A C   1 
ATOM   1372 O O   . ILE A 1 180 ? 7.085   -2.951  4.799   1.00 15.00 ? 180 ILE A O   1 
ATOM   1373 C CB  . ILE A 1 180 ? 6.799   0.031   5.157   1.00 15.00 ? 180 ILE A CB  1 
ATOM   1374 C CG1 . ILE A 1 180 ? 6.580   1.364   5.929   1.00 15.00 ? 180 ILE A CG1 1 
ATOM   1375 C CG2 . ILE A 1 180 ? 6.808   0.144   3.664   1.00 15.00 ? 180 ILE A CG2 1 
ATOM   1376 C CD1 . ILE A 1 180 ? 5.165   1.945   5.938   1.00 15.00 ? 180 ILE A CD1 1 
ATOM   1377 N N   . LYS A 1 181 ? 4.987   -2.644  4.053   1.00 15.00 ? 181 LYS A N   1 
ATOM   1378 C CA  . LYS A 1 181 ? 5.021   -3.740  3.118   1.00 15.00 ? 181 LYS A CA  1 
ATOM   1379 C C   . LYS A 1 181 ? 5.511   -3.169  1.787   1.00 15.00 ? 181 LYS A C   1 
ATOM   1380 O O   . LYS A 1 181 ? 4.992   -2.190  1.294   1.00 15.00 ? 181 LYS A O   1 
ATOM   1381 C CB  . LYS A 1 181 ? 3.617   -4.264  2.881   1.00 15.00 ? 181 LYS A CB  1 
ATOM   1382 C CG  . LYS A 1 181 ? 3.594   -5.529  1.975   1.00 15.00 ? 181 LYS A CG  1 
ATOM   1383 C CD  . LYS A 1 181 ? 2.169   -6.023  1.723   1.00 15.00 ? 181 LYS A CD  1 
ATOM   1384 C CE  . LYS A 1 181 ? 2.094   -7.343  0.986   1.00 15.00 ? 181 LYS A CE  1 
ATOM   1385 N NZ  . LYS A 1 181 ? 0.718   -7.774  0.587   1.00 15.00 ? 181 LYS A NZ  1 
ATOM   1386 N N   . ASN A 1 182 ? 6.472   -3.813  1.155   1.00 15.00 ? 182 ASN A N   1 
ATOM   1387 C CA  . ASN A 1 182 ? 6.962   -3.289  -0.129  1.00 15.00 ? 182 ASN A CA  1 
ATOM   1388 C C   . ASN A 1 182 ? 6.528   -4.212  -1.276  1.00 15.00 ? 182 ASN A C   1 
ATOM   1389 O O   . ASN A 1 182 ? 5.986   -5.276  -1.008  1.00 15.00 ? 182 ASN A O   1 
ATOM   1390 C CB  . ASN A 1 182 ? 8.479   -3.105  -0.080  1.00 15.00 ? 182 ASN A CB  1 
ATOM   1391 C CG  . ASN A 1 182 ? 8.993   -2.151  -1.146  1.00 15.00 ? 182 ASN A CG  1 
ATOM   1392 O OD1 . ASN A 1 182 ? 8.331   -1.898  -2.144  1.00 15.00 ? 182 ASN A OD1 1 
ATOM   1393 N ND2 . ASN A 1 182 ? 10.192  -1.638  -0.943  1.00 15.00 ? 182 ASN A ND2 1 
ATOM   1394 N N   . SER A 1 183 ? 6.658   -3.754  -2.524  1.00 15.00 ? 183 SER A N   1 
ATOM   1395 C CA  . SER A 1 183 ? 6.305   -4.545  -3.711  1.00 15.00 ? 183 SER A CA  1 
ATOM   1396 C C   . SER A 1 183 ? 7.557   -4.934  -4.520  1.00 15.00 ? 183 SER A C   1 
ATOM   1397 O O   . SER A 1 183 ? 7.530   -5.017  -5.773  1.00 15.00 ? 183 SER A O   1 
ATOM   1398 C CB  . SER A 1 183 ? 5.342   -3.758  -4.602  1.00 15.00 ? 183 SER A CB  1 
ATOM   1399 O OG  . SER A 1 183 ? 5.944   -2.553  -5.057  1.00 15.00 ? 183 SER A OG  1 
ATOM   1400 N N   . TRP A 1 184 ? 8.655   -5.167  -3.789  1.00 15.00 ? 184 TRP A N   1 
ATOM   1401 C CA  . TRP A 1 184 ? 9.935   -5.499  -4.408  1.00 15.00 ? 184 TRP A CA  1 
ATOM   1402 C C   . TRP A 1 184 ? 10.295  -6.991  -4.273  1.00 15.00 ? 184 TRP A C   1 
ATOM   1403 O O   . TRP A 1 184 ? 11.393  -7.395  -4.600  1.00 15.00 ? 184 TRP A O   1 
ATOM   1404 C CB  . TRP A 1 184 ? 11.067  -4.538  -3.926  1.00 15.00 ? 184 TRP A CB  1 
ATOM   1405 C CG  . TRP A 1 184 ? 10.921  -3.094  -4.383  1.00 15.00 ? 184 TRP A CG  1 
ATOM   1406 C CD1 . TRP A 1 184 ? 10.056  -2.601  -5.347  1.00 15.00 ? 184 TRP A CD1 1 
ATOM   1407 C CD2 . TRP A 1 184 ? 11.668  -1.961  -3.907  1.00 15.00 ? 184 TRP A CD2 1 
ATOM   1408 N NE1 . TRP A 1 184 ? 10.218  -1.233  -5.487  1.00 15.00 ? 184 TRP A NE1 1 
ATOM   1409 C CE2 . TRP A 1 184 ? 11.196  -0.810  -4.627  1.00 15.00 ? 184 TRP A CE2 1 
ATOM   1410 C CE3 . TRP A 1 184 ? 12.700  -1.802  -2.960  1.00 15.00 ? 184 TRP A CE3 1 
ATOM   1411 C CZ2 . TRP A 1 184 ? 11.717  0.483   -4.430  1.00 15.00 ? 184 TRP A CZ2 1 
ATOM   1412 C CZ3 . TRP A 1 184 ? 13.232  -0.503  -2.764  1.00 15.00 ? 184 TRP A CZ3 1 
ATOM   1413 C CH2 . TRP A 1 184 ? 12.722  0.632   -3.513  1.00 15.00 ? 184 TRP A CH2 1 
ATOM   1414 N N   . GLY A 1 185 ? 9.374   -7.805  -3.757  1.00 15.00 ? 185 GLY A N   1 
ATOM   1415 C CA  . GLY A 1 185 ? 9.626   -9.229  -3.628  1.00 15.00 ? 185 GLY A CA  1 
ATOM   1416 C C   . GLY A 1 185 ? 10.019  -9.654  -2.239  1.00 15.00 ? 185 GLY A C   1 
ATOM   1417 O O   . GLY A 1 185 ? 10.718  -8.908  -1.553  1.00 15.00 ? 185 GLY A O   1 
ATOM   1418 N N   . GLU A 1 186 ? 9.667   -10.874 -1.835  1.00 15.00 ? 186 GLU A N   1 
ATOM   1419 C CA  . GLU A 1 186 ? 10.019  -11.277 -0.483  1.00 15.00 ? 186 GLU A CA  1 
ATOM   1420 C C   . GLU A 1 186 ? 11.520  -11.332 -0.256  1.00 15.00 ? 186 GLU A C   1 
ATOM   1421 O O   . GLU A 1 186 ? 11.988  -11.332 0.880   1.00 15.00 ? 186 GLU A O   1 
ATOM   1422 C CB  . GLU A 1 186 ? 9.306   -12.571 -0.073  1.00 15.00 ? 186 GLU A CB  1 
ATOM   1423 C CG  . GLU A 1 186 ? 10.079  -13.869 -0.476  1.00 15.00 ? 186 GLU A CG  1 
ATOM   1424 C CD  . GLU A 1 186 ? 9.195   -15.068 -1.016  1.00 15.00 ? 186 GLU A CD  1 
ATOM   1425 O OE1 . GLU A 1 186 ? 7.942   -14.799 -1.198  1.00 15.00 ? 186 GLU A OE1 1 
ATOM   1426 O OE2 . GLU A 1 186 ? 9.731   -16.210 -1.141  1.00 15.00 ? 186 GLU A OE2 1 
ATOM   1427 N N   . ASN A 1 187 ? 12.289  -11.220 -1.333  1.00 15.00 ? 187 ASN A N   1 
ATOM   1428 C CA  . ASN A 1 187 ? 13.737  -11.238 -1.184  1.00 15.00 ? 187 ASN A CA  1 
ATOM   1429 C C   . ASN A 1 187 ? 14.357  -9.874  -0.868  1.00 15.00 ? 187 ASN A C   1 
ATOM   1430 O O   . ASN A 1 187 ? 15.540  -9.772  -0.608  1.00 15.00 ? 187 ASN A O   1 
ATOM   1431 C CB  . ASN A 1 187 ? 14.406  -11.841 -2.408  1.00 15.00 ? 187 ASN A CB  1 
ATOM   1432 C CG  . ASN A 1 187 ? 14.882  -13.254 -2.159  1.00 15.00 ? 187 ASN A CG  1 
ATOM   1433 O OD1 . ASN A 1 187 ? 16.088  -13.526 -2.123  1.00 15.00 ? 187 ASN A OD1 1 
ATOM   1434 N ND2 . ASN A 1 187 ? 13.940  -14.159 -1.958  1.00 15.00 ? 187 ASN A ND2 1 
ATOM   1435 N N   . TRP A 1 188 ? 13.562  -8.821  -0.888  1.00 15.00 ? 188 TRP A N   1 
ATOM   1436 C CA  . TRP A 1 188 ? 14.078  -7.509  -0.580  1.00 15.00 ? 188 TRP A CA  1 
ATOM   1437 C C   . TRP A 1 188 ? 13.890  -7.199  0.898   1.00 15.00 ? 188 TRP A C   1 
ATOM   1438 O O   . TRP A 1 188 ? 12.942  -7.655  1.521   1.00 15.00 ? 188 TRP A O   1 
ATOM   1439 C CB  . TRP A 1 188 ? 13.363  -6.473  -1.449  1.00 15.00 ? 188 TRP A CB  1 
ATOM   1440 C CG  . TRP A 1 188 ? 13.758  -5.105  -1.104  1.00 15.00 ? 188 TRP A CG  1 
ATOM   1441 C CD1 . TRP A 1 188 ? 14.808  -4.420  -1.596  1.00 15.00 ? 188 TRP A CD1 1 
ATOM   1442 C CD2 . TRP A 1 188 ? 13.184  -4.290  -0.082  1.00 15.00 ? 188 TRP A CD2 1 
ATOM   1443 N NE1 . TRP A 1 188 ? 14.958  -3.229  -0.926  1.00 15.00 ? 188 TRP A NE1 1 
ATOM   1444 C CE2 . TRP A 1 188 ? 13.963  -3.129  0.009   1.00 15.00 ? 188 TRP A CE2 1 
ATOM   1445 C CE3 . TRP A 1 188 ? 12.089  -4.435  0.772   1.00 15.00 ? 188 TRP A CE3 1 
ATOM   1446 C CZ2 . TRP A 1 188 ? 13.684  -2.129  0.916   1.00 15.00 ? 188 TRP A CZ2 1 
ATOM   1447 C CZ3 . TRP A 1 188 ? 11.815  -3.442  1.671   1.00 15.00 ? 188 TRP A CZ3 1 
ATOM   1448 C CH2 . TRP A 1 188 ? 12.602  -2.310  1.740   1.00 15.00 ? 188 TRP A CH2 1 
ATOM   1449 N N   . GLY A 1 189 ? 14.837  -6.473  1.471   1.00 15.00 ? 189 GLY A N   1 
ATOM   1450 C CA  . GLY A 1 189 ? 14.762  -6.063  2.867   1.00 15.00 ? 189 GLY A CA  1 
ATOM   1451 C C   . GLY A 1 189 ? 14.501  -7.123  3.910   1.00 15.00 ? 189 GLY A C   1 
ATOM   1452 O O   . GLY A 1 189 ? 15.209  -8.123  3.982   1.00 15.00 ? 189 GLY A O   1 
ATOM   1453 N N   . ASN A 1 190 ? 13.522  -6.895  4.766   1.00 15.00 ? 190 ASN A N   1 
ATOM   1454 C CA  . ASN A 1 190 ? 13.238  -7.892  5.785   1.00 15.00 ? 190 ASN A CA  1 
ATOM   1455 C C   . ASN A 1 190 ? 11.981  -8.666  5.427   1.00 15.00 ? 190 ASN A C   1 
ATOM   1456 O O   . ASN A 1 190 ? 10.883  -8.456  5.982   1.00 15.00 ? 190 ASN A O   1 
ATOM   1457 C CB  . ASN A 1 190 ? 13.179  -7.316  7.201   1.00 15.00 ? 190 ASN A CB  1 
ATOM   1458 C CG  . ASN A 1 190 ? 13.297  -8.401  8.276   1.00 15.00 ? 190 ASN A CG  1 
ATOM   1459 O OD1 . ASN A 1 190 ? 13.386  -9.585  7.965   1.00 15.00 ? 190 ASN A OD1 1 
ATOM   1460 N ND2 . ASN A 1 190 ? 13.305  -8.008  9.523   1.00 15.00 ? 190 ASN A ND2 1 
ATOM   1461 N N   . LYS A 1 191 ? 12.214  -9.644  4.552   1.00 15.00 ? 191 LYS A N   1 
ATOM   1462 C CA  . LYS A 1 191 ? 11.204  -10.550 4.022   1.00 15.00 ? 191 LYS A CA  1 
ATOM   1463 C C   . LYS A 1 191 ? 10.133  -9.747  3.360   1.00 15.00 ? 191 LYS A C   1 
ATOM   1464 O O   . LYS A 1 191 ? 8.962   -9.874  3.703   1.00 15.00 ? 191 LYS A O   1 
ATOM   1465 C CB  . LYS A 1 191 ? 10.573  -11.373 5.129   1.00 15.00 ? 191 LYS A CB  1 
ATOM   1466 C CG  . LYS A 1 191 ? 11.534  -12.231 5.885   1.00 15.00 ? 191 LYS A CG  1 
ATOM   1467 C CD  . LYS A 1 191 ? 10.913  -12.632 7.215   1.00 15.00 ? 191 LYS A CD  1 
ATOM   1468 C CE  . LYS A 1 191 ? 11.726  -13.754 7.781   1.00 15.00 ? 191 LYS A CE  1 
ATOM   1469 N NZ  . LYS A 1 191 ? 11.188  -15.030 7.273   1.00 15.00 ? 191 LYS A NZ  1 
ATOM   1470 N N   . GLY A 1 192 ? 10.572  -8.837  2.498   1.00 15.00 ? 192 GLY A N   1 
ATOM   1471 C CA  . GLY A 1 192 ? 9.680   -7.952  1.776   1.00 15.00 ? 192 GLY A CA  1 
ATOM   1472 C C   . GLY A 1 192 ? 9.378   -6.673  2.530   1.00 15.00 ? 192 GLY A C   1 
ATOM   1473 O O   . GLY A 1 192 ? 8.843   -5.743  1.961   1.00 15.00 ? 192 GLY A O   1 
ATOM   1474 N N   . TYR A 1 193 ? 9.757   -6.603  3.799   1.00 15.00 ? 193 TYR A N   1 
ATOM   1475 C CA  . TYR A 1 193 ? 9.455   -5.431  4.597   1.00 15.00 ? 193 TYR A CA  1 
ATOM   1476 C C   . TYR A 1 193 ? 10.587  -4.579  5.133   1.00 15.00 ? 193 TYR A C   1 
ATOM   1477 O O   . TYR A 1 193 ? 11.722  -5.022  5.295   1.00 15.00 ? 193 TYR A O   1 
ATOM   1478 C CB  . TYR A 1 193 ? 8.552   -5.801  5.788   1.00 15.00 ? 193 TYR A CB  1 
ATOM   1479 C CG  . TYR A 1 193 ? 7.219   -6.472  5.471   1.00 15.00 ? 193 TYR A CG  1 
ATOM   1480 C CD1 . TYR A 1 193 ? 7.167   -7.793  5.038   1.00 15.00 ? 193 TYR A CD1 1 
ATOM   1481 C CD2 . TYR A 1 193 ? 6.007   -5.806  5.665   1.00 15.00 ? 193 TYR A CD2 1 
ATOM   1482 C CE1 . TYR A 1 193 ? 5.964   -8.431  4.808   1.00 15.00 ? 193 TYR A CE1 1 
ATOM   1483 C CE2 . TYR A 1 193 ? 4.783   -6.447  5.427   1.00 15.00 ? 193 TYR A CE2 1 
ATOM   1484 C CZ  . TYR A 1 193 ? 4.777   -7.751  4.993   1.00 15.00 ? 193 TYR A CZ  1 
ATOM   1485 O OH  . TYR A 1 193 ? 3.606   -8.364  4.634   1.00 15.00 ? 193 TYR A OH  1 
ATOM   1486 N N   . ILE A 1 194 ? 10.159  -3.409  5.599   1.00 15.00 ? 194 ILE A N   1 
ATOM   1487 C CA  . ILE A 1 194 ? 10.982  -2.368  6.189   1.00 15.00 ? 194 ILE A CA  1 
ATOM   1488 C C   . ILE A 1 194 ? 10.266  -1.588  7.320   1.00 15.00 ? 194 ILE A C   1 
ATOM   1489 O O   . ILE A 1 194 ? 9.081   -1.263  7.203   1.00 15.00 ? 194 ILE A O   1 
ATOM   1490 C CB  . ILE A 1 194 ? 11.449  -1.402  5.084   1.00 15.00 ? 194 ILE A CB  1 
ATOM   1491 C CG1 . ILE A 1 194 ? 12.161  -0.198  5.690   1.00 15.00 ? 194 ILE A CG1 1 
ATOM   1492 C CG2 . ILE A 1 194 ? 10.280  -0.988  4.159   1.00 15.00 ? 194 ILE A CG2 1 
ATOM   1493 C CD1 . ILE A 1 194 ? 12.870  0.567   4.680   1.00 15.00 ? 194 ILE A CD1 1 
ATOM   1494 N N   . LEU A 1 195 ? 10.952  -1.362  8.439   1.00 15.00 ? 195 LEU A N   1 
ATOM   1495 C CA  . LEU A 1 195 ? 10.384  -0.571  9.535   1.00 15.00 ? 195 LEU A CA  1 
ATOM   1496 C C   . LEU A 1 195 ? 10.971  0.802   9.251   1.00 15.00 ? 195 LEU A C   1 
ATOM   1497 O O   . LEU A 1 195 ? 12.187  0.926   9.131   1.00 15.00 ? 195 LEU A O   1 
ATOM   1498 C CB  . LEU A 1 195 ? 10.907  -1.049  10.903  1.00 15.00 ? 195 LEU A CB  1 
ATOM   1499 C CG  . LEU A 1 195 ? 10.271  -2.243  11.616  1.00 15.00 ? 195 LEU A CG  1 
ATOM   1500 C CD1 . LEU A 1 195 ? 9.699   -3.214  10.696  1.00 15.00 ? 195 LEU A CD1 1 
ATOM   1501 C CD2 . LEU A 1 195 ? 11.263  -2.921  12.538  1.00 15.00 ? 195 LEU A CD2 1 
ATOM   1502 N N   . MET A 1 196 ? 10.120  1.813   9.137   1.00 15.00 ? 196 MET A N   1 
ATOM   1503 C CA  . MET A 1 196 ? 10.540  3.182   8.868   1.00 15.00 ? 196 MET A CA  1 
ATOM   1504 C C   . MET A 1 196 ? 10.266  4.105   10.046  1.00 15.00 ? 196 MET A C   1 
ATOM   1505 O O   . MET A 1 196 ? 9.211   4.028   10.647  1.00 15.00 ? 196 MET A O   1 
ATOM   1506 C CB  . MET A 1 196 ? 9.802   3.682   7.638   1.00 15.00 ? 196 MET A CB  1 
ATOM   1507 C CG  . MET A 1 196 ? 10.386  3.118   6.405   1.00 15.00 ? 196 MET A CG  1 
ATOM   1508 S SD  . MET A 1 196 ? 9.407   3.789   5.099   1.00 15.00 ? 196 MET A SD  1 
ATOM   1509 C CE  . MET A 1 196 ? 10.127  5.400   4.862   1.00 15.00 ? 196 MET A CE  1 
ATOM   1510 N N   . ALA A 1 197 ? 11.273  4.870   10.443  1.00 15.00 ? 197 ALA A N   1 
ATOM   1511 C CA  . ALA A 1 197 ? 11.162  5.834   11.549  1.00 15.00 ? 197 ALA A CA  1 
ATOM   1512 C C   . ALA A 1 197 ? 9.776   6.544   11.669  1.00 15.00 ? 197 ALA A C   1 
ATOM   1513 O O   . ALA A 1 197 ? 9.280   7.122   10.713  1.00 15.00 ? 197 ALA A O   1 
ATOM   1514 C CB  . ALA A 1 197 ? 12.286  6.868   11.424  1.00 15.00 ? 197 ALA A CB  1 
ATOM   1515 N N   . ARG A 1 198 ? 9.149   6.475   12.840  1.00 15.00 ? 198 ARG A N   1 
ATOM   1516 C CA  . ARG A 1 198 ? 7.860   7.112   13.059  1.00 15.00 ? 198 ARG A CA  1 
ATOM   1517 C C   . ARG A 1 198 ? 8.105   8.250   14.012  1.00 15.00 ? 198 ARG A C   1 
ATOM   1518 O O   . ARG A 1 198 ? 8.976   8.159   14.869  1.00 15.00 ? 198 ARG A O   1 
ATOM   1519 C CB  . ARG A 1 198 ? 6.890   6.134   13.681  1.00 15.00 ? 198 ARG A CB  1 
ATOM   1520 C CG  . ARG A 1 198 ? 5.611   6.772   14.167  1.00 15.00 ? 198 ARG A CG  1 
ATOM   1521 C CD  . ARG A 1 198 ? 4.561   5.731   14.329  1.00 15.00 ? 198 ARG A CD  1 
ATOM   1522 N NE  . ARG A 1 198 ? 4.928   4.761   15.332  1.00 15.00 ? 198 ARG A NE  1 
ATOM   1523 C CZ  . ARG A 1 198 ? 4.550   4.837   16.606  1.00 15.00 ? 198 ARG A CZ  1 
ATOM   1524 N NH1 . ARG A 1 198 ? 3.796   5.844   17.010  1.00 15.00 ? 198 ARG A NH1 1 
ATOM   1525 N NH2 . ARG A 1 198 ? 4.917   3.909   17.484  1.00 15.00 ? 198 ARG A NH2 1 
ATOM   1526 N N   . ASN A 1 199 ? 7.299   9.292   13.894  1.00 15.00 ? 199 ASN A N   1 
ATOM   1527 C CA  . ASN A 1 199 ? 7.394   10.516  14.706  1.00 15.00 ? 199 ASN A CA  1 
ATOM   1528 C C   . ASN A 1 199 ? 8.659   11.387  14.497  1.00 15.00 ? 199 ASN A C   1 
ATOM   1529 O O   . ASN A 1 199 ? 8.837   12.401  15.164  1.00 15.00 ? 199 ASN A O   1 
ATOM   1530 C CB  . ASN A 1 199 ? 7.038   10.235  16.184  1.00 15.00 ? 199 ASN A CB  1 
ATOM   1531 C CG  . ASN A 1 199 ? 5.577   9.781   16.346  1.00 15.00 ? 199 ASN A CG  1 
ATOM   1532 O OD1 . ASN A 1 199 ? 4.736   9.988   15.453  1.00 15.00 ? 199 ASN A OD1 1 
ATOM   1533 N ND2 . ASN A 1 199 ? 5.285   9.127   17.451  1.00 15.00 ? 199 ASN A ND2 1 
ATOM   1534 N N   . LYS A 1 200 ? 9.465   11.044  13.487  1.00 15.00 ? 200 LYS A N   1 
ATOM   1535 C CA  . LYS A 1 200 ? 10.685  11.803  13.141  1.00 15.00 ? 200 LYS A CA  1 
ATOM   1536 C C   . LYS A 1 200 ? 10.399  12.820  12.028  1.00 15.00 ? 200 LYS A C   1 
ATOM   1537 O O   . LYS A 1 200 ? 10.952  12.752  10.939  1.00 15.00 ? 200 LYS A O   1 
ATOM   1538 C CB  . LYS A 1 200 ? 11.810  10.852  12.739  1.00 15.00 ? 200 LYS A CB  1 
ATOM   1539 C CG  . LYS A 1 200 ? 12.121  9.876   13.847  1.00 15.00 ? 200 LYS A CG  1 
ATOM   1540 C CD  . LYS A 1 200 ? 13.620  9.599   13.934  1.00 15.00 ? 200 LYS A CD  1 
ATOM   1541 C CE  . LYS A 1 200 ? 14.391  10.900  14.259  1.00 15.00 ? 200 LYS A CE  1 
ATOM   1542 N NZ  . LYS A 1 200 ? 15.892  10.820  14.164  1.00 15.00 ? 200 LYS A NZ  1 
ATOM   1543 N N   . ASN A 1 201 ? 9.548   13.788  12.356  1.00 15.00 ? 201 ASN A N   1 
ATOM   1544 C CA  . ASN A 1 201 ? 9.095   14.850  11.453  1.00 15.00 ? 201 ASN A CA  1 
ATOM   1545 C C   . ASN A 1 201 ? 8.573   14.356  10.123  1.00 15.00 ? 201 ASN A C   1 
ATOM   1546 O O   . ASN A 1 201 ? 8.758   15.016  9.090   1.00 15.00 ? 201 ASN A O   1 
ATOM   1547 C CB  . ASN A 1 201 ? 10.151  15.943  11.264  1.00 15.00 ? 201 ASN A CB  1 
ATOM   1548 C CG  . ASN A 1 201 ? 10.627  16.529  12.587  1.00 15.00 ? 201 ASN A CG  1 
ATOM   1549 O OD1 . ASN A 1 201 ? 9.864   16.627  13.561  1.00 15.00 ? 201 ASN A OD1 1 
ATOM   1550 N ND2 . ASN A 1 201 ? 11.889  16.939  12.625  1.00 15.00 ? 201 ASN A ND2 1 
ATOM   1551 N N   . ASN A 1 202 ? 7.895   13.208  10.141  1.00 15.00 ? 202 ASN A N   1 
ATOM   1552 C CA  . ASN A 1 202 ? 7.296   12.661  8.919   1.00 15.00 ? 202 ASN A CA  1 
ATOM   1553 C C   . ASN A 1 202 ? 8.378   12.307  7.893   1.00 15.00 ? 202 ASN A C   1 
ATOM   1554 O O   . ASN A 1 202 ? 8.308   12.710  6.725   1.00 15.00 ? 202 ASN A O   1 
ATOM   1555 C CB  . ASN A 1 202 ? 6.354   13.725  8.350   1.00 15.00 ? 202 ASN A CB  1 
ATOM   1556 C CG  . ASN A 1 202 ? 5.556   13.247  7.135   1.00 15.00 ? 202 ASN A CG  1 
ATOM   1557 O OD1 . ASN A 1 202 ? 5.413   12.046  6.890   1.00 15.00 ? 202 ASN A OD1 1 
ATOM   1558 N ND2 . ASN A 1 202 ? 4.981   14.191  6.416   1.00 15.00 ? 202 ASN A ND2 1 
ATOM   1559 N N   . ALA A 1 203 ? 9.299   11.449  8.334   1.00 15.00 ? 203 ALA A N   1 
ATOM   1560 C CA  . ALA A 1 203 ? 10.481  11.011  7.579   1.00 15.00 ? 203 ALA A CA  1 
ATOM   1561 C C   . ALA A 1 203 ? 10.162  10.382  6.238   1.00 15.00 ? 203 ALA A C   1 
ATOM   1562 O O   . ALA A 1 203 ? 9.267   9.529   6.130   1.00 15.00 ? 203 ALA A O   1 
ATOM   1563 C CB  . ALA A 1 203 ? 11.319  10.061  8.409   1.00 15.00 ? 203 ALA A CB  1 
ATOM   1564 N N   . CYS A 1 204 ? 10.846  10.866  5.202   1.00 15.00 ? 204 CYS A N   1 
ATOM   1565 C CA  . CYS A 1 204 ? 10.641  10.355  3.852   1.00 15.00 ? 204 CYS A CA  1 
ATOM   1566 C C   . CYS A 1 204 ? 9.254   10.637  3.296   1.00 15.00 ? 204 CYS A C   1 
ATOM   1567 O O   . CYS A 1 204 ? 8.903   10.074  2.267   1.00 15.00 ? 204 CYS A O   1 
ATOM   1568 C CB  . CYS A 1 204 ? 10.877  8.843   3.804   1.00 15.00 ? 204 CYS A CB  1 
ATOM   1569 S SG  . CYS A 1 204 ? 12.565  8.299   4.181   1.00 15.00 ? 204 CYS A SG  1 
ATOM   1570 N N   . GLY A 1 205 ? 8.475   11.467  3.979   1.00 15.00 ? 205 GLY A N   1 
ATOM   1571 C CA  . GLY A 1 205 ? 7.143   11.816  3.510   1.00 15.00 ? 205 GLY A CA  1 
ATOM   1572 C C   . GLY A 1 205 ? 6.023   10.839  3.830   1.00 15.00 ? 205 GLY A C   1 
ATOM   1573 O O   . GLY A 1 205 ? 4.911   11.005  3.300   1.00 15.00 ? 205 GLY A O   1 
ATOM   1574 N N   . ILE A 1 206 ? 6.284   9.902   4.744   1.00 15.00 ? 206 ILE A N   1 
ATOM   1575 C CA  . ILE A 1 206 ? 5.331   8.861   5.174   1.00 15.00 ? 206 ILE A CA  1 
ATOM   1576 C C   . ILE A 1 206 ? 3.827   9.263   5.296   1.00 15.00 ? 206 ILE A C   1 
ATOM   1577 O O   . ILE A 1 206 ? 2.943   8.463   4.931   1.00 15.00 ? 206 ILE A O   1 
ATOM   1578 C CB  . ILE A 1 206 ? 5.821   8.181   6.516   1.00 15.00 ? 206 ILE A CB  1 
ATOM   1579 C CG1 . ILE A 1 206 ? 5.083   6.867   6.735   1.00 15.00 ? 206 ILE A CG1 1 
ATOM   1580 C CG2 . ILE A 1 206 ? 5.574   9.062   7.756   1.00 15.00 ? 206 ILE A CG2 1 
ATOM   1581 C CD1 . ILE A 1 206 ? 5.372   5.816   5.725   1.00 15.00 ? 206 ILE A CD1 1 
ATOM   1582 N N   . ALA A 1 207 ? 3.528   10.482  5.762   1.00 15.00 ? 207 ALA A N   1 
ATOM   1583 C CA  . ALA A 1 207 ? 2.150   10.945  5.934   1.00 15.00 ? 207 ALA A CA  1 
ATOM   1584 C C   . ALA A 1 207 ? 1.663   11.991  4.933   1.00 15.00 ? 207 ALA A C   1 
ATOM   1585 O O   . ALA A 1 207 ? 0.568   12.521  5.073   1.00 15.00 ? 207 ALA A O   1 
ATOM   1586 C CB  . ALA A 1 207 ? 1.936   11.452  7.353   1.00 15.00 ? 207 ALA A CB  1 
ATOM   1587 N N   . ASN A 1 208 ? 2.418   12.255  3.880   1.00 15.00 ? 208 ASN A N   1 
ATOM   1588 C CA  . ASN A 1 208 ? 1.995   13.273  2.930   1.00 15.00 ? 208 ASN A CA  1 
ATOM   1589 C C   . ASN A 1 208 ? 0.975   12.836  1.907   1.00 15.00 ? 208 ASN A C   1 
ATOM   1590 O O   . ASN A 1 208 ? 0.353   13.673  1.299   1.00 15.00 ? 208 ASN A O   1 
ATOM   1591 C CB  . ASN A 1 208 ? 3.191   13.927  2.216   1.00 15.00 ? 208 ASN A CB  1 
ATOM   1592 C CG  . ASN A 1 208 ? 3.957   14.872  3.106   1.00 15.00 ? 208 ASN A CG  1 
ATOM   1593 O OD1 . ASN A 1 208 ? 3.486   15.259  4.180   1.00 15.00 ? 208 ASN A OD1 1 
ATOM   1594 N ND2 . ASN A 1 208 ? 5.153   15.253  2.664   1.00 15.00 ? 208 ASN A ND2 1 
ATOM   1595 N N   . LEU A 1 209 ? 0.855   11.540  1.665   1.00 15.00 ? 209 LEU A N   1 
ATOM   1596 C CA  . LEU A 1 209 ? -0.091  11.042  0.670   1.00 15.00 ? 209 LEU A CA  1 
ATOM   1597 C C   . LEU A 1 209 ? -0.705  9.735   1.119   1.00 15.00 ? 209 LEU A C   1 
ATOM   1598 O O   . LEU A 1 209 ? -0.650  8.739   0.398   1.00 15.00 ? 209 LEU A O   1 
ATOM   1599 C CB  . LEU A 1 209 ? 0.598   10.859  -0.699  1.00 15.00 ? 209 LEU A CB  1 
ATOM   1600 C CG  . LEU A 1 209 ? -0.286  10.821  -1.954  1.00 15.00 ? 209 LEU A CG  1 
ATOM   1601 C CD1 . LEU A 1 209 ? -0.906  12.182  -2.267  1.00 15.00 ? 209 LEU A CD1 1 
ATOM   1602 C CD2 . LEU A 1 209 ? 0.544   10.353  -3.142  1.00 15.00 ? 209 LEU A CD2 1 
ATOM   1603 N N   . ALA A 1 210 ? -1.253  9.713   2.329   1.00 15.00 ? 210 ALA A N   1 
ATOM   1604 C CA  . ALA A 1 210 ? -1.892  8.500   2.840   1.00 15.00 ? 210 ALA A CA  1 
ATOM   1605 C C   . ALA A 1 210 ? -3.415  8.515   2.549   1.00 15.00 ? 210 ALA A C   1 
ATOM   1606 O O   . ALA A 1 210 ? -4.032  9.583   2.496   1.00 15.00 ? 210 ALA A O   1 
ATOM   1607 C CB  . ALA A 1 210 ? -1.607  8.350   4.332   1.00 15.00 ? 210 ALA A CB  1 
ATOM   1608 N N   . SER A 1 211 ? -4.011  7.345   2.334   1.00 15.00 ? 211 SER A N   1 
ATOM   1609 C CA  . SER A 1 211 ? -5.457  7.248   2.072   1.00 15.00 ? 211 SER A CA  1 
ATOM   1610 C C   . SER A 1 211 ? -5.936  5.809   2.262   1.00 15.00 ? 211 SER A C   1 
ATOM   1611 O O   . SER A 1 211 ? -5.123  4.887   2.249   1.00 15.00 ? 211 SER A O   1 
ATOM   1612 C CB  . SER A 1 211 ? -5.813  7.767   0.656   1.00 15.00 ? 211 SER A CB  1 
ATOM   1613 O OG  . SER A 1 211 ? -5.084  7.085   -0.367  1.00 15.00 ? 211 SER A OG  1 
ATOM   1614 N N   . PHE A 1 212 ? -7.221  5.586   2.500   1.00 15.00 ? 212 PHE A N   1 
ATOM   1615 C CA  . PHE A 1 212 ? -7.669  4.192   2.644   1.00 15.00 ? 212 PHE A CA  1 
ATOM   1616 C C   . PHE A 1 212 ? -9.059  4.046   2.016   1.00 15.00 ? 212 PHE A C   1 
ATOM   1617 O O   . PHE A 1 212 ? -9.820  5.018   1.964   1.00 15.00 ? 212 PHE A O   1 
ATOM   1618 C CB  . PHE A 1 212 ? -7.647  3.777   4.101   1.00 15.00 ? 212 PHE A CB  1 
ATOM   1619 C CG  . PHE A 1 212 ? -8.484  4.640   5.000   1.00 15.00 ? 212 PHE A CG  1 
ATOM   1620 C CD1 . PHE A 1 212 ? -9.845  4.350   5.213   1.00 15.00 ? 212 PHE A CD1 1 
ATOM   1621 C CD2 . PHE A 1 212 ? -7.891  5.679   5.713   1.00 15.00 ? 212 PHE A CD2 1 
ATOM   1622 C CE1 . PHE A 1 212 ? -10.583 5.084   6.135   1.00 15.00 ? 212 PHE A CE1 1 
ATOM   1623 C CE2 . PHE A 1 212 ? -8.622  6.418   6.635   1.00 15.00 ? 212 PHE A CE2 1 
ATOM   1624 C CZ  . PHE A 1 212 ? -9.963  6.120   6.849   1.00 15.00 ? 212 PHE A CZ  1 
ATOM   1625 N N   . PRO A 1 213 ? -9.386  2.861   1.456   1.00 15.00 ? 213 PRO A N   1 
ATOM   1626 C CA  . PRO A 1 213 ? -10.713 2.767   0.847   1.00 15.00 ? 213 PRO A CA  1 
ATOM   1627 C C   . PRO A 1 213 ? -11.795 2.420   1.855   1.00 15.00 ? 213 PRO A C   1 
ATOM   1628 O O   . PRO A 1 213 ? -11.495 1.898   2.912   1.00 15.00 ? 213 PRO A O   1 
ATOM   1629 C CB  . PRO A 1 213 ? -10.512 1.637   -0.146  1.00 15.00 ? 213 PRO A CB  1 
ATOM   1630 C CG  . PRO A 1 213 ? -9.613  0.691   0.630   1.00 15.00 ? 213 PRO A CG  1 
ATOM   1631 C CD  . PRO A 1 213 ? -8.705  1.543   1.439   1.00 15.00 ? 213 PRO A CD  1 
ATOM   1632 N N   . LYS A 1 214 ? -13.042 2.777   1.574   1.00 15.00 ? 214 LYS A N   1 
ATOM   1633 C CA  . LYS A 1 214 ? -14.167 2.401   2.463   1.00 15.00 ? 214 LYS A CA  1 
ATOM   1634 C C   . LYS A 1 214 ? -14.743 1.108   1.860   1.00 15.00 ? 214 LYS A C   1 
ATOM   1635 O O   . LYS A 1 214 ? -14.851 1.038   0.649   1.00 15.00 ? 214 LYS A O   1 
ATOM   1636 C CB  . LYS A 1 214 ? -15.267 3.477   2.433   1.00 15.00 ? 214 LYS A CB  1 
ATOM   1637 C CG  . LYS A 1 214 ? -14.951 4.788   3.188   1.00 15.00 ? 214 LYS A CG  1 
ATOM   1638 C CD  . LYS A 1 214 ? -15.847 5.966   2.675   1.00 15.00 ? 214 LYS A CD  1 
ATOM   1639 C CE  . LYS A 1 214 ? -15.258 7.356   3.089   1.00 15.00 ? 214 LYS A CE  1 
ATOM   1640 N NZ  . LYS A 1 214 ? -15.885 8.573   2.450   1.00 15.00 ? 214 LYS A NZ  1 
ATOM   1641 N N   . MET A 1 215 ? -15.165 0.119   2.655   1.00 15.00 ? 215 MET A N   1 
ATOM   1642 C CA  . MET A 1 215 ? -15.700 -1.106  2.054   1.00 15.00 ? 215 MET A CA  1 
ATOM   1643 C C   . MET A 1 215 ? -16.927 -1.625  2.847   1.00 15.00 ? 215 MET A C   1 
ATOM   1644 O O   . MET A 1 215 ? -17.650 -2.514  2.338   1.00 15.00 ? 215 MET A O   1 
ATOM   1645 C CB  . MET A 1 215 ? -14.579 -2.155  1.926   1.00 15.00 ? 215 MET A CB  1 
ATOM   1646 C CG  . MET A 1 215 ? -14.873 -3.254  0.924   1.00 15.00 ? 215 MET A CG  1 
ATOM   1647 S SD  . MET A 1 215 ? -13.580 -4.500  0.898   1.00 15.00 ? 215 MET A SD  1 
ATOM   1648 C CE  . MET A 1 215 ? -12.643 -3.879  -0.433  1.00 15.00 ? 215 MET A CE  1 
ATOM   1649 O OXT . MET A 1 215 ? -17.202 -1.039  3.925   1.00 15.00 ? 215 MET A OXT 1 
HETATM 1650 C C1  . I10 B 2 .   ? -1.483  10.108  -11.852 1.00 15.00 ? 300 I10 A C1  1 
HETATM 1651 C C2  . I10 B 2 .   ? -0.184  9.938   -11.458 1.00 15.00 ? 300 I10 A C2  1 
HETATM 1652 C C3  . I10 B 2 .   ? 0.796   9.621   -12.290 1.00 15.00 ? 300 I10 A C3  1 
HETATM 1653 C C7  . I10 B 2 .   ? 2.187   9.405   -11.825 1.00 15.00 ? 300 I10 A C7  1 
HETATM 1654 C C8  . I10 B 2 .   ? 2.543   8.776   -10.616 1.00 15.00 ? 300 I10 A C8  1 
HETATM 1655 C C9  . I10 B 2 .   ? 3.899   8.461   -10.254 1.00 15.00 ? 300 I10 A C9  1 
HETATM 1656 C C10 . I10 B 2 .   ? 4.938   8.814   -11.175 1.00 15.00 ? 300 I10 A C10 1 
HETATM 1657 C C11 . I10 B 2 .   ? 4.577   9.459   -12.387 1.00 15.00 ? 300 I10 A C11 1 
HETATM 1658 C C12 . I10 B 2 .   ? 3.209   9.735   -12.675 1.00 15.00 ? 300 I10 A C12 1 
HETATM 1659 C C13 . I10 B 2 .   ? 4.120   7.577   -9.005  1.00 15.00 ? 300 I10 A C13 1 
HETATM 1660 C C14 . I10 B 2 .   ? 3.946   6.043   -9.415  1.00 15.00 ? 300 I10 A C14 1 
HETATM 1661 C C16 . I10 B 2 .   ? 3.113   7.919   -7.825  1.00 15.00 ? 300 I10 A C16 1 
HETATM 1662 C C20 . I10 B 2 .   ? 2.042   7.649   -5.447  1.00 15.00 ? 300 I10 A C20 1 
HETATM 1663 C C24 . I10 B 2 .   ? 4.460   7.458   -5.622  1.00 15.00 ? 300 I10 A C24 1 
HETATM 1664 N N29 . I10 B 2 .   ? 5.109   5.316   -9.600  1.00 15.00 ? 300 I10 A N29 1 
HETATM 1665 C C30 . I10 B 2 .   ? 5.188   3.875   -9.979  1.00 15.00 ? 300 I10 A C30 1 
HETATM 1666 C C31 . I10 B 2 .   ? 5.827   3.078   -8.827  1.00 15.00 ? 300 I10 A C31 1 
HETATM 1667 C C35 . I10 B 2 .   ? 7.150   3.678   -8.319  1.00 15.00 ? 300 I10 A C35 1 
HETATM 1668 C C4  . I10 B 2 .   ? 0.445   9.472   -13.598 1.00 15.00 ? 300 I10 A C4  1 
HETATM 1669 C C5  . I10 B 2 .   ? -0.859  9.636   -14.015 1.00 15.00 ? 300 I10 A C5  1 
HETATM 1670 C C6  . I10 B 2 .   ? -1.837  9.958   -13.136 1.00 15.00 ? 300 I10 A C6  1 
HETATM 1671 O O15 . I10 B 2 .   ? 2.827   5.586   -9.547  1.00 15.00 ? 300 I10 A O15 1 
HETATM 1672 C C17 . I10 B 2 .   ? 3.162   7.219   -6.420  1.00 15.00 ? 300 I10 A C17 1 
HETATM 1673 O O34 . I10 B 2 .   ? 6.072   1.764   -9.180  1.00 15.00 ? 300 I10 A O34 1 
HETATM 1674 N N36 . I10 B 2 .   ? 7.966   2.819   -7.476  1.00 15.00 ? 300 I10 A N36 1 
HETATM 1675 S S39 . I10 B 2 .   ? 9.574   2.266   -7.932  1.00 15.00 ? 300 I10 A S39 1 
HETATM 1676 O O40 . I10 B 2 .   ? 9.519   2.101   -9.379  1.00 15.00 ? 300 I10 A O40 1 
HETATM 1677 O O41 . I10 B 2 .   ? 9.842   1.135   -7.138  1.00 15.00 ? 300 I10 A O41 1 
HETATM 1678 C C42 . I10 B 2 .   ? 10.604  3.471   -7.515  1.00 15.00 ? 300 I10 A C42 1 
HETATM 1679 N N43 . I10 B 2 .   ? 11.200  3.420   -6.352  1.00 15.00 ? 300 I10 A N43 1 
HETATM 1680 C C44 . I10 B 2 .   ? 11.991  4.452   -5.974  1.00 15.00 ? 300 I10 A C44 1 
HETATM 1681 C C45 . I10 B 2 .   ? 12.181  5.575   -6.833  1.00 15.00 ? 300 I10 A C45 1 
HETATM 1682 C C46 . I10 B 2 .   ? 11.491  5.550   -8.090  1.00 15.00 ? 300 I10 A C46 1 
HETATM 1683 C C47 . I10 B 2 .   ? 10.690  4.454   -8.415  1.00 15.00 ? 300 I10 A C47 1 
HETATM 1684 H HN2 . I10 B 2 .   ? 5.982   5.734   -9.478  1.00 15.00 ? 300 I10 A HN2 1 
HETATM 1685 H HO3 . I10 B 2 .   ? 6.652   1.525   -9.895  1.00 15.00 ? 300 I10 A HO3 1 
HETATM 1686 H HN3 . I10 B 2 .   ? 7.547   2.656   -6.674  1.00 15.00 ? 300 I10 A HN3 1 
HETATM 1687 O O   . HOH C 3 .   ? 2.561   9.193   2.193   1.00 15.00 ? 316 HOH A O   1 
HETATM 1688 O O   . HOH C 3 .   ? 2.979   -2.616  -1.110  1.00 15.00 ? 317 HOH A O   1 
HETATM 1689 O O   . HOH C 3 .   ? 3.933   -1.298  -3.238  1.00 15.00 ? 318 HOH A O   1 
HETATM 1690 O O   . HOH C 3 .   ? 14.738  6.871   0.687   1.00 15.00 ? 319 HOH A O   1 
HETATM 1691 O O   . HOH C 3 .   ? -3.060  8.539   -4.037  1.00 15.00 ? 320 HOH A O   1 
HETATM 1692 O O   . HOH C 3 .   ? -2.862  8.296   -1.202  1.00 15.00 ? 321 HOH A O   1 
HETATM 1693 O O   . HOH C 3 .   ? -3.902  3.011   -15.548 1.00 15.00 ? 322 HOH A O   1 
HETATM 1694 O O   . HOH C 3 .   ? 8.668   9.874   10.872  1.00 15.00 ? 323 HOH A O   1 
HETATM 1695 O O   . HOH C 3 .   ? 3.113   7.878   19.925  1.00 15.00 ? 324 HOH A O   1 
HETATM 1696 O O   . HOH C 3 .   ? 2.632   8.101   15.357  1.00 15.00 ? 325 HOH A O   1 
HETATM 1697 O O   . HOH C 3 .   ? 12.373  6.777   7.570   1.00 15.00 ? 326 HOH A O   1 
HETATM 1698 O O   . HOH C 3 .   ? 9.321   6.795   7.863   1.00 15.00 ? 327 HOH A O   1 
HETATM 1699 O O   . HOH C 3 .   ? -13.589 -1.553  -15.908 1.00 15.00 ? 328 HOH A O   1 
HETATM 1700 O O   . HOH C 3 .   ? -20.211 1.246   -6.118  1.00 15.00 ? 329 HOH A O   1 
HETATM 1701 O O   . HOH C 3 .   ? 9.747   -6.190  -1.057  1.00 15.00 ? 330 HOH A O   1 
HETATM 1702 O O   . HOH C 3 .   ? 7.402   6.983   -9.462  1.00 15.00 ? 331 HOH A O   1 
HETATM 1703 O O   . HOH C 3 .   ? 9.238   9.887   -10.279 1.00 15.00 ? 332 HOH A O   1 
HETATM 1704 O O   . HOH C 3 .   ? 2.051   13.477  -6.157  1.00 15.00 ? 333 HOH A O   1 
HETATM 1705 O O   . HOH C 3 .   ? 8.734   2.470   -12.358 1.00 15.00 ? 334 HOH A O   1 
# 
